data_7BAG
#
_entry.id   7BAG
#
_cell.length_a   101.508
_cell.length_b   90.528
_cell.length_c   140.093
_cell.angle_alpha   90.000
_cell.angle_beta   108.840
_cell.angle_gamma   90.000
#
_symmetry.space_group_name_H-M   'P 1 21 1'
#
loop_
_entity.id
_entity.type
_entity.pdbx_description
1 polymer 'Complement C3'
2 polymer 'Complement C3'
3 polymer 'Compstatin CP40'
4 branched 2-acetamido-2-deoxy-beta-D-glucopyranose-(1-4)-2-acetamido-2-deoxy-beta-D-glucopyranose
5 non-polymer 'CALCIUM ION'
6 non-polymer DI(HYDROXYETHYL)ETHER
7 non-polymer ACETAMIDE
8 non-polymer 'AMINO GROUP'
9 water water
#
loop_
_entity_poly.entity_id
_entity_poly.type
_entity_poly.pdbx_seq_one_letter_code
_entity_poly.pdbx_strand_id
1 'polypeptide(L)'
;SPMYSIITPNILRLESEETMVLEAHDAQGDVPVTVTVHDFPGKKLVLSSEKTVLTPATNHMGNVTFTIPANREFKSEKGR
NKFVTVQATFGTQVVEKVVLVSLQSGYLFIQTDKTIYTPGSTVLYRIFTVNHKLLPVGRTVMVNIENPEGIPVKQDSLSS
QNQLGVLPLSWDIPELVNMGQWKIRAYYENSPQQVFSTEFEVKEYVLPSFEVIVEPTEKFYYIYNEKGLEVTITARFLYG
KKVEGTAFVIFGIQDGEQRISLPESLKRIPIEDGSGEVVLSRKVLLDGVQNPRAEDLVGKSLYVSATVILHSGSDMVQAE
RSGIPIVTSPYQIHFTKTPKYFKPGMPFDLMVFVTNPDGSPAYRVPVAVQGEDTVQSLTQGDGVAKLSINTHPSQKPLSI
TVRTKKQELSEAEQATRTMQALPYSTVGNSNNYLHLSVLRTELRPGETLNVNFLLRMDRAHEAKIRYYTYLIMNKGRLLK
AGRQVREPGQDLVVLPLSITTDFIPSFRLVAYYTLIGASGQREVVADSVWVDVKDSCVGSLVVKSGQSEDRQPVPGQQMT
LKIEGDHGARVVLVAVDKGVFVLNKKNKLTQSKIWDVVEKADIGCTPGSGKDYAGVFSDAGLTFTSSSGQQTAQRAELQC
PQPAA
;
A
2 'polypeptide(L)'
;SNLDEDIIAEENIVSRSEFPESWLWNVEDLKEPPKNGISTKLMNIFLKDSITTWEILAVSMSDKKGICVADPFEVTVMQD
FFIDLRLPYSVVRNEQVEIRAVLYNYRQNQELKVRVELLHNPAFCSLATTKRRHQQTVTIPPKSSLSVPYVIVPLKTGLQ
EVEVKAAVYHHFISDGVRKSLKVVPEGIRMNKTVAVRTLDPERLGREGVQKEDIPPADLSDQVPDTESETRILLQGTPVA
QMTEDAVDAERLKHLIVTPSGCGEQNMIGMTPTVIAVHYLDETEQWEKFGLEKRQGALELIKKGYTQQLAFRQPSSAFAA
FVKRAPSTWLTAYVVKVFSLAVNLIAIDSQVLCGAVKWLILEKQKPDGVFQEDAPVIHQEMIGGLRNNNEKDMALTAFVL
ISLQEAKDICEEQVNSLPGSITKAGDFLEANYMNLQRSYTVAIAGYALAQMGRLKGPLLNKFLTTAKDKNRWEDPGKQLY
NVEATSYALLALLQLKDFDFVPPVVRWLNEQRYYGGGYGSTQATFMVFQALAQYQKDAPDHQELNLDVSLQLPSRSSKIT
HRIHWESASLLRSEETKENEGFTVTAEGKGQGTLSVVTMYHAKAKDQLTCNKFDLKVTIKPAPETEKRPQDAKNTMILEI
CTRYRGDQDATMSILDISMMTGFAPDTDDLKQLANGVDRYISKYELDKAFSDRNTLIIYLDKVSHSEDDCLAFKVHQYFN
VELIQPGAVKVYAYYNLEESCTRFYHPEKEDGKLNKLCRDELCRCAEENCFIQKSDDKVTLEERLDKACEPGVDYVYKTR
LVKVQLSNDFDEYIMAIEQTIKSGSDEVQVGQQRTFISPIKCREALKLEEKKHYLMWGLSSDFWGEKPNLSYIIGKDTWV
EHWPEEDECQDEENQKQCQDLGAFTESMVVFGCPN
;
B
3 'polypeptide(L)' (DTY)ICV(EXL)QDW(SAR)AHRC(IML) C
#
loop_
_chem_comp.id
_chem_comp.type
_chem_comp.name
_chem_comp.formula
ACM non-polymer ACETAMIDE 'C2 H5 N O'
CA non-polymer 'CALCIUM ION' 'Ca 2'
NAG D-saccharide, beta linking 2-acetamido-2-deoxy-beta-D-glucopyranose 'C8 H15 N O6'
NH2 non-polymer 'AMINO GROUP' 'H2 N'
PEG non-polymer DI(HYDROXYETHYL)ETHER 'C4 H10 O3'
#
# COMPACT_ATOMS: atom_id res chain seq x y z
N SER A 1 -14.06 -31.49 -47.11
CA SER A 1 -14.25 -30.06 -46.94
C SER A 1 -13.28 -29.53 -45.88
N PRO A 2 -12.57 -28.44 -46.20
CA PRO A 2 -11.55 -27.93 -45.28
C PRO A 2 -12.17 -27.36 -44.01
N MET A 3 -11.53 -27.66 -42.88
CA MET A 3 -11.89 -27.06 -41.60
C MET A 3 -10.85 -26.00 -41.25
N TYR A 4 -11.29 -24.77 -41.14
CA TYR A 4 -10.45 -23.68 -40.67
C TYR A 4 -10.68 -23.47 -39.18
N SER A 5 -9.61 -23.12 -38.47
CA SER A 5 -9.70 -22.92 -37.03
C SER A 5 -8.80 -21.77 -36.61
N ILE A 6 -9.24 -21.07 -35.55
CA ILE A 6 -8.47 -20.00 -34.95
C ILE A 6 -8.37 -20.27 -33.46
N ILE A 7 -7.22 -19.95 -32.88
CA ILE A 7 -6.97 -20.12 -31.46
C ILE A 7 -6.40 -18.82 -30.91
N THR A 8 -7.01 -18.31 -29.84
CA THR A 8 -6.60 -17.09 -29.17
C THR A 8 -6.59 -17.35 -27.67
N PRO A 9 -5.92 -16.49 -26.90
CA PRO A 9 -6.18 -16.49 -25.45
C PRO A 9 -7.65 -16.20 -25.21
N ASN A 10 -8.21 -16.81 -24.16
CA ASN A 10 -9.63 -16.56 -23.91
C ASN A 10 -9.84 -15.38 -22.98
N ILE A 11 -8.78 -14.65 -22.66
CA ILE A 11 -8.87 -13.27 -22.17
C ILE A 11 -7.88 -12.46 -22.98
N LEU A 12 -8.38 -11.46 -23.70
CA LEU A 12 -7.53 -10.58 -24.50
C LEU A 12 -7.28 -9.29 -23.71
N ARG A 13 -6.03 -8.82 -23.75
CA ARG A 13 -5.64 -7.61 -23.05
C ARG A 13 -5.43 -6.49 -24.06
N LEU A 14 -5.89 -5.29 -23.70
CA LEU A 14 -5.69 -4.13 -24.55
C LEU A 14 -4.27 -3.61 -24.42
N GLU A 15 -3.79 -2.98 -25.49
CA GLU A 15 -2.45 -2.38 -25.53
C GLU A 15 -1.35 -3.40 -25.25
N SER A 16 -1.56 -4.65 -25.65
CA SER A 16 -0.54 -5.66 -25.50
C SER A 16 -0.60 -6.62 -26.69
N GLU A 17 0.58 -7.07 -27.10
CA GLU A 17 0.70 -7.95 -28.25
C GLU A 17 0.00 -9.28 -27.98
N GLU A 18 -0.94 -9.64 -28.86
CA GLU A 18 -1.65 -10.91 -28.79
C GLU A 18 -1.47 -11.64 -30.11
N THR A 19 -1.30 -12.95 -30.04
CA THR A 19 -1.12 -13.77 -31.22
C THR A 19 -2.33 -14.68 -31.41
N MET A 20 -2.79 -14.76 -32.65
CA MET A 20 -3.85 -15.66 -33.04
C MET A 20 -3.28 -16.71 -33.98
N VAL A 21 -3.45 -17.98 -33.62
CA VAL A 21 -2.92 -19.08 -34.41
C VAL A 21 -3.99 -19.53 -35.39
N LEU A 22 -3.62 -19.63 -36.66
CA LEU A 22 -4.55 -19.94 -37.74
C LEU A 22 -4.11 -21.22 -38.43
N GLU A 23 -5.07 -22.12 -38.66
CA GLU A 23 -4.79 -23.38 -39.33
C GLU A 23 -5.89 -23.68 -40.34
N ALA A 24 -5.47 -24.15 -41.50
CA ALA A 24 -6.38 -24.69 -42.51
C ALA A 24 -6.08 -26.19 -42.60
N HIS A 25 -6.93 -26.99 -41.97
CA HIS A 25 -6.75 -28.44 -42.00
C HIS A 25 -7.38 -29.02 -43.25
N ASP A 26 -6.65 -29.94 -43.88
CA ASP A 26 -7.12 -30.63 -45.08
C ASP A 26 -7.52 -29.66 -46.19
N ALA A 27 -6.79 -28.56 -46.29
CA ALA A 27 -6.94 -27.62 -47.39
C ALA A 27 -5.75 -27.74 -48.33
N GLN A 28 -5.92 -27.26 -49.56
CA GLN A 28 -4.85 -27.28 -50.55
C GLN A 28 -4.61 -25.86 -51.06
N GLY A 29 -3.43 -25.66 -51.64
CA GLY A 29 -3.08 -24.36 -52.17
C GLY A 29 -2.97 -23.30 -51.08
N ASP A 30 -2.83 -22.07 -51.53
CA ASP A 30 -2.67 -20.93 -50.63
C ASP A 30 -4.05 -20.50 -50.12
N VAL A 31 -4.14 -20.26 -48.82
CA VAL A 31 -5.37 -19.81 -48.18
C VAL A 31 -5.13 -18.41 -47.62
N PRO A 32 -5.69 -17.36 -48.21
CA PRO A 32 -5.59 -16.04 -47.60
C PRO A 32 -6.49 -15.92 -46.39
N VAL A 33 -5.99 -15.25 -45.35
CA VAL A 33 -6.72 -15.07 -44.10
C VAL A 33 -6.69 -13.60 -43.72
N THR A 34 -7.86 -13.02 -43.51
CA THR A 34 -8.00 -11.68 -42.95
C THR A 34 -8.56 -11.81 -41.54
N VAL A 35 -7.86 -11.24 -40.57
CA VAL A 35 -8.32 -11.25 -39.19
C VAL A 35 -8.63 -9.81 -38.78
N THR A 36 -9.82 -9.62 -38.23
CA THR A 36 -10.24 -8.32 -37.73
C THR A 36 -10.81 -8.48 -36.33
N VAL A 37 -10.76 -7.39 -35.57
CA VAL A 37 -11.30 -7.35 -34.22
C VAL A 37 -12.28 -6.18 -34.15
N HIS A 38 -13.52 -6.48 -33.74
CA HIS A 38 -14.56 -5.48 -33.57
C HIS A 38 -15.03 -5.46 -32.13
N ASP A 39 -15.59 -4.33 -31.73
CA ASP A 39 -16.26 -4.25 -30.44
C ASP A 39 -17.57 -5.04 -30.49
N PHE A 40 -17.90 -5.67 -29.37
CA PHE A 40 -19.12 -6.47 -29.28
C PHE A 40 -20.17 -5.74 -28.44
N PRO A 41 -21.44 -5.73 -28.86
CA PRO A 41 -21.97 -6.36 -30.06
C PRO A 41 -22.10 -5.42 -31.26
N GLY A 42 -21.76 -4.14 -31.07
CA GLY A 42 -22.03 -3.15 -32.10
C GLY A 42 -21.29 -3.43 -33.41
N LYS A 43 -20.02 -3.84 -33.30
CA LYS A 43 -19.18 -4.12 -34.47
C LYS A 43 -19.07 -2.90 -35.40
N LYS A 44 -19.16 -1.71 -34.83
CA LYS A 44 -19.05 -0.49 -35.63
C LYS A 44 -17.60 -0.20 -36.01
N LEU A 45 -16.74 -0.01 -35.00
CA LEU A 45 -15.35 0.32 -35.25
C LEU A 45 -14.51 -0.92 -35.53
N VAL A 46 -13.49 -0.76 -36.36
CA VAL A 46 -12.45 -1.76 -36.59
C VAL A 46 -11.32 -1.48 -35.61
N LEU A 47 -11.14 -2.39 -34.64
CA LEU A 47 -10.11 -2.21 -33.63
C LEU A 47 -8.74 -2.68 -34.12
N SER A 48 -8.70 -3.75 -34.91
CA SER A 48 -7.47 -4.26 -35.48
C SER A 48 -7.78 -4.97 -36.79
N SER A 49 -6.81 -4.94 -37.71
CA SER A 49 -6.94 -5.64 -38.99
C SER A 49 -5.56 -6.16 -39.38
N GLU A 50 -5.45 -7.47 -39.52
CA GLU A 50 -4.21 -8.11 -39.95
C GLU A 50 -4.55 -9.17 -40.98
N LYS A 51 -3.56 -9.48 -41.82
CA LYS A 51 -3.73 -10.49 -42.86
C LYS A 51 -2.49 -11.34 -42.95
N THR A 52 -2.67 -12.55 -43.49
CA THR A 52 -1.58 -13.49 -43.73
C THR A 52 -2.05 -14.44 -44.82
N VAL A 53 -1.17 -15.35 -45.22
CA VAL A 53 -1.53 -16.42 -46.16
C VAL A 53 -1.02 -17.74 -45.61
N LEU A 54 -1.89 -18.74 -45.57
CA LEU A 54 -1.52 -20.09 -45.18
C LEU A 54 -1.16 -20.88 -46.44
N THR A 55 0.07 -21.40 -46.48
CA THR A 55 0.61 -22.07 -47.65
C THR A 55 0.92 -23.53 -47.34
N PRO A 56 1.01 -24.38 -48.37
CA PRO A 56 1.47 -25.75 -48.13
C PRO A 56 2.85 -25.82 -47.53
N ALA A 57 3.70 -24.82 -47.78
CA ALA A 57 5.06 -24.82 -47.26
C ALA A 57 5.07 -24.79 -45.74
N THR A 58 4.28 -23.91 -45.14
CA THR A 58 4.13 -23.83 -43.70
C THR A 58 3.04 -24.77 -43.17
N ASN A 59 2.66 -25.77 -43.96
CA ASN A 59 1.69 -26.80 -43.57
C ASN A 59 0.33 -26.20 -43.21
N HIS A 60 -0.03 -25.10 -43.88
CA HIS A 60 -1.32 -24.43 -43.68
C HIS A 60 -1.52 -24.02 -42.22
N MET A 61 -0.44 -23.69 -41.53
CA MET A 61 -0.48 -23.17 -40.17
C MET A 61 0.30 -21.88 -40.13
N GLY A 62 -0.31 -20.85 -39.57
CA GLY A 62 0.37 -19.58 -39.40
C GLY A 62 -0.23 -18.82 -38.26
N ASN A 63 0.02 -17.51 -38.24
CA ASN A 63 -0.56 -16.68 -37.21
C ASN A 63 -0.63 -15.24 -37.70
N VAL A 64 -1.41 -14.44 -36.97
CA VAL A 64 -1.33 -12.98 -37.03
C VAL A 64 -1.00 -12.49 -35.63
N THR A 65 -0.36 -11.33 -35.57
CA THR A 65 -0.15 -10.64 -34.31
C THR A 65 -0.69 -9.22 -34.47
N PHE A 66 -1.18 -8.66 -33.37
CA PHE A 66 -1.86 -7.37 -33.41
C PHE A 66 -1.99 -6.86 -31.97
N THR A 67 -2.49 -5.63 -31.85
CA THR A 67 -2.60 -4.97 -30.56
C THR A 67 -3.88 -4.16 -30.54
N ILE A 68 -4.86 -4.60 -29.76
CA ILE A 68 -6.10 -3.85 -29.57
C ILE A 68 -5.78 -2.58 -28.80
N PRO A 69 -6.12 -1.41 -29.31
CA PRO A 69 -5.77 -0.16 -28.62
C PRO A 69 -6.76 0.18 -27.53
N ALA A 70 -6.35 1.11 -26.68
CA ALA A 70 -7.23 1.65 -25.64
C ALA A 70 -8.25 2.58 -26.29
N ASN A 71 -9.53 2.28 -26.10
CA ASN A 71 -10.61 2.98 -26.80
C ASN A 71 -11.53 3.65 -25.80
N ARG A 72 -12.51 4.39 -26.33
CA ARG A 72 -13.53 5.01 -25.49
C ARG A 72 -14.65 4.04 -25.13
N GLU A 73 -14.87 3.01 -25.97
CA GLU A 73 -15.94 2.07 -25.70
C GLU A 73 -15.66 1.23 -24.45
N PHE A 74 -14.39 0.93 -24.19
CA PHE A 74 -14.00 0.25 -22.96
C PHE A 74 -13.94 1.26 -21.82
N LYS A 75 -13.58 0.77 -20.63
CA LYS A 75 -13.62 1.54 -19.38
C LYS A 75 -14.81 2.49 -19.30
N LYS A 78 -20.54 0.00 -15.98
CA LYS A 78 -20.40 0.09 -14.54
C LYS A 78 -19.66 -1.13 -13.97
N GLY A 79 -18.46 -1.37 -14.50
CA GLY A 79 -17.76 -2.58 -14.13
C GLY A 79 -18.32 -3.82 -14.77
N ARG A 80 -19.06 -3.68 -15.87
CA ARG A 80 -19.55 -4.83 -16.62
C ARG A 80 -18.44 -5.36 -17.52
N ASN A 81 -18.41 -6.69 -17.68
CA ASN A 81 -17.41 -7.31 -18.54
C ASN A 81 -17.58 -6.82 -19.99
N LYS A 82 -16.46 -6.52 -20.63
CA LYS A 82 -16.44 -6.09 -22.02
C LYS A 82 -15.96 -7.22 -22.91
N PHE A 83 -16.39 -7.20 -24.17
CA PHE A 83 -16.08 -8.26 -25.11
C PHE A 83 -15.69 -7.67 -26.46
N VAL A 84 -14.87 -8.41 -27.20
CA VAL A 84 -14.58 -8.11 -28.59
C VAL A 84 -14.98 -9.31 -29.43
N THR A 85 -15.35 -9.05 -30.69
CA THR A 85 -15.63 -10.10 -31.66
C THR A 85 -14.38 -10.28 -32.52
N VAL A 86 -13.76 -11.44 -32.42
CA VAL A 86 -12.64 -11.80 -33.27
C VAL A 86 -13.18 -12.60 -34.44
N GLN A 87 -12.82 -12.17 -35.66
CA GLN A 87 -13.43 -12.72 -36.86
C GLN A 87 -12.34 -12.95 -37.91
N ALA A 88 -12.07 -14.21 -38.21
CA ALA A 88 -11.08 -14.59 -39.20
C ALA A 88 -11.78 -15.09 -40.46
N THR A 89 -11.36 -14.58 -41.61
CA THR A 89 -11.96 -14.93 -42.89
C THR A 89 -10.93 -15.71 -43.71
N PHE A 90 -11.18 -17.00 -43.89
CA PHE A 90 -10.31 -17.89 -44.67
C PHE A 90 -10.88 -17.95 -46.08
N GLY A 91 -10.23 -17.24 -47.00
CA GLY A 91 -10.81 -17.07 -48.31
C GLY A 91 -12.12 -16.31 -48.20
N THR A 92 -13.25 -17.02 -48.23
CA THR A 92 -14.55 -16.42 -48.01
C THR A 92 -15.27 -16.94 -46.77
N GLN A 93 -14.73 -17.93 -46.08
CA GLN A 93 -15.40 -18.55 -44.94
C GLN A 93 -15.05 -17.78 -43.67
N VAL A 94 -16.08 -17.28 -42.98
CA VAL A 94 -15.87 -16.51 -41.75
C VAL A 94 -15.96 -17.44 -40.55
N VAL A 95 -15.00 -17.30 -39.65
CA VAL A 95 -14.97 -18.02 -38.38
C VAL A 95 -14.92 -16.97 -37.28
N GLU A 96 -15.94 -16.92 -36.44
CA GLU A 96 -16.16 -15.84 -35.49
C GLU A 96 -16.11 -16.37 -34.06
N LYS A 97 -15.48 -15.59 -33.17
CA LYS A 97 -15.45 -15.94 -31.76
C LYS A 97 -15.51 -14.66 -30.93
N VAL A 98 -16.42 -14.61 -29.98
CA VAL A 98 -16.53 -13.49 -29.05
C VAL A 98 -15.67 -13.77 -27.84
N VAL A 99 -14.77 -12.85 -27.51
CA VAL A 99 -13.71 -13.10 -26.54
C VAL A 99 -13.77 -12.03 -25.44
N LEU A 100 -13.60 -12.48 -24.20
CA LEU A 100 -13.57 -11.59 -23.05
C LEU A 100 -12.31 -10.72 -23.09
N VAL A 101 -12.45 -9.48 -22.64
CA VAL A 101 -11.37 -8.51 -22.65
C VAL A 101 -11.04 -8.11 -21.23
N SER A 102 -9.75 -8.02 -20.91
CA SER A 102 -9.28 -7.55 -19.63
C SER A 102 -8.82 -6.10 -19.78
N LEU A 103 -9.31 -5.23 -18.90
CA LEU A 103 -8.92 -3.83 -18.97
C LEU A 103 -7.49 -3.58 -18.50
N GLN A 104 -6.91 -4.49 -17.73
CA GLN A 104 -5.60 -4.21 -17.14
C GLN A 104 -4.49 -4.47 -18.16
N SER A 105 -3.53 -3.55 -18.19
CA SER A 105 -2.68 -3.33 -19.33
C SER A 105 -1.20 -3.58 -19.05
N GLY A 106 -0.85 -4.02 -17.85
CA GLY A 106 0.55 -4.21 -17.51
C GLY A 106 0.70 -4.36 -16.01
N TYR A 107 1.93 -4.21 -15.54
CA TYR A 107 2.22 -4.25 -14.11
C TYR A 107 2.92 -2.97 -13.68
N LEU A 108 2.63 -2.55 -12.46
CA LEU A 108 3.38 -1.51 -11.77
C LEU A 108 3.98 -2.10 -10.51
N PHE A 109 5.24 -1.75 -10.24
CA PHE A 109 5.91 -2.17 -9.02
C PHE A 109 6.45 -0.93 -8.33
N ILE A 110 6.25 -0.85 -7.02
CA ILE A 110 6.53 0.35 -6.25
C ILE A 110 7.59 0.02 -5.20
N GLN A 111 8.71 0.72 -5.25
CA GLN A 111 9.78 0.58 -4.28
C GLN A 111 9.90 1.85 -3.46
N THR A 112 9.86 1.72 -2.14
CA THR A 112 10.21 2.81 -1.25
C THR A 112 11.62 2.59 -0.72
N ASP A 113 12.30 3.69 -0.37
CA ASP A 113 13.69 3.54 0.07
C ASP A 113 13.75 2.80 1.41
N LYS A 114 12.75 2.95 2.26
CA LYS A 114 12.73 2.30 3.56
C LYS A 114 11.35 1.70 3.82
N THR A 115 11.28 0.89 4.88
CA THR A 115 10.04 0.26 5.30
C THR A 115 9.27 1.10 6.33
N ILE A 116 9.93 2.04 6.98
CA ILE A 116 9.35 2.78 8.09
C ILE A 116 10.02 4.16 8.13
N TYR A 117 9.26 5.16 8.57
CA TYR A 117 9.73 6.55 8.54
C TYR A 117 9.23 7.30 9.77
N THR A 118 10.00 8.31 10.18
CA THR A 118 9.54 9.23 11.21
C THR A 118 8.84 10.43 10.59
N PRO A 119 7.96 11.10 11.33
CA PRO A 119 7.49 12.41 10.90
C PRO A 119 8.67 13.33 10.64
N GLY A 120 8.55 14.15 9.60
CA GLY A 120 9.59 15.09 9.25
C GLY A 120 10.67 14.55 8.35
N SER A 121 10.52 13.35 7.81
CA SER A 121 11.49 12.78 6.87
C SER A 121 10.84 12.63 5.50
N THR A 122 11.65 12.22 4.53
CA THR A 122 11.24 12.15 3.13
C THR A 122 11.14 10.70 2.68
N VAL A 123 10.05 10.36 2.00
CA VAL A 123 9.88 9.05 1.39
C VAL A 123 10.38 9.13 -0.04
N LEU A 124 11.43 8.38 -0.35
CA LEU A 124 11.88 8.22 -1.72
C LEU A 124 11.25 6.96 -2.29
N TYR A 125 10.66 7.06 -3.48
CA TYR A 125 10.05 5.88 -4.07
C TYR A 125 10.14 5.94 -5.59
N ARG A 126 10.07 4.75 -6.19
CA ARG A 126 10.11 4.58 -7.63
C ARG A 126 8.96 3.69 -8.07
N ILE A 127 8.43 3.98 -9.25
CA ILE A 127 7.40 3.15 -9.89
C ILE A 127 8.02 2.58 -11.16
N PHE A 128 8.03 1.26 -11.26
CA PHE A 128 8.52 0.57 -12.43
C PHE A 128 7.32 0.22 -13.32
N THR A 129 7.35 0.72 -14.56
CA THR A 129 6.22 0.60 -15.48
C THR A 129 6.58 -0.44 -16.55
N VAL A 130 5.96 -1.62 -16.46
CA VAL A 130 6.22 -2.71 -17.38
C VAL A 130 4.91 -3.20 -17.99
N ASN A 131 5.03 -3.82 -19.16
CA ASN A 131 3.89 -4.45 -19.81
C ASN A 131 3.77 -5.90 -19.30
N HIS A 132 2.94 -6.70 -19.97
CA HIS A 132 2.69 -8.06 -19.49
C HIS A 132 3.88 -8.98 -19.71
N LYS A 133 4.78 -8.65 -20.64
CA LYS A 133 6.03 -9.39 -20.80
C LYS A 133 7.12 -8.89 -19.85
N LEU A 134 6.76 -8.05 -18.88
CA LEU A 134 7.68 -7.44 -17.91
C LEU A 134 8.69 -6.50 -18.54
N LEU A 135 8.45 -6.06 -19.77
CA LEU A 135 9.38 -5.15 -20.42
C LEU A 135 8.97 -3.71 -20.18
N PRO A 136 9.91 -2.77 -20.11
CA PRO A 136 9.56 -1.38 -19.79
C PRO A 136 8.74 -0.75 -20.90
N VAL A 137 7.72 0.01 -20.49
CA VAL A 137 6.87 0.76 -21.41
C VAL A 137 6.81 2.20 -20.91
N GLY A 138 6.47 3.11 -21.83
CA GLY A 138 6.24 4.49 -21.48
C GLY A 138 4.78 4.85 -21.56
N ARG A 139 4.13 4.99 -20.41
CA ARG A 139 2.70 5.24 -20.35
C ARG A 139 2.41 6.23 -19.21
N THR A 140 1.14 6.60 -19.07
CA THR A 140 0.72 7.57 -18.07
C THR A 140 0.16 6.85 -16.84
N VAL A 141 0.67 7.22 -15.67
CA VAL A 141 0.30 6.58 -14.41
C VAL A 141 -0.20 7.64 -13.44
N MET A 142 -1.24 7.30 -12.68
CA MET A 142 -1.72 8.12 -11.59
C MET A 142 -1.19 7.54 -10.28
N VAL A 143 -0.64 8.40 -9.42
CA VAL A 143 0.00 7.96 -8.18
C VAL A 143 -0.69 8.67 -7.02
N ASN A 144 -1.05 7.89 -6.00
CA ASN A 144 -1.71 8.41 -4.81
C ASN A 144 -0.94 8.02 -3.57
N ILE A 145 -1.00 8.88 -2.56
CA ILE A 145 -0.50 8.58 -1.23
C ILE A 145 -1.67 8.68 -0.28
N GLU A 146 -1.96 7.58 0.42
CA GLU A 146 -3.14 7.47 1.27
C GLU A 146 -2.73 7.38 2.73
N ASN A 147 -3.40 8.17 3.57
CA ASN A 147 -3.20 8.13 5.01
C ASN A 147 -3.80 6.83 5.56
N PRO A 148 -3.55 6.51 6.83
CA PRO A 148 -4.12 5.28 7.40
C PRO A 148 -5.63 5.17 7.27
N GLU A 149 -6.35 6.29 7.21
CA GLU A 149 -7.79 6.25 7.01
C GLU A 149 -8.18 5.95 5.58
N GLY A 150 -7.22 5.77 4.68
CA GLY A 150 -7.52 5.42 3.31
C GLY A 150 -7.96 6.58 2.44
N ILE A 151 -7.62 7.81 2.81
CA ILE A 151 -8.00 9.00 2.05
C ILE A 151 -6.75 9.55 1.38
N PRO A 152 -6.77 9.80 0.06
CA PRO A 152 -5.56 10.28 -0.62
C PRO A 152 -5.20 11.70 -0.20
N VAL A 153 -3.98 11.86 0.27
CA VAL A 153 -3.48 13.18 0.63
C VAL A 153 -2.78 13.86 -0.55
N LYS A 154 -2.23 13.09 -1.49
CA LYS A 154 -1.46 13.64 -2.59
C LYS A 154 -1.69 12.81 -3.85
N GLN A 155 -1.96 13.48 -4.96
CA GLN A 155 -2.19 12.84 -6.25
C GLN A 155 -1.22 13.41 -7.28
N ASP A 156 -0.67 12.53 -8.12
CA ASP A 156 0.24 12.92 -9.18
C ASP A 156 -0.13 12.19 -10.46
N SER A 157 0.21 12.79 -11.59
CA SER A 157 -0.02 12.20 -12.91
C SER A 157 1.25 12.36 -13.72
N LEU A 158 1.88 11.24 -14.08
CA LEU A 158 3.17 11.25 -14.74
C LEU A 158 3.20 10.25 -15.88
N SER A 159 3.95 10.60 -16.92
CA SER A 159 4.27 9.69 -18.01
C SER A 159 5.69 9.17 -17.83
N SER A 160 5.90 7.89 -18.13
CA SER A 160 7.22 7.28 -18.10
C SER A 160 7.84 7.18 -19.49
N GLN A 161 7.37 7.98 -20.44
CA GLN A 161 8.01 8.02 -21.75
C GLN A 161 9.45 8.47 -21.62
N ASN A 162 10.36 7.76 -22.30
CA ASN A 162 11.79 8.06 -22.30
C ASN A 162 12.40 7.97 -20.90
N GLN A 163 11.82 7.14 -20.04
CA GLN A 163 12.31 6.97 -18.67
C GLN A 163 12.85 5.57 -18.39
N LEU A 164 12.87 4.69 -19.40
CA LEU A 164 13.22 3.28 -19.22
C LEU A 164 12.41 2.64 -18.10
N GLY A 165 11.13 2.99 -18.03
CA GLY A 165 10.23 2.36 -17.08
C GLY A 165 10.48 2.66 -15.62
N VAL A 166 11.24 3.71 -15.30
CA VAL A 166 11.56 4.08 -13.93
C VAL A 166 11.08 5.50 -13.68
N LEU A 167 10.16 5.65 -12.72
CA LEU A 167 9.62 6.97 -12.37
C LEU A 167 10.05 7.33 -10.95
N PRO A 168 11.02 8.22 -10.78
CA PRO A 168 11.50 8.56 -9.43
C PRO A 168 10.59 9.61 -8.82
N LEU A 169 10.17 9.39 -7.58
CA LEU A 169 9.30 10.34 -6.90
C LEU A 169 9.73 10.48 -5.45
N SER A 170 9.08 11.40 -4.73
CA SER A 170 9.32 11.58 -3.32
C SER A 170 8.14 12.30 -2.69
N TRP A 171 8.05 12.20 -1.37
CA TRP A 171 7.01 12.89 -0.61
C TRP A 171 7.53 13.22 0.78
N ASP A 172 7.34 14.47 1.19
CA ASP A 172 7.78 14.92 2.51
C ASP A 172 6.69 14.63 3.53
N ILE A 173 7.02 13.85 4.55
CA ILE A 173 6.10 13.56 5.65
C ILE A 173 6.09 14.76 6.58
N PRO A 174 4.94 15.40 6.80
CA PRO A 174 4.91 16.55 7.72
C PRO A 174 5.23 16.12 9.14
N GLU A 175 5.63 17.10 9.94
CA GLU A 175 5.94 16.81 11.34
C GLU A 175 4.68 16.46 12.12
N LEU A 176 3.54 17.08 11.79
CA LEU A 176 2.28 16.74 12.46
C LEU A 176 1.54 15.82 11.49
N VAL A 177 1.50 14.53 11.80
CA VAL A 177 0.96 13.54 10.89
C VAL A 177 0.39 12.40 11.73
N ASN A 178 -0.53 11.66 11.13
CA ASN A 178 -1.12 10.50 11.79
C ASN A 178 -0.19 9.30 11.66
N MET A 179 0.02 8.61 12.77
CA MET A 179 0.88 7.45 12.83
C MET A 179 0.20 6.26 12.15
N GLY A 180 1.01 5.32 11.66
CA GLY A 180 0.43 4.09 11.16
C GLY A 180 0.80 3.69 9.74
N GLN A 181 -0.03 2.87 9.12
CA GLN A 181 0.26 2.30 7.81
C GLN A 181 -0.20 3.27 6.72
N TRP A 182 0.76 3.84 6.02
CA TRP A 182 0.49 4.66 4.86
C TRP A 182 0.60 3.82 3.59
N LYS A 183 0.01 4.31 2.51
CA LYS A 183 -0.07 3.55 1.27
C LYS A 183 0.29 4.43 0.08
N ILE A 184 1.07 3.86 -0.85
CA ILE A 184 1.27 4.43 -2.18
C ILE A 184 0.45 3.58 -3.15
N ARG A 185 -0.47 4.22 -3.85
CA ARG A 185 -1.33 3.54 -4.82
C ARG A 185 -1.06 4.11 -6.21
N ALA A 186 -0.89 3.23 -7.19
CA ALA A 186 -0.62 3.64 -8.55
C ALA A 186 -1.45 2.80 -9.51
N TYR A 187 -1.83 3.42 -10.63
CA TYR A 187 -2.55 2.70 -11.67
C TYR A 187 -2.30 3.40 -13.01
N TYR A 188 -2.34 2.61 -14.07
CA TYR A 188 -2.22 3.16 -15.42
C TYR A 188 -3.46 3.98 -15.76
N GLU A 189 -3.25 5.07 -16.50
CA GLU A 189 -4.35 5.97 -16.83
C GLU A 189 -5.47 5.25 -17.58
N ASN A 190 -5.12 4.28 -18.42
CA ASN A 190 -6.09 3.59 -19.24
C ASN A 190 -6.72 2.39 -18.53
N SER A 191 -6.19 1.99 -17.36
CA SER A 191 -6.67 0.82 -16.63
C SER A 191 -6.95 1.18 -15.18
N PRO A 192 -7.94 2.04 -14.92
CA PRO A 192 -8.17 2.49 -13.53
C PRO A 192 -8.66 1.39 -12.60
N GLN A 193 -9.18 0.28 -13.13
CA GLN A 193 -9.66 -0.80 -12.28
C GLN A 193 -8.52 -1.50 -11.56
N GLN A 194 -7.36 -1.63 -12.22
CA GLN A 194 -6.17 -2.29 -11.67
C GLN A 194 -5.37 -1.29 -10.84
N VAL A 195 -5.37 -1.43 -9.52
CA VAL A 195 -4.61 -0.55 -8.65
C VAL A 195 -3.46 -1.35 -8.01
N PHE A 196 -2.24 -0.85 -8.17
CA PHE A 196 -1.06 -1.43 -7.54
C PHE A 196 -0.67 -0.62 -6.31
N SER A 197 -0.19 -1.31 -5.28
CA SER A 197 -0.03 -0.69 -3.97
C SER A 197 1.23 -1.17 -3.27
N THR A 198 1.74 -0.32 -2.38
CA THR A 198 2.72 -0.71 -1.38
C THR A 198 2.46 0.11 -0.13
N GLU A 199 2.87 -0.42 1.01
CA GLU A 199 2.65 0.22 2.29
C GLU A 199 3.98 0.63 2.91
N PHE A 200 3.94 1.70 3.71
CA PHE A 200 5.06 2.08 4.55
C PHE A 200 4.52 2.61 5.87
N GLU A 201 5.28 2.37 6.93
CA GLU A 201 4.87 2.74 8.27
C GLU A 201 5.44 4.10 8.65
N VAL A 202 4.63 4.91 9.32
CA VAL A 202 5.05 6.18 9.87
C VAL A 202 4.97 6.07 11.39
N LYS A 203 6.09 6.29 12.06
CA LYS A 203 6.19 6.01 13.49
C LYS A 203 7.32 6.84 14.09
N GLU A 204 7.24 7.06 15.40
CA GLU A 204 8.30 7.69 16.16
C GLU A 204 9.20 6.60 16.73
N TYR A 205 10.48 6.63 16.36
CA TYR A 205 11.42 5.58 16.74
C TYR A 205 12.83 6.11 16.66
N VAL A 206 13.74 5.41 17.34
CA VAL A 206 15.16 5.49 17.05
C VAL A 206 15.61 4.11 16.60
N LEU A 207 16.72 4.09 15.88
CA LEU A 207 17.22 2.81 15.37
C LEU A 207 17.80 1.99 16.52
N PRO A 208 17.47 0.71 16.61
CA PRO A 208 18.11 -0.14 17.61
C PRO A 208 19.54 -0.45 17.22
N SER A 209 20.33 -0.89 18.21
CA SER A 209 21.72 -1.22 17.96
C SER A 209 21.94 -2.69 17.64
N PHE A 210 20.93 -3.54 17.80
CA PHE A 210 21.10 -4.96 17.56
C PHE A 210 19.79 -5.56 17.06
N GLU A 211 19.87 -6.84 16.71
CA GLU A 211 18.78 -7.59 16.11
C GLU A 211 18.51 -8.84 16.94
N VAL A 212 17.24 -9.18 17.10
CA VAL A 212 16.83 -10.38 17.82
C VAL A 212 16.16 -11.32 16.83
N ILE A 213 16.63 -12.56 16.79
CA ILE A 213 16.05 -13.62 15.97
C ILE A 213 15.54 -14.71 16.89
N VAL A 214 14.30 -15.15 16.66
CA VAL A 214 13.63 -16.16 17.47
C VAL A 214 13.25 -17.31 16.55
N GLU A 215 13.88 -18.47 16.72
CA GLU A 215 13.55 -19.60 15.84
C GLU A 215 13.40 -20.90 16.63
N PRO A 216 12.30 -21.62 16.43
CA PRO A 216 12.18 -22.95 17.01
C PRO A 216 13.18 -23.90 16.37
N THR A 217 13.57 -24.93 17.13
CA THR A 217 14.52 -25.91 16.62
C THR A 217 13.95 -26.74 15.48
N GLU A 218 12.63 -26.80 15.38
CA GLU A 218 11.96 -27.37 14.22
C GLU A 218 10.87 -26.40 13.77
N LYS A 219 10.52 -26.49 12.49
CA LYS A 219 9.53 -25.59 11.89
C LYS A 219 8.10 -25.92 12.29
N PHE A 220 7.92 -26.64 13.40
CA PHE A 220 6.61 -27.12 13.82
C PHE A 220 6.74 -27.60 15.25
N TYR A 221 5.61 -27.82 15.91
CA TYR A 221 5.59 -28.54 17.16
C TYR A 221 4.80 -29.84 16.97
N TYR A 222 5.48 -30.96 17.11
CA TYR A 222 4.86 -32.28 17.03
C TYR A 222 4.11 -32.55 18.34
N ILE A 223 2.80 -32.79 18.24
CA ILE A 223 1.94 -32.79 19.41
C ILE A 223 2.29 -33.89 20.41
N TYR A 224 3.04 -34.91 19.99
CA TYR A 224 3.47 -35.97 20.89
C TYR A 224 4.92 -35.85 21.31
N ASN A 225 5.57 -34.71 21.02
CA ASN A 225 6.93 -34.47 21.46
C ASN A 225 6.89 -34.04 22.92
N GLU A 226 7.31 -34.94 23.81
CA GLU A 226 7.26 -34.66 25.24
C GLU A 226 8.29 -33.64 25.68
N LYS A 227 9.26 -33.29 24.82
CA LYS A 227 10.22 -32.25 25.14
C LYS A 227 9.62 -30.84 25.02
N GLY A 228 8.41 -30.72 24.48
CA GLY A 228 7.83 -29.42 24.25
C GLY A 228 8.46 -28.73 23.06
N LEU A 229 8.20 -27.43 22.95
CA LEU A 229 8.71 -26.62 21.85
C LEU A 229 9.97 -25.89 22.31
N GLU A 230 11.10 -26.20 21.69
CA GLU A 230 12.36 -25.55 22.01
C GLU A 230 12.63 -24.45 21.00
N VAL A 231 13.13 -23.32 21.50
CA VAL A 231 13.36 -22.13 20.69
C VAL A 231 14.75 -21.60 20.99
N THR A 232 15.44 -21.13 19.95
CA THR A 232 16.73 -20.46 20.10
C THR A 232 16.55 -18.96 19.93
N ILE A 233 17.05 -18.20 20.90
CA ILE A 233 17.06 -16.73 20.82
C ILE A 233 18.47 -16.31 20.44
N THR A 234 18.59 -15.62 19.31
CA THR A 234 19.86 -15.08 18.85
C THR A 234 19.81 -13.57 18.89
N ALA A 235 20.86 -12.94 19.39
CA ALA A 235 20.94 -11.49 19.45
C ALA A 235 22.33 -11.05 19.01
N ARG A 236 22.38 -10.24 17.96
CA ARG A 236 23.63 -9.81 17.37
C ARG A 236 23.55 -8.32 17.07
N PHE A 237 24.63 -7.60 17.39
CA PHE A 237 24.71 -6.20 17.00
C PHE A 237 24.68 -6.09 15.48
N LEU A 238 24.19 -4.95 14.99
CA LEU A 238 24.04 -4.77 13.56
C LEU A 238 25.37 -4.91 12.82
N TYR A 239 26.47 -4.56 13.47
CA TYR A 239 27.80 -4.74 12.88
C TYR A 239 28.37 -6.14 13.07
N GLY A 240 27.59 -7.08 13.62
CA GLY A 240 27.92 -8.49 13.57
C GLY A 240 28.33 -9.12 14.88
N LYS A 241 28.75 -8.34 15.88
CA LYS A 241 29.24 -8.92 17.11
C LYS A 241 28.10 -9.44 17.97
N LYS A 242 28.44 -10.37 18.87
CA LYS A 242 27.44 -11.07 19.67
C LYS A 242 27.01 -10.24 20.87
N VAL A 243 25.74 -10.39 21.23
CA VAL A 243 25.12 -9.63 22.30
C VAL A 243 25.27 -10.39 23.62
N GLU A 244 25.59 -9.66 24.68
CA GLU A 244 25.49 -10.15 26.05
C GLU A 244 24.31 -9.46 26.73
N GLY A 245 23.41 -10.25 27.31
CA GLY A 245 22.25 -9.66 27.94
C GLY A 245 21.25 -10.62 28.56
N THR A 246 19.99 -10.19 28.61
CA THR A 246 18.91 -10.92 29.27
C THR A 246 17.69 -10.94 28.35
N ALA A 247 17.02 -12.10 28.29
CA ALA A 247 15.87 -12.28 27.40
C ALA A 247 14.64 -12.66 28.18
N PHE A 248 13.51 -12.07 27.81
CA PHE A 248 12.19 -12.40 28.35
C PHE A 248 11.38 -13.05 27.25
N VAL A 249 11.01 -14.32 27.45
CA VAL A 249 10.37 -15.12 26.41
C VAL A 249 9.03 -15.63 26.91
N ILE A 250 7.98 -15.40 26.13
CA ILE A 250 6.64 -15.84 26.46
C ILE A 250 5.98 -16.40 25.19
N PHE A 251 5.22 -17.47 25.34
CA PHE A 251 4.58 -18.18 24.25
C PHE A 251 3.07 -17.95 24.27
N GLY A 252 2.44 -18.25 23.13
CA GLY A 252 1.00 -18.22 23.03
C GLY A 252 0.55 -19.22 21.98
N ILE A 253 -0.76 -19.47 21.95
CA ILE A 253 -1.34 -20.36 20.96
C ILE A 253 -2.37 -19.57 20.15
N GLN A 254 -2.29 -19.69 18.84
CA GLN A 254 -3.21 -19.02 17.93
C GLN A 254 -4.23 -20.01 17.41
N ASP A 255 -5.52 -19.69 17.58
CA ASP A 255 -6.63 -20.53 17.16
C ASP A 255 -7.48 -19.67 16.24
N GLY A 256 -7.32 -19.84 14.93
CA GLY A 256 -7.94 -18.94 13.97
C GLY A 256 -7.41 -17.54 14.13
N GLU A 257 -8.27 -16.61 14.55
CA GLU A 257 -7.86 -15.25 14.85
C GLU A 257 -7.67 -15.01 16.34
N GLN A 258 -8.02 -15.98 17.18
CA GLN A 258 -7.89 -15.85 18.62
C GLN A 258 -6.46 -16.13 19.06
N ARG A 259 -5.87 -15.18 19.78
CA ARG A 259 -4.55 -15.35 20.36
C ARG A 259 -4.69 -15.52 21.87
N ILE A 260 -4.16 -16.63 22.39
CA ILE A 260 -4.28 -16.99 23.79
C ILE A 260 -2.88 -17.03 24.37
N SER A 261 -2.54 -16.05 25.20
CA SER A 261 -1.24 -16.05 25.86
C SER A 261 -1.16 -17.18 26.89
N LEU A 262 0.05 -17.69 27.08
CA LEU A 262 0.33 -18.71 28.09
C LEU A 262 1.19 -18.08 29.18
N PRO A 263 0.58 -17.44 30.18
CA PRO A 263 1.39 -16.72 31.18
C PRO A 263 2.35 -17.61 31.95
N GLU A 264 2.03 -18.88 32.15
CA GLU A 264 2.97 -19.76 32.84
C GLU A 264 4.20 -20.09 32.00
N SER A 265 4.25 -19.70 30.72
CA SER A 265 5.40 -19.96 29.88
C SER A 265 6.46 -18.86 29.94
N LEU A 266 6.21 -17.77 30.65
CA LEU A 266 7.13 -16.65 30.67
C LEU A 266 8.43 -17.04 31.36
N LYS A 267 9.55 -16.90 30.63
CA LYS A 267 10.87 -17.22 31.14
C LYS A 267 11.82 -16.04 30.97
N ARG A 268 12.68 -15.83 31.97
CA ARG A 268 13.80 -14.91 31.87
C ARG A 268 15.08 -15.72 31.84
N ILE A 269 15.86 -15.55 30.76
CA ILE A 269 17.06 -16.35 30.57
C ILE A 269 18.23 -15.45 30.21
N PRO A 270 19.46 -15.85 30.52
CA PRO A 270 20.61 -15.08 30.05
C PRO A 270 20.84 -15.29 28.56
N ILE A 271 21.29 -14.22 27.90
CA ILE A 271 21.80 -14.30 26.55
C ILE A 271 23.31 -14.24 26.64
N GLU A 272 23.96 -15.38 26.45
CA GLU A 272 25.40 -15.48 26.57
C GLU A 272 26.00 -15.76 25.19
N ASP A 273 26.96 -14.92 24.80
CA ASP A 273 27.66 -15.02 23.53
C ASP A 273 26.67 -15.01 22.38
N GLY A 274 25.65 -14.16 22.50
CA GLY A 274 24.67 -13.91 21.46
C GLY A 274 23.54 -14.91 21.36
N SER A 275 23.41 -15.83 22.30
CA SER A 275 22.47 -16.94 22.13
C SER A 275 21.89 -17.37 23.47
N GLY A 276 20.70 -17.93 23.41
CA GLY A 276 20.04 -18.54 24.55
C GLY A 276 18.94 -19.48 24.09
N GLU A 277 18.55 -20.38 24.98
CA GLU A 277 17.54 -21.39 24.69
C GLU A 277 16.40 -21.30 25.70
N VAL A 278 15.17 -21.55 25.23
CA VAL A 278 14.00 -21.59 26.08
C VAL A 278 13.04 -22.63 25.53
N VAL A 279 12.32 -23.30 26.43
CA VAL A 279 11.41 -24.39 26.08
C VAL A 279 10.02 -24.05 26.60
N LEU A 280 9.01 -24.20 25.74
CA LEU A 280 7.63 -24.25 26.18
C LEU A 280 7.31 -25.71 26.48
N SER A 281 7.08 -26.04 27.75
CA SER A 281 6.87 -27.45 28.06
C SER A 281 5.52 -27.91 27.56
N ARG A 282 5.43 -29.21 27.25
CA ARG A 282 4.16 -29.77 26.81
C ARG A 282 3.08 -29.61 27.87
N LYS A 283 3.44 -29.81 29.15
CA LYS A 283 2.47 -29.69 30.22
C LYS A 283 1.95 -28.26 30.35
N VAL A 284 2.83 -27.27 30.26
CA VAL A 284 2.39 -25.89 30.36
C VAL A 284 1.47 -25.53 29.20
N LEU A 285 1.80 -26.03 28.00
CA LEU A 285 0.93 -25.80 26.85
C LEU A 285 -0.46 -26.38 27.09
N LEU A 286 -0.53 -27.66 27.48
CA LEU A 286 -1.83 -28.30 27.64
C LEU A 286 -2.60 -27.74 28.84
N ASP A 287 -1.90 -27.51 29.95
CA ASP A 287 -2.54 -26.86 31.10
C ASP A 287 -3.08 -25.49 30.73
N GLY A 288 -2.40 -24.77 29.84
CA GLY A 288 -2.79 -23.42 29.47
C GLY A 288 -4.05 -23.29 28.65
N VAL A 289 -4.59 -24.40 28.15
CA VAL A 289 -5.82 -24.41 27.38
C VAL A 289 -6.83 -25.33 28.06
N GLN A 290 -6.66 -25.52 29.37
CA GLN A 290 -7.60 -26.25 30.22
C GLN A 290 -7.64 -27.73 29.87
N ASN A 291 -6.45 -28.31 29.69
CA ASN A 291 -6.20 -29.74 29.58
C ASN A 291 -7.24 -30.51 28.73
N PRO A 292 -7.34 -30.21 27.44
CA PRO A 292 -8.06 -31.09 26.52
C PRO A 292 -7.13 -32.23 26.15
N ARG A 293 -7.64 -33.17 25.36
CA ARG A 293 -6.69 -34.11 24.78
C ARG A 293 -5.84 -33.35 23.77
N ALA A 294 -4.57 -33.76 23.68
CA ALA A 294 -3.59 -33.04 22.87
C ALA A 294 -4.00 -32.95 21.40
N GLU A 295 -4.85 -33.87 20.94
CA GLU A 295 -5.24 -33.90 19.53
C GLU A 295 -6.04 -32.67 19.14
N ASP A 296 -6.72 -32.04 20.09
CA ASP A 296 -7.51 -30.84 19.80
C ASP A 296 -6.66 -29.63 19.46
N LEU A 297 -5.34 -29.67 19.71
CA LEU A 297 -4.47 -28.57 19.34
C LEU A 297 -3.94 -28.69 17.91
N VAL A 298 -4.07 -29.85 17.29
CA VAL A 298 -3.55 -30.04 15.93
C VAL A 298 -4.28 -29.09 14.98
N GLY A 299 -3.52 -28.44 14.11
CA GLY A 299 -4.07 -27.44 13.22
C GLY A 299 -4.04 -26.03 13.75
N LYS A 300 -3.82 -25.86 15.05
CA LYS A 300 -3.54 -24.55 15.60
C LYS A 300 -2.06 -24.24 15.44
N SER A 301 -1.63 -23.08 15.91
CA SER A 301 -0.23 -22.71 15.80
C SER A 301 0.22 -22.02 17.08
N LEU A 302 1.53 -21.97 17.26
CA LEU A 302 2.16 -21.37 18.42
C LEU A 302 2.93 -20.13 17.98
N TYR A 303 3.02 -19.16 18.88
CA TYR A 303 3.86 -17.99 18.64
C TYR A 303 4.73 -17.73 19.87
N VAL A 304 5.82 -17.02 19.64
CA VAL A 304 6.85 -16.78 20.65
C VAL A 304 7.29 -15.33 20.55
N SER A 305 7.25 -14.61 21.66
CA SER A 305 7.76 -13.26 21.74
C SER A 305 9.01 -13.24 22.60
N ALA A 306 10.08 -12.62 22.11
CA ALA A 306 11.32 -12.50 22.85
C ALA A 306 11.70 -11.03 22.96
N THR A 307 11.99 -10.59 24.18
CA THR A 307 12.49 -9.25 24.46
C THR A 307 13.88 -9.39 25.04
N VAL A 308 14.85 -8.73 24.42
CA VAL A 308 16.25 -8.84 24.81
C VAL A 308 16.73 -7.47 25.28
N ILE A 309 17.34 -7.43 26.46
CA ILE A 309 17.91 -6.21 27.02
C ILE A 309 19.42 -6.42 27.17
N LEU A 310 20.19 -5.44 26.71
CA LEU A 310 21.63 -5.48 26.89
C LEU A 310 21.97 -5.36 28.38
N HIS A 311 23.10 -5.97 28.77
CA HIS A 311 23.52 -5.91 30.16
C HIS A 311 23.67 -4.48 30.65
N SER A 312 24.01 -3.55 29.75
CA SER A 312 24.00 -2.14 30.12
C SER A 312 22.58 -1.61 30.33
N GLY A 313 21.57 -2.30 29.80
CA GLY A 313 20.21 -1.83 29.86
C GLY A 313 19.99 -0.64 28.95
N SER A 314 20.97 -0.36 28.11
CA SER A 314 20.97 0.84 27.29
C SER A 314 20.23 0.66 25.96
N ASP A 315 19.77 -0.55 25.66
CA ASP A 315 19.00 -0.78 24.43
C ASP A 315 18.16 -2.04 24.62
N MET A 316 17.01 -2.06 23.96
CA MET A 316 16.07 -3.17 24.06
C MET A 316 15.44 -3.43 22.69
N VAL A 317 15.29 -4.71 22.36
CA VAL A 317 14.69 -5.11 21.08
C VAL A 317 13.75 -6.28 21.34
N GLN A 318 12.56 -6.21 20.75
CA GLN A 318 11.58 -7.30 20.81
C GLN A 318 11.40 -7.88 19.42
N ALA A 319 11.26 -9.20 19.35
CA ALA A 319 10.99 -9.89 18.11
C ALA A 319 9.98 -10.99 18.37
N GLU A 320 9.17 -11.29 17.36
CA GLU A 320 8.18 -12.36 17.47
C GLU A 320 8.33 -13.33 16.31
N ARG A 321 8.16 -14.62 16.63
CA ARG A 321 7.98 -15.66 15.63
C ARG A 321 6.60 -16.26 15.85
N SER A 322 5.77 -16.21 14.81
CA SER A 322 4.40 -16.71 14.89
C SER A 322 4.17 -17.78 13.84
N GLY A 323 3.00 -18.41 13.91
CA GLY A 323 2.61 -19.41 12.93
C GLY A 323 3.43 -20.68 12.95
N ILE A 324 3.80 -21.17 14.13
CA ILE A 324 4.50 -22.45 14.27
C ILE A 324 3.44 -23.54 14.38
N PRO A 325 3.22 -24.34 13.33
CA PRO A 325 2.08 -25.25 13.32
C PRO A 325 2.22 -26.39 14.33
N ILE A 326 1.11 -26.72 14.96
CA ILE A 326 1.01 -27.91 15.80
C ILE A 326 0.50 -29.05 14.93
N VAL A 327 1.29 -30.12 14.82
CA VAL A 327 1.12 -31.11 13.78
C VAL A 327 1.14 -32.52 14.36
N THR A 328 0.66 -33.47 13.55
CA THR A 328 0.91 -34.89 13.76
C THR A 328 1.91 -35.45 12.74
N SER A 329 2.40 -34.62 11.83
CA SER A 329 3.26 -35.04 10.75
C SER A 329 4.19 -33.91 10.35
N PRO A 330 5.46 -34.20 10.05
CA PRO A 330 6.36 -33.14 9.59
C PRO A 330 6.08 -32.66 8.18
N TYR A 331 5.18 -33.30 7.45
CA TYR A 331 4.99 -33.02 6.05
C TYR A 331 3.51 -32.80 5.75
N GLN A 332 3.25 -32.25 4.56
CA GLN A 332 1.92 -32.23 3.99
C GLN A 332 2.04 -32.39 2.48
N ILE A 333 1.07 -33.08 1.91
CA ILE A 333 1.06 -33.39 0.48
C ILE A 333 0.00 -32.53 -0.19
N HIS A 334 0.34 -31.98 -1.36
CA HIS A 334 -0.56 -31.15 -2.14
C HIS A 334 -0.66 -31.70 -3.56
N PHE A 335 -1.87 -31.69 -4.10
CA PHE A 335 -2.12 -32.09 -5.49
C PHE A 335 -2.37 -30.91 -6.40
N THR A 336 -2.02 -29.70 -5.96
CA THR A 336 -2.34 -28.48 -6.69
C THR A 336 -1.70 -28.43 -8.07
N LYS A 337 -0.67 -29.24 -8.32
CA LYS A 337 -0.01 -29.28 -9.61
C LYS A 337 -0.38 -30.49 -10.45
N THR A 338 -1.31 -31.35 -9.97
CA THR A 338 -1.73 -32.55 -10.69
C THR A 338 -3.03 -32.29 -11.43
N PRO A 339 -3.14 -32.67 -12.71
CA PRO A 339 -4.41 -32.53 -13.40
C PRO A 339 -5.51 -33.32 -12.70
N LYS A 340 -6.73 -32.80 -12.76
CA LYS A 340 -7.88 -33.45 -12.15
C LYS A 340 -8.68 -34.26 -13.17
N TYR A 341 -8.07 -34.62 -14.29
CA TYR A 341 -8.69 -35.45 -15.31
C TYR A 341 -7.67 -36.45 -15.82
N PHE A 342 -8.16 -37.64 -16.17
CA PHE A 342 -7.32 -38.71 -16.68
C PHE A 342 -7.93 -39.26 -17.97
N LYS A 343 -7.10 -39.99 -18.72
CA LYS A 343 -7.51 -40.59 -19.98
C LYS A 343 -7.62 -42.09 -19.79
N PRO A 344 -8.83 -42.63 -19.64
CA PRO A 344 -8.99 -44.06 -19.35
C PRO A 344 -8.26 -44.94 -20.37
N GLY A 345 -7.42 -45.83 -19.85
CA GLY A 345 -6.56 -46.66 -20.68
C GLY A 345 -5.14 -46.15 -20.85
N MET A 346 -4.87 -44.92 -20.42
CA MET A 346 -3.57 -44.28 -20.58
C MET A 346 -2.93 -44.04 -19.22
N PRO A 347 -1.62 -43.84 -19.17
CA PRO A 347 -0.97 -43.45 -17.92
C PRO A 347 -1.57 -42.15 -17.39
N PHE A 348 -1.66 -42.06 -16.07
CA PHE A 348 -2.01 -40.82 -15.38
C PHE A 348 -0.81 -40.41 -14.54
N ASP A 349 -0.31 -39.20 -14.79
CA ASP A 349 0.87 -38.70 -14.11
C ASP A 349 0.46 -37.77 -12.96
N LEU A 350 1.02 -38.01 -11.78
CA LEU A 350 0.80 -37.14 -10.63
C LEU A 350 2.03 -36.30 -10.38
N MET A 351 1.82 -35.02 -10.12
CA MET A 351 2.87 -34.09 -9.74
C MET A 351 2.64 -33.74 -8.28
N VAL A 352 3.28 -34.48 -7.40
CA VAL A 352 3.06 -34.38 -5.95
C VAL A 352 3.97 -33.31 -5.39
N PHE A 353 3.37 -32.36 -4.66
CA PHE A 353 4.07 -31.27 -4.00
C PHE A 353 4.07 -31.54 -2.49
N VAL A 354 5.25 -31.72 -1.91
CA VAL A 354 5.40 -31.96 -0.47
C VAL A 354 6.03 -30.75 0.16
N THR A 355 5.44 -30.26 1.24
CA THR A 355 5.96 -29.12 1.97
C THR A 355 6.16 -29.48 3.44
N ASN A 356 7.03 -28.71 4.08
CA ASN A 356 7.09 -28.65 5.52
C ASN A 356 5.90 -27.83 6.01
N PRO A 357 5.60 -27.86 7.31
CA PRO A 357 4.41 -27.14 7.79
C PRO A 357 4.43 -25.63 7.56
N ASP A 358 5.59 -25.03 7.35
CA ASP A 358 5.62 -23.59 7.06
C ASP A 358 5.35 -23.28 5.59
N GLY A 359 5.20 -24.31 4.75
CA GLY A 359 4.96 -24.11 3.34
C GLY A 359 6.20 -24.18 2.46
N SER A 360 7.39 -24.28 3.05
CA SER A 360 8.59 -24.41 2.25
C SER A 360 8.66 -25.81 1.66
N PRO A 361 9.29 -25.96 0.49
CA PRO A 361 9.33 -27.29 -0.14
C PRO A 361 10.18 -28.25 0.66
N ALA A 362 9.78 -29.52 0.64
CA ALA A 362 10.47 -30.57 1.38
C ALA A 362 11.31 -31.40 0.41
N TYR A 363 12.58 -31.53 0.72
CA TYR A 363 13.57 -32.15 -0.15
C TYR A 363 13.79 -33.60 0.24
N ARG A 364 13.90 -34.47 -0.77
CA ARG A 364 14.28 -35.88 -0.58
C ARG A 364 13.29 -36.64 0.29
N VAL A 365 12.01 -36.35 0.14
CA VAL A 365 10.94 -37.04 0.87
C VAL A 365 10.39 -38.13 -0.04
N PRO A 366 10.45 -39.41 0.37
CA PRO A 366 9.84 -40.47 -0.45
C PRO A 366 8.33 -40.37 -0.41
N VAL A 367 7.71 -40.50 -1.58
CA VAL A 367 6.25 -40.58 -1.68
C VAL A 367 5.90 -41.79 -2.53
N ALA A 368 4.71 -42.33 -2.30
CA ALA A 368 4.27 -43.52 -3.01
C ALA A 368 2.75 -43.53 -3.10
N VAL A 369 2.23 -44.09 -4.19
CA VAL A 369 0.80 -44.26 -4.35
C VAL A 369 0.36 -45.49 -3.56
N GLN A 370 -0.72 -45.35 -2.81
CA GLN A 370 -1.21 -46.43 -1.97
C GLN A 370 -1.78 -47.54 -2.86
N GLY A 371 -1.20 -48.74 -2.76
CA GLY A 371 -1.72 -49.90 -3.46
C GLY A 371 -1.13 -50.06 -4.85
N GLU A 372 -1.87 -50.82 -5.68
CA GLU A 372 -1.61 -51.11 -7.10
C GLU A 372 -0.14 -51.47 -7.30
N ASP A 373 0.58 -50.82 -8.23
CA ASP A 373 1.93 -51.22 -8.61
C ASP A 373 3.00 -50.75 -7.64
N THR A 374 2.62 -50.04 -6.57
CA THR A 374 3.55 -49.51 -5.57
C THR A 374 4.70 -48.73 -6.22
N VAL A 375 4.32 -47.67 -6.91
CA VAL A 375 5.24 -46.68 -7.46
C VAL A 375 5.63 -45.68 -6.37
N GLN A 376 6.94 -45.49 -6.18
CA GLN A 376 7.49 -44.68 -5.09
C GLN A 376 8.61 -43.78 -5.59
N SER A 377 8.50 -42.47 -5.30
CA SER A 377 9.44 -41.47 -5.81
C SER A 377 9.93 -40.55 -4.70
N LEU A 378 11.01 -39.83 -4.99
CA LEU A 378 11.68 -38.93 -4.07
C LEU A 378 11.48 -37.48 -4.53
N THR A 379 11.15 -36.59 -3.60
CA THR A 379 10.92 -35.20 -3.98
C THR A 379 12.23 -34.52 -4.34
N GLN A 380 12.15 -33.61 -5.32
CA GLN A 380 13.29 -32.82 -5.74
C GLN A 380 13.49 -31.66 -4.75
N GLY A 381 14.46 -30.79 -5.06
CA GLY A 381 14.69 -29.62 -4.24
C GLY A 381 13.52 -28.65 -4.20
N ASP A 382 12.66 -28.69 -5.22
CA ASP A 382 11.45 -27.88 -5.26
C ASP A 382 10.26 -28.60 -4.63
N GLY A 383 10.50 -29.63 -3.82
CA GLY A 383 9.46 -30.36 -3.15
C GLY A 383 8.54 -31.17 -4.05
N VAL A 384 8.89 -31.33 -5.33
CA VAL A 384 8.02 -31.98 -6.31
C VAL A 384 8.55 -33.37 -6.60
N ALA A 385 7.63 -34.33 -6.74
CA ALA A 385 7.96 -35.67 -7.19
C ALA A 385 6.90 -36.13 -8.17
N LYS A 386 7.33 -36.89 -9.17
CA LYS A 386 6.43 -37.40 -10.20
C LYS A 386 6.11 -38.87 -9.92
N LEU A 387 4.82 -39.20 -9.95
CA LEU A 387 4.34 -40.56 -9.81
C LEU A 387 3.43 -40.88 -10.99
N SER A 388 3.70 -42.00 -11.66
CA SER A 388 2.93 -42.41 -12.83
C SER A 388 2.22 -43.72 -12.53
N ILE A 389 0.93 -43.77 -12.84
CA ILE A 389 0.13 -44.98 -12.65
C ILE A 389 -0.60 -45.29 -13.95
N ASN A 390 -0.82 -46.58 -14.18
CA ASN A 390 -1.65 -47.01 -15.30
C ASN A 390 -3.12 -46.89 -14.92
N THR A 391 -3.95 -46.57 -15.92
CA THR A 391 -5.38 -46.54 -15.74
C THR A 391 -6.05 -47.49 -16.72
N HIS A 392 -7.12 -48.10 -16.28
CA HIS A 392 -7.87 -49.04 -17.10
C HIS A 392 -8.92 -48.31 -17.91
N PRO A 393 -9.37 -48.90 -19.02
CA PRO A 393 -10.36 -48.21 -19.88
C PRO A 393 -11.76 -48.22 -19.28
N SER A 394 -12.02 -47.37 -18.29
CA SER A 394 -13.35 -47.31 -17.70
C SER A 394 -13.65 -45.89 -17.23
N GLN A 395 -14.93 -45.52 -17.31
CA GLN A 395 -15.42 -44.23 -16.83
C GLN A 395 -15.41 -44.13 -15.31
N LYS A 396 -14.94 -45.16 -14.62
CA LYS A 396 -14.92 -45.18 -13.17
C LYS A 396 -13.96 -44.10 -12.66
N PRO A 397 -14.46 -43.12 -11.90
CA PRO A 397 -13.58 -42.05 -11.41
C PRO A 397 -12.41 -42.60 -10.63
N LEU A 398 -11.28 -41.92 -10.77
CA LEU A 398 -10.00 -42.37 -10.24
C LEU A 398 -9.75 -41.70 -8.89
N SER A 399 -9.70 -42.50 -7.83
CA SER A 399 -9.33 -42.02 -6.51
C SER A 399 -7.91 -42.46 -6.20
N ILE A 400 -7.05 -41.49 -5.86
CA ILE A 400 -5.62 -41.74 -5.67
C ILE A 400 -5.21 -41.18 -4.33
N THR A 401 -4.59 -42.02 -3.50
CA THR A 401 -4.03 -41.61 -2.23
C THR A 401 -2.51 -41.71 -2.30
N VAL A 402 -1.82 -40.65 -1.87
CA VAL A 402 -0.36 -40.62 -1.83
C VAL A 402 0.06 -40.43 -0.37
N ARG A 403 1.06 -41.21 0.05
CA ARG A 403 1.61 -41.09 1.39
C ARG A 403 3.12 -40.86 1.30
N THR A 404 3.67 -40.20 2.31
CA THR A 404 5.11 -40.17 2.45
C THR A 404 5.60 -41.50 3.01
N LYS A 405 6.85 -41.83 2.71
CA LYS A 405 7.50 -43.03 3.21
C LYS A 405 8.83 -42.70 3.86
N LYS A 406 8.87 -41.64 4.67
CA LYS A 406 10.11 -41.23 5.31
C LYS A 406 10.58 -42.33 6.28
N GLN A 407 11.77 -42.86 6.01
CA GLN A 407 12.32 -43.97 6.76
C GLN A 407 12.28 -43.75 8.27
N GLU A 408 12.61 -42.54 8.70
CA GLU A 408 12.79 -42.25 10.12
C GLU A 408 11.48 -42.04 10.87
N LEU A 409 10.35 -41.95 10.17
CA LEU A 409 9.08 -41.62 10.79
C LEU A 409 8.24 -42.88 11.01
N SER A 410 7.36 -42.79 12.01
CA SER A 410 6.33 -43.81 12.20
C SER A 410 5.22 -43.62 11.19
N GLU A 411 4.39 -44.66 11.04
CA GLU A 411 3.28 -44.59 10.09
C GLU A 411 2.32 -43.47 10.45
N ALA A 412 2.06 -43.26 11.74
CA ALA A 412 1.17 -42.19 12.17
C ALA A 412 1.71 -40.82 11.78
N GLU A 413 3.03 -40.68 11.63
CA GLU A 413 3.66 -39.41 11.31
C GLU A 413 3.78 -39.14 9.83
N GLN A 414 3.52 -40.14 8.98
CA GLN A 414 3.61 -39.91 7.54
C GLN A 414 2.44 -39.06 7.07
N ALA A 415 2.70 -38.18 6.11
CA ALA A 415 1.63 -37.38 5.52
C ALA A 415 0.85 -38.22 4.52
N THR A 416 -0.42 -37.87 4.36
CA THR A 416 -1.28 -38.54 3.40
C THR A 416 -2.21 -37.50 2.78
N ARG A 417 -2.62 -37.77 1.54
CA ARG A 417 -3.56 -36.90 0.86
C ARG A 417 -4.23 -37.69 -0.25
N THR A 418 -5.52 -37.43 -0.46
CA THR A 418 -6.31 -38.09 -1.48
C THR A 418 -6.88 -37.06 -2.43
N MET A 419 -6.85 -37.37 -3.74
CA MET A 419 -7.54 -36.60 -4.75
C MET A 419 -8.37 -37.51 -5.64
N GLN A 420 -9.22 -36.89 -6.45
CA GLN A 420 -10.03 -37.59 -7.45
C GLN A 420 -9.83 -36.97 -8.82
N ALA A 421 -9.72 -37.83 -9.83
CA ALA A 421 -9.63 -37.43 -11.22
C ALA A 421 -10.78 -38.04 -12.00
N LEU A 422 -11.43 -37.21 -12.86
CA LEU A 422 -12.55 -37.64 -13.68
C LEU A 422 -12.10 -37.98 -15.09
N PRO A 423 -12.78 -38.90 -15.77
CA PRO A 423 -12.35 -39.29 -17.12
C PRO A 423 -12.62 -38.18 -18.13
N TYR A 424 -11.59 -37.87 -18.92
CA TYR A 424 -11.74 -37.05 -20.10
C TYR A 424 -12.82 -37.64 -21.01
N SER A 425 -13.77 -36.80 -21.42
CA SER A 425 -14.90 -37.25 -22.22
C SER A 425 -14.58 -37.09 -23.71
N THR A 426 -14.74 -38.18 -24.46
CA THR A 426 -14.40 -38.21 -25.87
C THR A 426 -15.60 -37.81 -26.73
N VAL A 427 -15.32 -37.49 -27.99
CA VAL A 427 -16.35 -37.11 -28.94
C VAL A 427 -17.04 -38.39 -29.44
N GLY A 428 -18.34 -38.48 -29.22
CA GLY A 428 -19.10 -39.63 -29.69
C GLY A 428 -18.69 -40.96 -29.09
N ASN A 429 -18.13 -40.94 -27.88
CA ASN A 429 -17.65 -42.15 -27.21
C ASN A 429 -16.66 -42.91 -28.09
N SER A 430 -15.70 -42.17 -28.65
CA SER A 430 -14.76 -42.71 -29.62
C SER A 430 -13.59 -43.43 -28.96
N ASN A 431 -13.34 -43.20 -27.67
CA ASN A 431 -12.18 -43.72 -26.96
C ASN A 431 -10.86 -43.21 -27.51
N ASN A 432 -10.88 -42.05 -28.17
CA ASN A 432 -9.68 -41.46 -28.75
C ASN A 432 -9.15 -40.39 -27.80
N TYR A 433 -7.86 -40.48 -27.46
CA TYR A 433 -7.27 -39.60 -26.45
C TYR A 433 -5.89 -39.14 -26.89
N LEU A 434 -5.35 -38.19 -26.11
CA LEU A 434 -3.98 -37.71 -26.25
C LEU A 434 -3.42 -37.49 -24.85
N HIS A 435 -2.19 -37.90 -24.63
CA HIS A 435 -1.53 -37.73 -23.32
C HIS A 435 -0.16 -37.11 -23.52
N LEU A 436 0.03 -35.94 -22.92
CA LEU A 436 1.34 -35.29 -22.86
C LEU A 436 2.05 -35.65 -21.56
N SER A 437 3.37 -35.79 -21.65
CA SER A 437 4.18 -36.16 -20.50
C SER A 437 5.53 -35.47 -20.57
N VAL A 438 6.08 -35.18 -19.38
CA VAL A 438 7.31 -34.43 -19.21
C VAL A 438 8.02 -34.91 -17.96
N LEU A 439 9.35 -34.91 -17.99
CA LEU A 439 10.15 -35.11 -16.80
C LEU A 439 10.05 -33.88 -15.90
N ARG A 440 9.83 -34.10 -14.61
CA ARG A 440 9.52 -33.00 -13.69
C ARG A 440 10.75 -32.53 -12.91
N THR A 441 11.95 -32.86 -13.36
CA THR A 441 13.14 -32.31 -12.71
C THR A 441 13.15 -30.78 -12.87
N GLU A 442 14.01 -30.13 -12.08
CA GLU A 442 14.06 -28.68 -12.11
C GLU A 442 14.60 -28.20 -13.45
N LEU A 443 13.85 -27.32 -14.10
CA LEU A 443 14.07 -26.93 -15.49
C LEU A 443 14.61 -25.51 -15.55
N ARG A 444 15.72 -25.33 -16.28
CA ARG A 444 16.42 -24.07 -16.42
C ARG A 444 16.37 -23.59 -17.86
N PRO A 445 16.40 -22.27 -18.08
CA PRO A 445 16.64 -21.77 -19.44
C PRO A 445 17.95 -22.31 -19.98
N GLY A 446 18.00 -22.53 -21.29
CA GLY A 446 19.13 -23.13 -21.94
C GLY A 446 19.08 -24.64 -22.04
N GLU A 447 18.28 -25.30 -21.21
CA GLU A 447 18.11 -26.73 -21.29
C GLU A 447 17.09 -27.10 -22.35
N THR A 448 17.08 -28.37 -22.72
CA THR A 448 16.10 -28.93 -23.65
C THR A 448 15.14 -29.81 -22.86
N LEU A 449 13.84 -29.65 -23.11
CA LEU A 449 12.81 -30.45 -22.46
C LEU A 449 12.16 -31.35 -23.49
N ASN A 450 12.20 -32.65 -23.25
CA ASN A 450 11.55 -33.61 -24.13
C ASN A 450 10.08 -33.73 -23.74
N VAL A 451 9.19 -33.34 -24.64
CA VAL A 451 7.75 -33.42 -24.42
C VAL A 451 7.22 -34.65 -25.14
N ASN A 452 6.66 -35.58 -24.38
CA ASN A 452 6.14 -36.83 -24.94
C ASN A 452 4.71 -36.63 -25.39
N PHE A 453 4.40 -37.08 -26.61
CA PHE A 453 3.06 -37.09 -27.16
C PHE A 453 2.61 -38.55 -27.27
N LEU A 454 1.66 -38.96 -26.44
CA LEU A 454 1.21 -40.34 -26.39
C LEU A 454 -0.20 -40.44 -26.97
N LEU A 455 -0.40 -41.39 -27.88
CA LEU A 455 -1.65 -41.51 -28.63
C LEU A 455 -2.39 -42.78 -28.22
N ARG A 456 -3.66 -42.61 -27.85
CA ARG A 456 -4.58 -43.74 -27.69
C ARG A 456 -5.67 -43.59 -28.74
N MET A 457 -5.70 -44.53 -29.67
CA MET A 457 -6.67 -44.53 -30.74
C MET A 457 -6.73 -45.95 -31.26
N ASP A 458 -7.93 -46.43 -31.53
CA ASP A 458 -8.04 -47.76 -32.09
C ASP A 458 -7.28 -47.82 -33.41
N ARG A 459 -6.82 -49.01 -33.76
CA ARG A 459 -5.79 -49.15 -34.78
C ARG A 459 -6.31 -49.00 -36.22
N ALA A 460 -7.63 -49.05 -36.44
CA ALA A 460 -8.13 -48.88 -37.80
C ALA A 460 -8.05 -47.42 -38.26
N HIS A 461 -8.01 -46.51 -37.30
CA HIS A 461 -8.12 -45.09 -37.53
C HIS A 461 -6.79 -44.40 -37.26
N GLU A 462 -5.99 -45.03 -36.40
CA GLU A 462 -4.64 -44.67 -35.96
C GLU A 462 -3.81 -43.94 -37.02
N ALA A 463 -3.61 -44.58 -38.17
CA ALA A 463 -2.66 -44.10 -39.16
C ALA A 463 -3.04 -42.75 -39.75
N LYS A 464 -4.25 -42.25 -39.45
CA LYS A 464 -4.67 -41.00 -40.04
C LYS A 464 -3.99 -39.81 -39.39
N ILE A 465 -3.54 -39.96 -38.15
CA ILE A 465 -2.98 -38.86 -37.37
C ILE A 465 -1.52 -38.70 -37.78
N ARG A 466 -1.22 -37.67 -38.55
CA ARG A 466 0.12 -37.42 -39.06
C ARG A 466 0.84 -36.29 -38.34
N TYR A 467 0.14 -35.53 -37.50
CA TYR A 467 0.78 -34.44 -36.79
C TYR A 467 -0.07 -34.03 -35.60
N TYR A 468 0.58 -33.38 -34.64
CA TYR A 468 -0.08 -32.69 -33.55
C TYR A 468 0.22 -31.20 -33.66
N THR A 469 -0.77 -30.37 -33.39
CA THR A 469 -0.53 -28.94 -33.20
C THR A 469 -0.30 -28.71 -31.72
N TYR A 470 0.78 -28.01 -31.39
CA TYR A 470 1.04 -27.64 -30.02
C TYR A 470 1.15 -26.13 -29.89
N LEU A 471 0.76 -25.62 -28.74
CA LEU A 471 0.80 -24.20 -28.43
C LEU A 471 1.39 -24.01 -27.05
N ILE A 472 2.25 -23.01 -26.89
CA ILE A 472 2.89 -22.73 -25.62
C ILE A 472 2.36 -21.41 -25.09
N MET A 473 1.71 -21.46 -23.95
CA MET A 473 1.25 -20.27 -23.24
C MET A 473 2.25 -19.89 -22.15
N ASN A 474 2.51 -18.60 -22.03
CA ASN A 474 3.42 -18.09 -21.01
C ASN A 474 3.03 -16.64 -20.73
N LYS A 475 2.94 -16.29 -19.44
CA LYS A 475 2.52 -14.96 -19.03
C LYS A 475 1.22 -14.53 -19.71
N GLY A 476 0.31 -15.49 -19.89
CA GLY A 476 -0.99 -15.22 -20.44
C GLY A 476 -1.05 -14.89 -21.92
N ARG A 477 0.08 -14.91 -22.62
CA ARG A 477 0.10 -14.83 -24.08
C ARG A 477 0.48 -16.16 -24.71
N LEU A 478 0.23 -16.25 -26.02
CA LEU A 478 0.77 -17.34 -26.83
C LEU A 478 2.22 -17.02 -27.16
N LEU A 479 3.14 -17.78 -26.57
CA LEU A 479 4.55 -17.57 -26.83
C LEU A 479 4.99 -18.27 -28.11
N LYS A 480 4.46 -19.46 -28.37
CA LYS A 480 5.01 -20.27 -29.43
C LYS A 480 3.93 -21.25 -29.89
N ALA A 481 3.97 -21.62 -31.18
CA ALA A 481 3.09 -22.67 -31.69
C ALA A 481 3.83 -23.40 -32.80
N GLY A 482 3.63 -24.72 -32.87
CA GLY A 482 4.31 -25.49 -33.89
C GLY A 482 3.58 -26.77 -34.21
N ARG A 483 4.27 -27.64 -34.95
CA ARG A 483 3.77 -28.94 -35.36
C ARG A 483 4.72 -30.03 -34.88
N GLN A 484 4.16 -31.10 -34.33
CA GLN A 484 4.91 -32.29 -33.96
C GLN A 484 4.46 -33.43 -34.88
N VAL A 485 5.34 -33.85 -35.79
CA VAL A 485 4.94 -34.82 -36.80
C VAL A 485 4.79 -36.20 -36.17
N ARG A 486 4.02 -37.05 -36.86
CA ARG A 486 3.81 -38.43 -36.44
C ARG A 486 3.66 -39.30 -37.67
N GLU A 487 4.20 -40.52 -37.59
CA GLU A 487 4.17 -41.47 -38.68
C GLU A 487 3.48 -42.73 -38.19
N PRO A 488 2.76 -43.45 -39.06
CA PRO A 488 1.86 -44.50 -38.58
C PRO A 488 2.56 -45.57 -37.75
N GLY A 489 1.85 -46.07 -36.74
CA GLY A 489 2.40 -47.06 -35.83
C GLY A 489 3.14 -46.50 -34.64
N GLN A 490 3.40 -45.19 -34.60
CA GLN A 490 4.14 -44.57 -33.51
C GLN A 490 3.14 -44.10 -32.45
N ASP A 491 3.01 -44.86 -31.36
CA ASP A 491 2.14 -44.39 -30.28
C ASP A 491 2.79 -43.27 -29.49
N LEU A 492 4.11 -43.13 -29.55
CA LEU A 492 4.83 -42.12 -28.78
C LEU A 492 5.83 -41.41 -29.68
N VAL A 493 5.76 -40.07 -29.72
CA VAL A 493 6.74 -39.24 -30.39
C VAL A 493 7.16 -38.14 -29.41
N VAL A 494 8.35 -37.61 -29.62
CA VAL A 494 9.01 -36.72 -28.66
C VAL A 494 9.33 -35.40 -29.33
N LEU A 495 8.96 -34.29 -28.68
CA LEU A 495 9.28 -32.96 -29.15
C LEU A 495 10.46 -32.41 -28.35
N PRO A 496 11.60 -32.12 -28.97
CA PRO A 496 12.70 -31.50 -28.22
C PRO A 496 12.49 -30.00 -28.06
N LEU A 497 11.91 -29.61 -26.92
CA LEU A 497 11.57 -28.21 -26.67
C LEU A 497 12.76 -27.52 -25.99
N SER A 498 13.37 -26.58 -26.69
CA SER A 498 14.47 -25.80 -26.11
C SER A 498 13.91 -24.71 -25.22
N ILE A 499 14.30 -24.73 -23.95
CA ILE A 499 13.76 -23.81 -22.94
C ILE A 499 14.69 -22.60 -22.85
N THR A 500 14.11 -21.40 -22.95
CA THR A 500 14.83 -20.13 -22.89
C THR A 500 14.27 -19.29 -21.75
N THR A 501 14.89 -18.12 -21.53
CA THR A 501 14.39 -17.20 -20.51
C THR A 501 12.99 -16.69 -20.83
N ASP A 502 12.54 -16.83 -22.08
CA ASP A 502 11.18 -16.47 -22.43
C ASP A 502 10.14 -17.32 -21.72
N PHE A 503 10.54 -18.49 -21.21
CA PHE A 503 9.62 -19.43 -20.58
C PHE A 503 9.47 -19.20 -19.08
N ILE A 504 10.27 -18.31 -18.49
CA ILE A 504 10.13 -17.97 -17.07
C ILE A 504 8.78 -17.28 -16.88
N PRO A 505 8.06 -17.51 -15.77
CA PRO A 505 8.32 -18.42 -14.64
C PRO A 505 7.73 -19.81 -14.80
N SER A 506 6.89 -19.99 -15.81
CA SER A 506 6.26 -21.28 -16.08
C SER A 506 5.57 -21.16 -17.43
N PHE A 507 5.14 -22.30 -17.95
CA PHE A 507 4.38 -22.27 -19.19
C PHE A 507 3.39 -23.43 -19.20
N ARG A 508 2.47 -23.36 -20.16
CA ARG A 508 1.55 -24.44 -20.47
C ARG A 508 1.77 -24.84 -21.91
N LEU A 509 1.80 -26.14 -22.15
CA LEU A 509 1.84 -26.67 -23.50
C LEU A 509 0.49 -27.34 -23.78
N VAL A 510 -0.25 -26.80 -24.75
CA VAL A 510 -1.50 -27.38 -25.20
C VAL A 510 -1.26 -28.03 -26.54
N ALA A 511 -1.79 -29.24 -26.71
CA ALA A 511 -1.62 -29.97 -27.95
C ALA A 511 -2.95 -30.59 -28.36
N TYR A 512 -3.15 -30.71 -29.68
CA TYR A 512 -4.35 -31.36 -30.15
C TYR A 512 -4.09 -31.94 -31.54
N TYR A 513 -4.87 -32.97 -31.85
CA TYR A 513 -4.97 -33.48 -33.20
C TYR A 513 -6.43 -33.48 -33.61
N THR A 514 -6.66 -33.73 -34.89
CA THR A 514 -8.01 -33.73 -35.42
C THR A 514 -8.06 -34.79 -36.50
N LEU A 515 -9.17 -35.53 -36.56
CA LEU A 515 -9.36 -36.50 -37.62
C LEU A 515 -10.80 -36.42 -38.09
N ILE A 516 -11.05 -37.06 -39.22
CA ILE A 516 -12.35 -37.07 -39.86
C ILE A 516 -12.93 -38.45 -39.68
N GLY A 517 -13.95 -38.55 -38.83
CA GLY A 517 -14.82 -39.71 -38.88
C GLY A 517 -15.58 -39.74 -40.20
N ALA A 518 -15.96 -40.94 -40.63
CA ALA A 518 -16.60 -41.08 -41.92
C ALA A 518 -18.03 -40.56 -41.86
N SER A 519 -18.38 -39.75 -42.88
CA SER A 519 -19.59 -38.93 -43.07
C SER A 519 -19.23 -37.48 -42.78
N GLY A 520 -17.94 -37.22 -42.61
CA GLY A 520 -17.43 -35.87 -42.50
C GLY A 520 -17.33 -35.30 -41.11
N GLN A 521 -17.82 -36.02 -40.11
CA GLN A 521 -17.78 -35.51 -38.75
C GLN A 521 -16.34 -35.39 -38.27
N ARG A 522 -16.05 -34.21 -37.75
CA ARG A 522 -14.72 -33.81 -37.34
C ARG A 522 -14.60 -34.06 -35.84
N GLU A 523 -13.53 -34.72 -35.44
CA GLU A 523 -13.25 -35.00 -34.03
C GLU A 523 -11.99 -34.28 -33.62
N VAL A 524 -12.06 -33.52 -32.52
CA VAL A 524 -10.92 -32.80 -31.96
C VAL A 524 -10.55 -33.44 -30.64
N VAL A 525 -9.28 -33.78 -30.48
CA VAL A 525 -8.76 -34.40 -29.26
C VAL A 525 -7.59 -33.56 -28.76
N ALA A 526 -7.64 -33.18 -27.48
CA ALA A 526 -6.66 -32.26 -26.92
C ALA A 526 -6.18 -32.72 -25.55
N ASP A 527 -5.00 -32.23 -25.17
CA ASP A 527 -4.46 -32.38 -23.82
C ASP A 527 -3.59 -31.16 -23.53
N SER A 528 -3.14 -31.05 -22.29
CA SER A 528 -2.27 -29.95 -21.90
C SER A 528 -1.53 -30.32 -20.63
N VAL A 529 -0.36 -29.74 -20.46
CA VAL A 529 0.41 -29.87 -19.22
C VAL A 529 0.89 -28.49 -18.81
N TRP A 530 1.08 -28.31 -17.50
CA TRP A 530 1.71 -27.13 -16.93
C TRP A 530 3.13 -27.49 -16.51
N VAL A 531 4.08 -26.61 -16.80
CA VAL A 531 5.50 -26.89 -16.58
C VAL A 531 6.13 -25.70 -15.87
N ASP A 532 6.77 -25.96 -14.74
CA ASP A 532 7.46 -24.94 -13.99
C ASP A 532 8.87 -24.73 -14.54
N VAL A 533 9.32 -23.48 -14.51
CA VAL A 533 10.69 -23.10 -14.84
C VAL A 533 11.28 -22.45 -13.60
N LYS A 534 12.53 -22.75 -13.28
CA LYS A 534 13.07 -22.16 -12.06
C LYS A 534 13.09 -20.64 -12.20
N ASP A 535 12.69 -19.97 -11.13
CA ASP A 535 12.61 -18.53 -11.14
C ASP A 535 14.00 -17.93 -11.13
N SER A 536 14.25 -17.01 -12.06
CA SER A 536 15.39 -16.13 -11.99
C SER A 536 15.01 -14.86 -12.73
N CYS A 537 15.89 -13.88 -12.69
CA CYS A 537 15.74 -12.76 -13.60
C CYS A 537 15.92 -13.25 -15.03
N VAL A 538 15.23 -12.59 -15.96
CA VAL A 538 15.44 -12.87 -17.37
C VAL A 538 16.89 -12.59 -17.74
N GLY A 539 17.38 -11.40 -17.38
CA GLY A 539 18.79 -11.11 -17.44
C GLY A 539 19.46 -11.47 -16.13
N SER A 540 20.31 -10.59 -15.62
CA SER A 540 20.96 -10.84 -14.32
C SER A 540 21.46 -9.52 -13.76
N LEU A 541 21.57 -9.47 -12.43
CA LEU A 541 22.03 -8.28 -11.75
C LEU A 541 22.66 -8.68 -10.44
N VAL A 542 23.92 -8.30 -10.24
CA VAL A 542 24.68 -8.63 -9.03
C VAL A 542 25.40 -7.37 -8.56
N VAL A 543 25.33 -7.10 -7.25
CA VAL A 543 26.17 -6.09 -6.62
C VAL A 543 27.10 -6.81 -5.65
N LYS A 544 28.39 -6.50 -5.74
CA LYS A 544 29.38 -7.11 -4.88
C LYS A 544 30.49 -6.10 -4.63
N SER A 545 31.53 -6.52 -3.90
CA SER A 545 32.64 -5.64 -3.61
C SER A 545 33.63 -5.64 -4.76
N GLY A 546 34.16 -4.47 -5.07
CA GLY A 546 35.20 -4.34 -6.07
C GLY A 546 36.59 -4.29 -5.43
N GLN A 547 36.68 -4.75 -4.19
CA GLN A 547 37.91 -4.75 -3.43
C GLN A 547 38.15 -6.14 -2.85
N SER A 548 39.32 -6.31 -2.24
CA SER A 548 39.65 -7.53 -1.51
C SER A 548 39.28 -7.35 -0.04
N GLU A 549 38.58 -8.32 0.53
CA GLU A 549 38.01 -8.14 1.86
C GLU A 549 39.07 -8.48 2.91
N ASP A 550 40.16 -7.73 2.90
CA ASP A 550 41.18 -7.91 3.93
C ASP A 550 40.64 -7.55 5.29
N ARG A 551 39.73 -6.58 5.35
CA ARG A 551 39.08 -6.21 6.60
C ARG A 551 37.76 -5.52 6.26
N GLN A 552 36.95 -5.32 7.29
CA GLN A 552 35.72 -4.55 7.15
C GLN A 552 36.05 -3.06 7.08
N PRO A 553 35.29 -2.28 6.31
CA PRO A 553 35.59 -0.85 6.20
C PRO A 553 35.35 -0.10 7.51
N VAL A 554 35.97 1.07 7.62
CA VAL A 554 35.76 1.98 8.74
C VAL A 554 34.85 3.13 8.30
N PRO A 555 34.25 3.88 9.23
CA PRO A 555 33.38 4.99 8.82
C PRO A 555 34.10 5.98 7.92
N GLY A 556 33.36 6.54 6.97
CA GLY A 556 33.89 7.49 6.02
C GLY A 556 34.80 6.93 4.95
N GLN A 557 35.06 5.63 4.97
CA GLN A 557 36.02 5.05 4.04
C GLN A 557 35.46 4.99 2.63
N GLN A 558 36.32 5.29 1.66
CA GLN A 558 35.98 5.14 0.25
C GLN A 558 35.99 3.66 -0.11
N MET A 559 35.05 3.26 -0.96
CA MET A 559 34.89 1.86 -1.31
C MET A 559 34.36 1.77 -2.73
N THR A 560 34.81 0.75 -3.46
CA THR A 560 34.39 0.53 -4.83
C THR A 560 33.27 -0.50 -4.87
N LEU A 561 32.13 -0.10 -5.41
CA LEU A 561 31.03 -1.02 -5.67
C LEU A 561 31.16 -1.60 -7.08
N LYS A 562 30.87 -2.88 -7.21
CA LYS A 562 30.93 -3.57 -8.50
C LYS A 562 29.52 -4.00 -8.89
N ILE A 563 29.01 -3.44 -9.99
CA ILE A 563 27.68 -3.77 -10.49
C ILE A 563 27.86 -4.56 -11.79
N GLU A 564 27.28 -5.76 -11.83
CA GLU A 564 27.35 -6.64 -12.98
C GLU A 564 25.94 -6.87 -13.49
N GLY A 565 25.68 -6.49 -14.73
CA GLY A 565 24.35 -6.64 -15.28
C GLY A 565 24.36 -6.62 -16.79
N ASP A 566 23.15 -6.57 -17.34
CA ASP A 566 22.99 -6.61 -18.79
C ASP A 566 23.40 -5.30 -19.42
N HIS A 567 24.04 -5.40 -20.58
CA HIS A 567 24.50 -4.21 -21.31
C HIS A 567 23.32 -3.29 -21.62
N GLY A 568 23.45 -2.04 -21.20
CA GLY A 568 22.44 -1.04 -21.47
C GLY A 568 21.32 -0.94 -20.44
N ALA A 569 21.33 -1.79 -19.42
CA ALA A 569 20.31 -1.70 -18.39
C ALA A 569 20.50 -0.44 -17.56
N ARG A 570 19.39 0.13 -17.12
CA ARG A 570 19.41 1.22 -16.14
C ARG A 570 19.31 0.60 -14.75
N VAL A 571 20.28 0.90 -13.90
CA VAL A 571 20.35 0.35 -12.55
C VAL A 571 20.05 1.46 -11.55
N VAL A 572 19.15 1.18 -10.61
CA VAL A 572 18.79 2.13 -9.56
C VAL A 572 19.11 1.49 -8.21
N LEU A 573 19.65 2.30 -7.30
CA LEU A 573 20.26 1.78 -6.08
C LEU A 573 19.63 2.40 -4.83
N VAL A 574 19.87 1.75 -3.70
CA VAL A 574 19.59 2.31 -2.38
C VAL A 574 20.47 1.59 -1.36
N ALA A 575 20.89 2.32 -0.33
CA ALA A 575 21.61 1.76 0.79
C ALA A 575 20.83 2.04 2.06
N VAL A 576 20.56 1.01 2.85
CA VAL A 576 19.69 1.11 4.01
C VAL A 576 20.40 0.51 5.23
N ASP A 577 20.35 1.23 6.35
CA ASP A 577 20.86 0.69 7.61
C ASP A 577 19.99 -0.48 8.03
N LYS A 578 20.64 -1.62 8.31
CA LYS A 578 19.86 -2.82 8.63
C LYS A 578 19.08 -2.66 9.92
N GLY A 579 19.44 -1.69 10.77
CA GLY A 579 18.62 -1.39 11.93
C GLY A 579 17.20 -1.03 11.56
N VAL A 580 17.00 -0.44 10.38
CA VAL A 580 15.66 -0.14 9.89
C VAL A 580 14.83 -1.42 9.80
N PHE A 581 15.44 -2.50 9.30
CA PHE A 581 14.70 -3.73 9.09
C PHE A 581 14.40 -4.46 10.40
N VAL A 582 15.14 -4.16 11.49
CA VAL A 582 14.78 -4.71 12.78
C VAL A 582 13.42 -4.19 13.22
N LEU A 583 13.09 -2.95 12.86
CA LEU A 583 11.80 -2.38 13.26
C LEU A 583 10.69 -2.76 12.29
N ASN A 584 11.00 -2.86 11.00
CA ASN A 584 9.98 -3.18 10.01
C ASN A 584 10.68 -3.76 8.79
N LYS A 585 10.29 -4.97 8.38
CA LYS A 585 10.88 -5.63 7.23
C LYS A 585 9.83 -6.00 6.18
N LYS A 586 8.67 -5.35 6.21
CA LYS A 586 7.57 -5.68 5.30
C LYS A 586 7.61 -4.79 4.06
N ASN A 587 7.01 -5.30 2.98
CA ASN A 587 6.69 -4.57 1.75
C ASN A 587 7.91 -4.27 0.89
N LYS A 588 9.02 -4.99 1.08
CA LYS A 588 10.20 -4.77 0.25
C LYS A 588 10.02 -5.44 -1.11
N LEU A 589 10.53 -4.79 -2.16
CA LEU A 589 10.47 -5.34 -3.50
C LEU A 589 11.50 -6.45 -3.65
N THR A 590 11.08 -7.60 -4.18
CA THR A 590 11.96 -8.71 -4.50
C THR A 590 11.52 -9.35 -5.81
N GLN A 591 12.45 -10.08 -6.43
CA GLN A 591 12.13 -10.75 -7.70
C GLN A 591 11.11 -11.86 -7.49
N SER A 592 11.17 -12.56 -6.35
CA SER A 592 10.19 -13.59 -6.05
C SER A 592 8.78 -13.01 -5.97
N LYS A 593 8.66 -11.79 -5.45
CA LYS A 593 7.34 -11.17 -5.40
C LYS A 593 6.85 -10.77 -6.78
N ILE A 594 7.77 -10.37 -7.67
CA ILE A 594 7.36 -10.01 -9.03
C ILE A 594 6.79 -11.22 -9.75
N TRP A 595 7.47 -12.36 -9.66
CA TRP A 595 6.97 -13.56 -10.34
C TRP A 595 5.68 -14.07 -9.71
N ASP A 596 5.50 -13.89 -8.40
CA ASP A 596 4.24 -14.26 -7.77
C ASP A 596 3.09 -13.44 -8.34
N VAL A 597 3.30 -12.14 -8.53
CA VAL A 597 2.30 -11.29 -9.16
C VAL A 597 2.01 -11.78 -10.58
N VAL A 598 3.06 -12.08 -11.33
CA VAL A 598 2.90 -12.63 -12.67
C VAL A 598 2.09 -13.91 -12.62
N GLU A 599 2.36 -14.77 -11.64
CA GLU A 599 1.64 -16.03 -11.57
C GLU A 599 0.19 -15.84 -11.14
N LYS A 600 -0.10 -14.90 -10.26
CA LYS A 600 -1.53 -14.66 -9.93
C LYS A 600 -2.33 -14.25 -11.15
N ALA A 601 -1.69 -13.58 -12.11
CA ALA A 601 -2.38 -13.01 -13.24
C ALA A 601 -2.53 -14.00 -14.38
N ASP A 602 -2.10 -15.24 -14.22
CA ASP A 602 -2.23 -16.22 -15.29
C ASP A 602 -3.70 -16.39 -15.68
N ILE A 603 -3.96 -16.51 -16.98
CA ILE A 603 -5.33 -16.72 -17.44
C ILE A 603 -5.65 -18.20 -17.60
N GLY A 604 -4.65 -19.06 -17.71
CA GLY A 604 -4.87 -20.48 -17.48
C GLY A 604 -5.12 -20.75 -16.01
N CYS A 605 -5.93 -21.78 -15.74
CA CYS A 605 -6.45 -21.97 -14.38
C CYS A 605 -6.22 -23.34 -13.76
N THR A 606 -5.87 -24.36 -14.52
CA THR A 606 -5.71 -25.72 -14.00
C THR A 606 -4.34 -26.27 -14.37
N PRO A 607 -3.91 -27.35 -13.72
CA PRO A 607 -2.62 -27.97 -14.10
C PRO A 607 -2.64 -28.70 -15.43
N GLY A 608 -3.80 -28.93 -16.03
CA GLY A 608 -3.84 -29.60 -17.32
C GLY A 608 -5.01 -30.53 -17.54
N SER A 609 -5.06 -31.12 -18.74
CA SER A 609 -6.20 -31.88 -19.24
C SER A 609 -7.51 -31.09 -19.09
N GLY A 610 -8.63 -31.81 -19.10
CA GLY A 610 -9.95 -31.20 -19.00
C GLY A 610 -10.98 -32.28 -19.16
N LYS A 611 -12.25 -31.92 -18.90
CA LYS A 611 -13.33 -32.88 -19.07
C LYS A 611 -13.64 -33.22 -20.53
N ASP A 612 -13.17 -32.43 -21.48
CA ASP A 612 -13.36 -32.71 -22.90
C ASP A 612 -12.41 -31.78 -23.64
N TYR A 613 -12.37 -31.92 -24.97
CA TYR A 613 -11.43 -31.11 -25.75
C TYR A 613 -11.65 -29.62 -25.51
N ALA A 614 -12.92 -29.20 -25.41
CA ALA A 614 -13.21 -27.79 -25.15
C ALA A 614 -12.68 -27.37 -23.78
N GLY A 615 -12.89 -28.20 -22.76
CA GLY A 615 -12.40 -27.89 -21.43
C GLY A 615 -10.89 -27.84 -21.35
N VAL A 616 -10.21 -28.65 -22.16
CA VAL A 616 -8.75 -28.60 -22.19
C VAL A 616 -8.27 -27.23 -22.63
N PHE A 617 -8.81 -26.73 -23.74
CA PHE A 617 -8.44 -25.41 -24.24
C PHE A 617 -8.77 -24.32 -23.22
N SER A 618 -10.03 -24.25 -22.78
CA SER A 618 -10.46 -23.17 -21.89
C SER A 618 -9.67 -23.16 -20.59
N ASP A 619 -9.44 -24.32 -19.99
CA ASP A 619 -8.73 -24.38 -18.71
C ASP A 619 -7.28 -23.94 -18.83
N ALA A 620 -6.70 -24.03 -20.02
CA ALA A 620 -5.34 -23.55 -20.26
C ALA A 620 -5.31 -22.10 -20.70
N GLY A 621 -6.46 -21.45 -20.81
CA GLY A 621 -6.53 -20.04 -21.18
C GLY A 621 -6.72 -19.77 -22.65
N LEU A 622 -7.24 -20.72 -23.43
CA LEU A 622 -7.33 -20.58 -24.87
C LEU A 622 -8.77 -20.71 -25.35
N THR A 623 -9.09 -19.98 -26.41
CA THR A 623 -10.25 -20.29 -27.23
C THR A 623 -9.83 -21.24 -28.34
N PHE A 624 -10.79 -22.00 -28.83
CA PHE A 624 -10.66 -22.76 -30.07
C PHE A 624 -11.96 -22.61 -30.81
N THR A 625 -11.90 -22.25 -32.09
CA THR A 625 -13.09 -22.12 -32.91
C THR A 625 -12.80 -22.64 -34.30
N SER A 626 -13.64 -23.54 -34.78
CA SER A 626 -13.48 -24.15 -36.10
C SER A 626 -14.70 -23.81 -36.97
N SER A 627 -14.47 -23.84 -38.28
CA SER A 627 -15.53 -23.52 -39.24
C SER A 627 -16.64 -24.56 -39.24
N SER A 628 -16.38 -25.77 -38.73
CA SER A 628 -17.38 -26.82 -38.68
C SER A 628 -18.07 -26.93 -37.32
N GLY A 629 -17.97 -25.89 -36.49
CA GLY A 629 -18.78 -25.77 -35.29
C GLY A 629 -18.10 -26.17 -33.99
N GLN A 630 -16.97 -26.86 -34.05
CA GLN A 630 -16.27 -27.24 -32.83
C GLN A 630 -15.65 -26.01 -32.19
N GLN A 631 -16.01 -25.71 -30.94
CA GLN A 631 -15.47 -24.53 -30.30
C GLN A 631 -15.55 -24.65 -28.78
N THR A 632 -14.77 -23.81 -28.11
CA THR A 632 -14.84 -23.68 -26.66
C THR A 632 -16.10 -22.93 -26.26
N ALA A 633 -16.52 -23.16 -25.02
CA ALA A 633 -17.61 -22.39 -24.46
C ALA A 633 -17.13 -21.00 -24.06
N GLN A 634 -18.10 -20.10 -23.87
CA GLN A 634 -17.78 -18.77 -23.34
C GLN A 634 -17.14 -18.88 -21.97
N ARG A 635 -16.11 -18.07 -21.74
CA ARG A 635 -15.53 -17.96 -20.40
C ARG A 635 -16.36 -16.98 -19.58
N ALA A 636 -16.76 -17.40 -18.38
CA ALA A 636 -17.72 -16.62 -17.62
C ALA A 636 -17.07 -15.44 -16.91
N GLU A 637 -15.92 -15.64 -16.29
CA GLU A 637 -15.35 -14.63 -15.40
C GLU A 637 -13.89 -14.37 -15.73
N LEU A 638 -13.44 -13.17 -15.36
CA LEU A 638 -12.04 -12.79 -15.57
C LEU A 638 -11.11 -13.56 -14.65
N GLN A 639 -11.60 -14.01 -13.50
CA GLN A 639 -10.78 -14.71 -12.52
C GLN A 639 -10.99 -16.21 -12.64
N CYS A 640 -9.98 -16.95 -12.19
CA CYS A 640 -10.05 -18.41 -12.22
C CYS A 640 -11.10 -18.91 -11.24
N PRO A 641 -11.85 -19.95 -11.59
CA PRO A 641 -12.83 -20.52 -10.65
C PRO A 641 -12.15 -21.03 -9.39
N GLN A 642 -12.98 -21.28 -8.38
CA GLN A 642 -12.49 -21.75 -7.09
C GLN A 642 -13.40 -22.83 -6.53
N SER B 1 49.02 26.59 29.88
CA SER B 1 48.96 25.49 30.84
C SER B 1 50.18 24.60 30.74
N ASN B 2 50.23 23.57 31.58
CA ASN B 2 51.38 22.66 31.64
C ASN B 2 51.02 21.19 31.59
N LEU B 3 49.76 20.81 31.82
CA LEU B 3 49.42 19.41 31.96
C LEU B 3 49.64 18.66 30.64
N ASP B 4 50.34 17.54 30.72
CA ASP B 4 50.75 16.76 29.56
C ASP B 4 50.27 15.33 29.76
N GLU B 5 49.30 14.91 28.95
CA GLU B 5 48.67 13.61 29.11
C GLU B 5 48.83 12.78 27.83
N ASP B 6 48.99 11.47 28.03
CA ASP B 6 49.26 10.55 26.93
C ASP B 6 47.95 10.10 26.29
N ILE B 7 47.33 11.05 25.59
CA ILE B 7 45.97 10.86 25.08
C ILE B 7 45.74 11.86 23.96
N ILE B 8 44.95 11.47 22.97
CA ILE B 8 44.55 12.42 21.94
C ILE B 8 43.72 13.52 22.58
N ALA B 9 44.01 14.76 22.21
CA ALA B 9 43.31 15.91 22.80
C ALA B 9 41.95 16.08 22.15
N GLU B 10 41.01 16.62 22.94
CA GLU B 10 39.63 16.80 22.49
C GLU B 10 39.57 17.64 21.21
N GLU B 11 40.47 18.62 21.08
CA GLU B 11 40.44 19.50 19.93
C GLU B 11 40.73 18.76 18.63
N ASN B 12 41.45 17.65 18.70
CA ASN B 12 41.84 16.88 17.53
C ASN B 12 40.92 15.70 17.26
N ILE B 13 39.73 15.69 17.87
CA ILE B 13 38.71 14.69 17.60
C ILE B 13 37.60 15.35 16.80
N VAL B 14 37.34 14.83 15.60
CA VAL B 14 36.21 15.27 14.78
C VAL B 14 35.13 14.19 14.88
N SER B 15 33.99 14.56 15.46
CA SER B 15 32.97 13.58 15.81
C SER B 15 32.26 13.06 14.56
N ARG B 16 31.89 11.78 14.61
CA ARG B 16 31.04 11.20 13.58
C ARG B 16 29.65 11.80 13.66
N SER B 17 29.03 12.05 12.50
CA SER B 17 27.78 12.81 12.50
C SER B 17 26.83 12.46 11.37
N GLU B 18 27.30 11.76 10.32
CA GLU B 18 26.46 11.48 9.16
C GLU B 18 25.85 10.10 9.35
N PHE B 19 24.64 10.08 9.92
CA PHE B 19 23.97 8.81 10.23
C PHE B 19 22.62 8.69 9.50
N PRO B 20 22.58 8.80 8.18
CA PRO B 20 21.30 8.64 7.48
C PRO B 20 20.80 7.21 7.63
N GLU B 21 19.47 7.05 7.59
CA GLU B 21 18.91 5.72 7.60
C GLU B 21 18.94 5.09 6.22
N SER B 22 18.94 5.91 5.17
CA SER B 22 19.15 5.43 3.81
C SER B 22 19.93 6.48 3.02
N TRP B 23 20.70 5.99 2.05
CA TRP B 23 21.48 6.85 1.17
C TRP B 23 21.69 6.09 -0.14
N LEU B 24 22.57 6.62 -1.01
CA LEU B 24 22.90 5.98 -2.29
C LEU B 24 21.66 5.81 -3.18
N TRP B 25 20.76 6.80 -3.13
CA TRP B 25 19.59 6.83 -4.01
C TRP B 25 20.05 7.27 -5.41
N ASN B 26 20.73 6.34 -6.09
CA ASN B 26 21.51 6.67 -7.28
C ASN B 26 20.99 5.90 -8.49
N VAL B 27 21.25 6.47 -9.67
CA VAL B 27 20.90 5.87 -10.96
C VAL B 27 22.18 5.68 -11.76
N GLU B 28 22.39 4.46 -12.24
CA GLU B 28 23.57 4.12 -13.03
C GLU B 28 23.16 3.36 -14.28
N ASP B 29 23.77 3.71 -15.40
CA ASP B 29 23.52 3.04 -16.67
C ASP B 29 24.73 2.21 -17.06
N LEU B 30 24.51 0.93 -17.34
CA LEU B 30 25.58 -0.01 -17.68
C LEU B 30 25.95 0.15 -19.15
N LYS B 31 26.75 1.18 -19.42
CA LYS B 31 27.19 1.51 -20.76
C LYS B 31 28.46 0.79 -21.18
N GLU B 32 29.13 0.11 -20.25
CA GLU B 32 30.41 -0.50 -20.54
C GLU B 32 30.24 -1.67 -21.53
N PRO B 33 31.23 -1.91 -22.39
CA PRO B 33 31.14 -3.01 -23.35
C PRO B 33 31.11 -4.35 -22.64
N PRO B 34 30.15 -5.21 -22.96
CA PRO B 34 30.01 -6.47 -22.22
C PRO B 34 31.09 -7.47 -22.58
N LYS B 35 31.42 -8.32 -21.60
CA LYS B 35 32.43 -9.35 -21.81
C LYS B 35 31.75 -10.70 -22.05
N ASN B 36 31.13 -11.25 -21.01
CA ASN B 36 30.34 -12.48 -21.15
C ASN B 36 28.87 -12.19 -21.35
N GLY B 37 28.54 -11.21 -22.19
CA GLY B 37 27.21 -10.64 -22.18
C GLY B 37 26.87 -9.88 -20.91
N ILE B 38 27.86 -9.69 -20.02
CA ILE B 38 27.67 -9.03 -18.74
C ILE B 38 28.48 -7.74 -18.76
N SER B 39 27.83 -6.62 -18.48
CA SER B 39 28.47 -5.32 -18.39
C SER B 39 28.77 -5.01 -16.93
N THR B 40 30.01 -4.60 -16.65
CA THR B 40 30.46 -4.35 -15.30
C THR B 40 30.74 -2.86 -15.11
N LYS B 41 30.23 -2.30 -14.02
CA LYS B 41 30.47 -0.90 -13.67
C LYS B 41 31.13 -0.84 -12.30
N LEU B 42 32.30 -0.21 -12.24
CA LEU B 42 32.99 0.04 -10.98
C LEU B 42 32.60 1.42 -10.46
N MET B 43 32.11 1.46 -9.23
CA MET B 43 31.49 2.65 -8.66
C MET B 43 32.11 2.95 -7.30
N ASN B 44 32.71 4.14 -7.17
CA ASN B 44 33.33 4.55 -5.92
C ASN B 44 32.30 5.26 -5.05
N ILE B 45 32.10 4.75 -3.85
CA ILE B 45 31.18 5.35 -2.89
C ILE B 45 31.95 5.69 -1.63
N PHE B 46 31.40 6.62 -0.86
CA PHE B 46 31.99 7.00 0.42
C PHE B 46 31.01 6.61 1.52
N LEU B 47 31.43 5.67 2.36
CA LEU B 47 30.58 5.16 3.41
C LEU B 47 30.28 6.22 4.44
N LYS B 48 29.08 6.16 5.00
CA LYS B 48 28.65 7.13 6.01
C LYS B 48 29.38 6.86 7.32
N ASP B 49 28.95 7.54 8.38
CA ASP B 49 29.63 7.43 9.67
C ASP B 49 29.04 6.35 10.57
N SER B 50 27.89 5.78 10.22
CA SER B 50 27.26 4.80 11.10
C SER B 50 28.10 3.54 11.21
N ILE B 51 28.14 2.98 12.42
CA ILE B 51 28.76 1.69 12.67
C ILE B 51 27.64 0.68 12.70
N THR B 52 27.47 -0.03 11.59
CA THR B 52 26.29 -0.83 11.31
C THR B 52 26.61 -1.72 10.12
N THR B 53 25.60 -2.41 9.60
CA THR B 53 25.67 -3.07 8.31
C THR B 53 24.69 -2.38 7.37
N TRP B 54 25.19 -1.97 6.20
CA TRP B 54 24.33 -1.41 5.18
C TRP B 54 23.84 -2.55 4.29
N GLU B 55 22.57 -2.48 3.89
CA GLU B 55 22.02 -3.39 2.89
C GLU B 55 21.81 -2.58 1.60
N ILE B 56 22.58 -2.91 0.58
CA ILE B 56 22.52 -2.21 -0.70
C ILE B 56 21.65 -3.04 -1.66
N LEU B 57 20.59 -2.43 -2.17
CA LEU B 57 19.68 -3.09 -3.10
C LEU B 57 19.76 -2.41 -4.45
N ALA B 58 19.91 -3.21 -5.50
CA ALA B 58 19.90 -2.73 -6.88
C ALA B 58 18.71 -3.32 -7.62
N VAL B 59 18.07 -2.49 -8.44
CA VAL B 59 17.05 -2.92 -9.39
C VAL B 59 17.48 -2.42 -10.75
N SER B 60 17.37 -3.28 -11.76
CA SER B 60 17.76 -2.90 -13.11
C SER B 60 16.59 -3.05 -14.08
N MET B 61 16.55 -2.18 -15.07
CA MET B 61 15.53 -2.19 -16.10
C MET B 61 16.20 -2.19 -17.46
N SER B 62 15.78 -3.11 -18.34
CA SER B 62 16.37 -3.30 -19.64
C SER B 62 15.27 -3.44 -20.68
N ASP B 63 15.53 -2.92 -21.88
CA ASP B 63 14.52 -3.01 -22.93
C ASP B 63 14.32 -4.45 -23.38
N LYS B 64 15.39 -5.22 -23.47
CA LYS B 64 15.30 -6.61 -23.93
C LYS B 64 15.03 -7.59 -22.79
N LYS B 65 15.51 -7.32 -21.58
CA LYS B 65 15.46 -8.29 -20.50
C LYS B 65 14.49 -7.94 -19.38
N GLY B 66 13.88 -6.76 -19.40
CA GLY B 66 12.89 -6.43 -18.38
C GLY B 66 13.51 -6.00 -17.07
N ILE B 67 12.82 -6.34 -15.98
CA ILE B 67 13.15 -5.86 -14.64
C ILE B 67 13.84 -6.96 -13.85
N CYS B 68 14.89 -6.60 -13.11
CA CYS B 68 15.60 -7.56 -12.28
C CYS B 68 15.96 -6.92 -10.95
N VAL B 69 15.51 -7.54 -9.87
CA VAL B 69 15.83 -7.12 -8.50
C VAL B 69 16.97 -8.00 -8.01
N ALA B 70 18.12 -7.38 -7.73
CA ALA B 70 19.27 -8.15 -7.29
C ALA B 70 19.07 -8.66 -5.87
N ASP B 71 19.85 -9.68 -5.52
CA ASP B 71 19.98 -10.06 -4.13
C ASP B 71 20.63 -8.90 -3.36
N PRO B 72 20.23 -8.67 -2.11
CA PRO B 72 20.87 -7.61 -1.33
C PRO B 72 22.35 -7.89 -1.13
N PHE B 73 23.14 -6.81 -1.07
CA PHE B 73 24.56 -6.87 -0.81
C PHE B 73 24.84 -6.10 0.46
N GLU B 74 25.60 -6.70 1.37
CA GLU B 74 25.82 -6.14 2.70
C GLU B 74 27.24 -5.62 2.84
N VAL B 75 27.37 -4.47 3.50
CA VAL B 75 28.66 -3.88 3.85
C VAL B 75 28.61 -3.55 5.34
N THR B 76 29.40 -4.25 6.14
CA THR B 76 29.51 -3.98 7.57
C THR B 76 30.61 -2.95 7.80
N VAL B 77 30.27 -1.84 8.47
CA VAL B 77 31.22 -0.80 8.81
C VAL B 77 31.49 -0.88 10.30
N MET B 78 32.76 -0.98 10.68
CA MET B 78 33.14 -1.48 12.00
C MET B 78 34.46 -0.86 12.41
N GLN B 79 34.75 -0.94 13.71
CA GLN B 79 35.86 -0.22 14.32
C GLN B 79 36.07 -0.75 15.74
N ASP B 80 37.31 -0.75 16.19
CA ASP B 80 37.65 -1.45 17.44
C ASP B 80 37.11 -0.74 18.67
N PHE B 81 37.06 0.59 18.66
CA PHE B 81 36.63 1.36 19.81
C PHE B 81 35.72 2.48 19.35
N PHE B 82 34.55 2.61 19.96
CA PHE B 82 33.60 3.63 19.50
C PHE B 82 32.52 3.85 20.54
N ILE B 83 31.82 4.99 20.37
CA ILE B 83 30.68 5.38 21.21
C ILE B 83 29.39 5.05 20.47
N ASP B 84 28.41 4.53 21.20
CA ASP B 84 27.03 4.48 20.72
C ASP B 84 26.22 5.41 21.62
N LEU B 85 25.94 6.61 21.10
CA LEU B 85 25.19 7.61 21.84
C LEU B 85 23.70 7.35 21.65
N ARG B 86 23.05 6.83 22.68
CA ARG B 86 21.65 6.41 22.60
C ARG B 86 20.75 7.58 23.00
N LEU B 87 20.22 8.28 22.00
CA LEU B 87 19.31 9.38 22.28
C LEU B 87 17.86 8.96 22.02
N PRO B 88 16.91 9.51 22.79
CA PRO B 88 15.51 9.24 22.51
C PRO B 88 15.13 9.90 21.19
N TYR B 89 13.96 9.54 20.67
CA TYR B 89 13.45 10.24 19.50
C TYR B 89 13.22 11.71 19.82
N SER B 90 12.62 11.99 20.98
CA SER B 90 12.30 13.37 21.35
C SER B 90 12.34 13.48 22.87
N VAL B 91 12.47 14.73 23.34
CA VAL B 91 12.48 15.04 24.76
C VAL B 91 11.69 16.33 24.96
N VAL B 92 11.12 16.47 26.15
CA VAL B 92 10.29 17.62 26.49
C VAL B 92 11.18 18.73 27.03
N ARG B 93 10.94 19.95 26.56
CA ARG B 93 11.68 21.12 27.04
C ARG B 93 11.61 21.22 28.55
N ASN B 94 12.74 21.53 29.17
CA ASN B 94 12.90 21.82 30.60
C ASN B 94 12.75 20.59 31.49
N GLU B 95 12.60 19.40 30.93
CA GLU B 95 12.47 18.18 31.70
C GLU B 95 13.81 17.44 31.70
N GLN B 96 14.25 17.04 32.89
CA GLN B 96 15.55 16.37 33.04
C GLN B 96 15.46 14.94 32.56
N VAL B 97 16.46 14.51 31.79
CA VAL B 97 16.56 13.14 31.32
C VAL B 97 17.98 12.63 31.54
N GLU B 98 18.11 11.31 31.51
CA GLU B 98 19.39 10.65 31.45
C GLU B 98 19.54 9.96 30.10
N ILE B 99 20.69 10.18 29.45
CA ILE B 99 21.05 9.49 28.22
C ILE B 99 22.29 8.65 28.52
N ARG B 100 22.54 7.68 27.65
CA ARG B 100 23.67 6.78 27.81
C ARG B 100 24.59 6.88 26.60
N ALA B 101 25.87 7.15 26.86
CA ALA B 101 26.93 6.97 25.87
C ALA B 101 27.54 5.60 26.14
N VAL B 102 27.34 4.66 25.21
CA VAL B 102 27.80 3.29 25.40
C VAL B 102 29.14 3.14 24.67
N LEU B 103 30.16 2.79 25.43
CA LEU B 103 31.54 2.71 24.93
C LEU B 103 31.88 1.25 24.68
N TYR B 104 32.32 0.94 23.46
CA TYR B 104 32.60 -0.43 23.06
C TYR B 104 34.10 -0.61 22.84
N ASN B 105 34.65 -1.66 23.45
CA ASN B 105 36.04 -2.08 23.24
C ASN B 105 35.99 -3.47 22.64
N TYR B 106 36.25 -3.57 21.33
CA TYR B 106 36.28 -4.85 20.65
C TYR B 106 37.70 -5.33 20.39
N ARG B 107 38.71 -4.67 20.96
CA ARG B 107 40.05 -5.24 20.98
C ARG B 107 40.01 -6.51 21.83
N GLN B 108 40.63 -7.58 21.33
CA GLN B 108 40.41 -8.90 21.90
C GLN B 108 41.23 -9.15 23.16
N ASN B 109 42.46 -8.64 23.23
CA ASN B 109 43.35 -8.93 24.34
C ASN B 109 43.91 -7.64 24.94
N GLN B 110 43.14 -6.56 24.87
CA GLN B 110 43.61 -5.26 25.31
C GLN B 110 42.49 -4.56 26.07
N GLU B 111 42.80 -4.15 27.30
CA GLU B 111 41.91 -3.35 28.11
C GLU B 111 42.22 -1.87 27.84
N LEU B 112 41.18 -1.04 27.85
CA LEU B 112 41.30 0.36 27.44
C LEU B 112 40.91 1.27 28.59
N LYS B 113 41.83 2.15 28.97
CA LYS B 113 41.53 3.25 29.88
C LYS B 113 41.10 4.45 29.05
N VAL B 114 39.90 4.96 29.32
CA VAL B 114 39.21 5.85 28.41
C VAL B 114 38.74 7.09 29.16
N ARG B 115 38.92 8.26 28.56
CA ARG B 115 38.34 9.49 29.07
C ARG B 115 37.23 9.93 28.12
N VAL B 116 36.02 10.05 28.66
CA VAL B 116 34.83 10.41 27.89
C VAL B 116 34.32 11.75 28.40
N GLU B 117 33.79 12.57 27.47
CA GLU B 117 33.38 13.92 27.79
C GLU B 117 32.09 14.29 27.08
N LEU B 118 31.18 14.91 27.82
CA LEU B 118 29.99 15.54 27.25
C LEU B 118 30.30 17.00 26.97
N LEU B 119 30.00 17.46 25.76
CA LEU B 119 30.34 18.81 25.35
C LEU B 119 29.28 19.81 25.79
N HIS B 120 29.73 21.00 26.15
CA HIS B 120 28.82 22.08 26.51
C HIS B 120 28.01 22.54 25.29
N ASN B 121 26.77 22.94 25.54
CA ASN B 121 25.85 23.40 24.50
C ASN B 121 24.81 24.31 25.15
N PRO B 122 24.66 25.55 24.70
CA PRO B 122 23.69 26.46 25.32
C PRO B 122 22.25 26.00 25.20
N ALA B 123 21.96 25.02 24.35
CA ALA B 123 20.62 24.47 24.24
C ALA B 123 20.29 23.48 25.36
N PHE B 124 21.27 23.07 26.15
CA PHE B 124 21.07 22.12 27.23
C PHE B 124 21.66 22.66 28.52
N CYS B 125 21.12 22.19 29.63
CA CYS B 125 21.79 22.30 30.92
C CYS B 125 22.36 20.95 31.29
N SER B 126 23.65 20.92 31.61
CA SER B 126 24.31 19.71 32.07
C SER B 126 25.41 20.12 33.04
N LEU B 127 26.24 19.18 33.44
CA LEU B 127 27.37 19.51 34.29
C LEU B 127 28.55 20.09 33.51
N ALA B 128 28.45 20.15 32.18
CA ALA B 128 29.49 20.80 31.38
C ALA B 128 29.29 22.31 31.37
N THR B 129 30.40 23.04 31.49
CA THR B 129 30.43 24.49 31.37
C THR B 129 31.31 24.88 30.19
N THR B 130 31.39 26.19 29.92
CA THR B 130 32.33 26.63 28.90
C THR B 130 33.77 26.63 29.39
N LYS B 131 33.99 26.46 30.70
CA LYS B 131 35.34 26.36 31.23
C LYS B 131 35.87 24.93 31.20
N ARG B 132 35.03 23.94 31.55
CA ARG B 132 35.47 22.55 31.50
C ARG B 132 34.31 21.66 31.12
N ARG B 133 34.54 20.75 30.17
CA ARG B 133 33.52 19.81 29.78
C ARG B 133 33.32 18.77 30.89
N HIS B 134 32.17 18.13 30.87
CA HIS B 134 31.84 17.08 31.83
C HIS B 134 32.61 15.83 31.43
N GLN B 135 33.72 15.56 32.11
CA GLN B 135 34.64 14.50 31.72
C GLN B 135 34.66 13.37 32.74
N GLN B 136 34.92 12.16 32.25
CA GLN B 136 34.86 10.94 33.04
C GLN B 136 35.92 9.98 32.52
N THR B 137 36.64 9.34 33.44
CA THR B 137 37.67 8.37 33.10
C THR B 137 37.22 6.99 33.55
N VAL B 138 37.20 6.03 32.62
CA VAL B 138 36.70 4.69 32.87
C VAL B 138 37.68 3.68 32.26
N THR B 139 37.51 2.42 32.66
CA THR B 139 38.32 1.32 32.17
C THR B 139 37.42 0.25 31.56
N ILE B 140 37.68 -0.12 30.31
CA ILE B 140 36.83 -1.06 29.59
C ILE B 140 37.61 -2.34 29.28
N PRO B 141 37.26 -3.47 29.88
CA PRO B 141 37.97 -4.72 29.60
C PRO B 141 37.84 -5.11 28.14
N PRO B 142 38.70 -5.99 27.64
CA PRO B 142 38.55 -6.43 26.24
C PRO B 142 37.22 -7.13 26.06
N LYS B 143 36.72 -7.10 24.81
CA LYS B 143 35.49 -7.80 24.46
C LYS B 143 34.32 -7.34 25.32
N SER B 144 34.28 -6.06 25.64
CA SER B 144 33.29 -5.56 26.59
C SER B 144 32.83 -4.17 26.19
N SER B 145 31.80 -3.71 26.88
CA SER B 145 31.27 -2.37 26.69
C SER B 145 30.91 -1.78 28.04
N LEU B 146 30.77 -0.46 28.06
CA LEU B 146 30.48 0.26 29.30
C LEU B 146 29.52 1.40 28.99
N SER B 147 28.46 1.50 29.78
CA SER B 147 27.42 2.50 29.59
C SER B 147 27.69 3.67 30.52
N VAL B 148 27.92 4.84 29.94
CA VAL B 148 28.26 6.04 30.70
C VAL B 148 27.02 6.95 30.72
N PRO B 149 26.42 7.20 31.88
CA PRO B 149 25.23 8.05 31.94
C PRO B 149 25.58 9.52 31.92
N TYR B 150 24.77 10.29 31.20
CA TYR B 150 24.82 11.75 31.27
C TYR B 150 23.43 12.28 31.56
N VAL B 151 23.36 13.23 32.49
CA VAL B 151 22.11 13.87 32.89
C VAL B 151 22.05 15.25 32.27
N ILE B 152 21.01 15.53 31.50
CA ILE B 152 20.89 16.77 30.74
C ILE B 152 19.46 17.29 30.84
N VAL B 153 19.31 18.59 30.56
CA VAL B 153 18.00 19.24 30.51
C VAL B 153 17.91 20.04 29.21
N PRO B 154 16.99 19.72 28.31
CA PRO B 154 16.88 20.49 27.07
C PRO B 154 16.26 21.83 27.37
N LEU B 155 16.85 22.90 26.82
CA LEU B 155 16.40 24.24 27.15
C LEU B 155 15.69 24.95 26.01
N LYS B 156 15.74 24.44 24.78
CA LYS B 156 15.05 25.10 23.68
C LYS B 156 14.53 24.06 22.71
N THR B 157 13.34 24.33 22.19
CA THR B 157 12.62 23.42 21.32
C THR B 157 13.30 23.32 19.95
N GLY B 158 12.88 22.33 19.18
CA GLY B 158 13.42 22.10 17.85
C GLY B 158 14.52 21.06 17.84
N LEU B 159 15.19 20.98 16.70
CA LEU B 159 16.26 20.02 16.50
C LEU B 159 17.52 20.50 17.23
N GLN B 160 17.96 19.72 18.23
CA GLN B 160 19.16 20.04 18.98
C GLN B 160 20.11 18.85 18.94
N GLU B 161 21.36 19.09 19.34
CA GLU B 161 22.42 18.11 19.19
C GLU B 161 23.09 17.84 20.53
N VAL B 162 23.38 16.57 20.77
CA VAL B 162 24.22 16.11 21.88
C VAL B 162 25.51 15.59 21.29
N GLU B 163 26.64 15.91 21.93
CA GLU B 163 27.93 15.49 21.40
C GLU B 163 28.80 14.96 22.53
N VAL B 164 29.32 13.75 22.33
CA VAL B 164 30.18 13.07 23.29
C VAL B 164 31.45 12.65 22.57
N LYS B 165 32.59 12.82 23.22
CA LYS B 165 33.87 12.41 22.67
C LYS B 165 34.60 11.53 23.68
N ALA B 166 35.53 10.73 23.17
CA ALA B 166 36.29 9.83 24.01
C ALA B 166 37.64 9.53 23.37
N ALA B 167 38.66 9.36 24.21
CA ALA B 167 39.99 9.00 23.75
C ALA B 167 40.58 7.99 24.71
N VAL B 168 41.62 7.29 24.24
CA VAL B 168 42.24 6.19 24.97
C VAL B 168 43.65 6.61 25.38
N TYR B 169 43.95 6.44 26.67
CA TYR B 169 45.31 6.67 27.15
C TYR B 169 46.25 5.61 26.58
N HIS B 170 47.43 6.05 26.13
CA HIS B 170 48.55 5.22 25.68
C HIS B 170 48.29 4.51 24.35
N HIS B 171 47.08 4.64 23.79
CA HIS B 171 46.77 4.16 22.45
C HIS B 171 46.01 5.28 21.75
N PHE B 172 46.58 5.80 20.68
CA PHE B 172 46.11 7.07 20.12
C PHE B 172 44.97 6.82 19.13
N ILE B 173 43.85 6.38 19.70
CA ILE B 173 42.58 6.25 19.00
C ILE B 173 41.54 7.07 19.75
N SER B 174 40.44 7.35 19.08
CA SER B 174 39.41 8.22 19.63
C SER B 174 38.11 8.00 18.88
N ASP B 175 37.05 8.62 19.39
CA ASP B 175 35.76 8.62 18.73
C ASP B 175 34.95 9.80 19.26
N GLY B 176 34.08 10.32 18.40
CA GLY B 176 33.09 11.28 18.82
C GLY B 176 31.79 11.02 18.08
N VAL B 177 30.68 11.34 18.75
CA VAL B 177 29.36 11.21 18.14
C VAL B 177 28.60 12.52 18.35
N ARG B 178 28.17 13.13 17.26
CA ARG B 178 27.28 14.28 17.28
C ARG B 178 25.95 13.83 16.68
N LYS B 179 24.92 13.76 17.52
CA LYS B 179 23.64 13.16 17.17
C LYS B 179 22.50 14.09 17.60
N SER B 180 21.46 14.15 16.78
CA SER B 180 20.37 15.10 16.98
C SER B 180 19.15 14.42 17.59
N LEU B 181 18.30 15.24 18.22
CA LEU B 181 17.05 14.77 18.78
C LEU B 181 16.08 15.95 18.80
N LYS B 182 14.79 15.65 18.80
CA LYS B 182 13.77 16.67 18.72
C LYS B 182 13.37 17.10 20.13
N VAL B 183 13.50 18.39 20.42
CA VAL B 183 13.01 18.95 21.67
C VAL B 183 11.63 19.54 21.42
N VAL B 184 10.65 19.05 22.15
CA VAL B 184 9.25 19.42 21.93
C VAL B 184 8.76 20.14 23.18
N PRO B 185 7.71 20.95 23.05
CA PRO B 185 7.15 21.62 24.23
C PRO B 185 6.34 20.65 25.08
N GLU B 186 5.94 21.13 26.25
CA GLU B 186 5.22 20.31 27.22
C GLU B 186 3.75 20.11 26.86
N GLY B 187 3.24 20.80 25.84
CA GLY B 187 1.83 20.68 25.49
C GLY B 187 1.56 19.51 24.57
N ILE B 188 0.47 18.79 24.85
CA ILE B 188 0.08 17.63 24.06
C ILE B 188 -0.65 18.08 22.81
N ARG B 189 -0.42 17.39 21.70
CA ARG B 189 -1.12 17.69 20.47
C ARG B 189 -2.62 17.54 20.67
N MET B 190 -3.39 18.46 20.10
CA MET B 190 -4.84 18.45 20.24
C MET B 190 -5.49 18.85 18.93
N ASN B 191 -6.45 18.03 18.48
CA ASN B 191 -7.25 18.35 17.30
C ASN B 191 -8.68 18.62 17.75
N LYS B 192 -9.13 19.86 17.54
CA LYS B 192 -10.48 20.29 17.94
C LYS B 192 -11.19 20.82 16.69
N THR B 193 -12.07 20.01 16.12
CA THR B 193 -12.86 20.42 14.97
C THR B 193 -13.86 21.50 15.40
N VAL B 194 -13.78 22.66 14.77
CA VAL B 194 -14.62 23.79 15.17
C VAL B 194 -15.94 23.81 14.40
N ALA B 195 -15.92 23.44 13.12
CA ALA B 195 -17.13 23.47 12.32
C ALA B 195 -16.96 22.59 11.09
N VAL B 196 -18.04 21.91 10.70
CA VAL B 196 -18.09 21.10 9.50
C VAL B 196 -19.34 21.49 8.73
N ARG B 197 -19.17 22.02 7.52
CA ARG B 197 -20.28 22.51 6.72
C ARG B 197 -20.26 21.87 5.34
N THR B 198 -21.46 21.68 4.78
CA THR B 198 -21.60 21.18 3.43
C THR B 198 -21.75 22.34 2.45
N LEU B 199 -21.30 22.11 1.22
CA LEU B 199 -21.29 23.15 0.20
C LEU B 199 -22.05 22.65 -1.03
N ASP B 200 -23.14 23.33 -1.38
CA ASP B 200 -23.91 23.02 -2.58
C ASP B 200 -24.63 24.28 -3.02
N PRO B 201 -24.00 25.07 -3.90
CA PRO B 201 -24.61 26.35 -4.30
C PRO B 201 -25.89 26.18 -5.12
N GLU B 202 -26.00 25.12 -5.91
CA GLU B 202 -27.18 24.90 -6.74
C GLU B 202 -28.25 24.09 -6.02
N ARG B 203 -28.06 23.75 -4.75
CA ARG B 203 -29.04 22.99 -3.99
C ARG B 203 -29.50 23.76 -2.75
N LEU B 204 -28.60 24.07 -1.83
CA LEU B 204 -28.93 24.84 -0.64
C LEU B 204 -28.64 26.33 -0.79
N GLY B 205 -28.18 26.77 -1.96
CA GLY B 205 -27.90 28.18 -2.17
C GLY B 205 -29.18 28.96 -2.46
N ARG B 206 -29.21 30.19 -1.96
CA ARG B 206 -30.39 31.04 -2.14
C ARG B 206 -30.35 31.77 -3.48
N GLU B 207 -29.37 32.64 -3.65
CA GLU B 207 -29.21 33.41 -4.89
C GLU B 207 -28.08 32.88 -5.76
N GLY B 208 -27.76 31.59 -5.64
CA GLY B 208 -26.70 31.00 -6.43
C GLY B 208 -25.33 31.03 -5.77
N VAL B 209 -25.25 31.27 -4.47
CA VAL B 209 -23.99 31.32 -3.75
C VAL B 209 -24.20 30.70 -2.37
N GLN B 210 -23.17 30.01 -1.88
CA GLN B 210 -23.21 29.35 -0.58
C GLN B 210 -22.15 29.98 0.31
N LYS B 211 -22.59 30.80 1.26
CA LYS B 211 -21.71 31.46 2.21
C LYS B 211 -21.73 30.72 3.54
N GLU B 212 -20.54 30.38 4.05
CA GLU B 212 -20.41 29.60 5.28
C GLU B 212 -19.19 30.11 6.05
N ASP B 213 -19.38 31.21 6.79
CA ASP B 213 -18.30 31.80 7.55
C ASP B 213 -18.21 31.16 8.93
N ILE B 214 -16.98 30.86 9.36
CA ILE B 214 -16.71 30.21 10.63
C ILE B 214 -15.75 31.10 11.42
N PRO B 215 -16.07 31.44 12.67
CA PRO B 215 -15.14 32.24 13.48
C PRO B 215 -13.99 31.39 13.97
N PRO B 216 -12.86 32.01 14.32
CA PRO B 216 -11.72 31.23 14.83
C PRO B 216 -11.97 30.72 16.24
N ALA B 217 -11.21 29.69 16.60
CA ALA B 217 -11.32 29.09 17.92
C ALA B 217 -10.53 29.90 18.95
N ASP B 218 -10.96 29.81 20.20
CA ASP B 218 -10.31 30.58 21.27
C ASP B 218 -8.96 29.99 21.62
N LEU B 219 -8.90 28.67 21.83
CA LEU B 219 -7.67 27.96 22.20
C LEU B 219 -7.08 28.54 23.50
N SER B 220 -7.92 28.54 24.54
CA SER B 220 -7.49 29.10 25.82
C SER B 220 -6.53 28.18 26.55
N ASP B 221 -6.67 26.87 26.36
CA ASP B 221 -5.85 25.88 27.05
C ASP B 221 -4.48 25.66 26.40
N GLN B 222 -4.11 26.49 25.43
CA GLN B 222 -2.85 26.31 24.72
C GLN B 222 -1.68 26.79 25.57
N VAL B 223 -0.60 26.00 25.56
CA VAL B 223 0.62 26.40 26.27
C VAL B 223 1.16 27.67 25.63
N PRO B 224 1.77 28.59 26.39
CA PRO B 224 2.30 29.81 25.79
C PRO B 224 3.59 29.55 25.02
N ASP B 225 3.85 30.43 24.05
CA ASP B 225 5.06 30.40 23.24
C ASP B 225 5.21 29.07 22.51
N THR B 226 4.13 28.65 21.83
CA THR B 226 4.14 27.43 21.05
C THR B 226 3.35 27.64 19.77
N GLU B 227 3.81 27.02 18.69
CA GLU B 227 3.19 27.18 17.39
C GLU B 227 1.91 26.36 17.29
N SER B 228 0.90 26.92 16.63
CA SER B 228 -0.37 26.25 16.39
C SER B 228 -0.70 26.33 14.92
N GLU B 229 -1.51 25.37 14.44
CA GLU B 229 -1.91 25.31 13.05
C GLU B 229 -3.42 25.16 12.95
N THR B 230 -3.95 25.45 11.76
CA THR B 230 -5.37 25.32 11.49
C THR B 230 -5.55 24.57 10.19
N ARG B 231 -6.14 23.37 10.26
CA ARG B 231 -6.29 22.50 9.10
C ARG B 231 -7.74 22.55 8.62
N ILE B 232 -7.97 23.24 7.51
CA ILE B 232 -9.28 23.35 6.89
C ILE B 232 -9.28 22.47 5.65
N LEU B 233 -9.99 21.35 5.72
CA LEU B 233 -9.93 20.33 4.69
C LEU B 233 -11.11 20.43 3.74
N LEU B 234 -10.86 20.08 2.47
CA LEU B 234 -11.85 20.18 1.41
C LEU B 234 -11.97 18.83 0.73
N GLN B 235 -13.14 18.19 0.86
CA GLN B 235 -13.41 16.92 0.21
C GLN B 235 -14.75 17.00 -0.48
N GLY B 236 -14.75 16.87 -1.81
CA GLY B 236 -15.98 16.87 -2.57
C GLY B 236 -16.48 15.47 -2.85
N THR B 237 -17.77 15.39 -3.15
CA THR B 237 -18.37 14.13 -3.55
C THR B 237 -18.49 14.10 -5.06
N PRO B 238 -17.77 13.23 -5.76
CA PRO B 238 -18.09 12.99 -7.18
C PRO B 238 -19.49 12.41 -7.29
N VAL B 239 -20.38 13.19 -7.88
CA VAL B 239 -21.82 12.92 -7.84
C VAL B 239 -22.25 12.07 -9.03
N ALA B 240 -23.09 11.08 -8.74
CA ALA B 240 -23.58 10.10 -9.70
C ALA B 240 -25.09 10.22 -9.85
N GLN B 241 -25.65 9.41 -10.73
CA GLN B 241 -27.05 9.49 -11.14
C GLN B 241 -27.82 8.27 -10.65
N MET B 242 -29.10 8.47 -10.35
CA MET B 242 -30.02 7.41 -9.93
C MET B 242 -30.80 6.98 -11.18
N THR B 243 -30.43 5.83 -11.74
CA THR B 243 -31.05 5.29 -12.93
C THR B 243 -31.83 4.04 -12.54
N GLU B 244 -33.10 3.98 -12.96
CA GLU B 244 -33.91 2.80 -12.69
C GLU B 244 -33.30 1.57 -13.36
N ASP B 245 -33.50 0.42 -12.74
CA ASP B 245 -32.91 -0.80 -13.25
C ASP B 245 -33.44 -1.12 -14.64
N ALA B 246 -32.56 -1.68 -15.47
CA ALA B 246 -33.03 -2.24 -16.73
C ALA B 246 -33.88 -3.48 -16.44
N VAL B 247 -34.67 -3.88 -17.43
CA VAL B 247 -35.38 -5.14 -17.32
C VAL B 247 -34.38 -6.28 -17.42
N ASP B 248 -34.43 -7.21 -16.48
CA ASP B 248 -33.43 -8.28 -16.43
C ASP B 248 -33.52 -9.14 -17.68
N ALA B 249 -32.35 -9.61 -18.14
CA ALA B 249 -32.26 -10.31 -19.42
C ALA B 249 -33.13 -11.56 -19.45
N GLU B 250 -33.24 -12.27 -18.32
CA GLU B 250 -34.01 -13.52 -18.32
C GLU B 250 -35.46 -13.29 -18.71
N ARG B 251 -36.00 -12.10 -18.43
CA ARG B 251 -37.38 -11.80 -18.77
C ARG B 251 -37.61 -11.68 -20.27
N LEU B 252 -36.56 -11.61 -21.09
CA LEU B 252 -36.71 -11.46 -22.53
C LEU B 252 -36.47 -12.75 -23.31
N LYS B 253 -36.16 -13.86 -22.63
CA LYS B 253 -35.96 -15.14 -23.31
C LYS B 253 -37.15 -15.52 -24.18
N HIS B 254 -38.37 -15.41 -23.64
CA HIS B 254 -39.54 -15.80 -24.41
C HIS B 254 -39.78 -14.92 -25.63
N LEU B 255 -39.05 -13.81 -25.78
CA LEU B 255 -39.26 -12.92 -26.92
C LEU B 255 -38.50 -13.38 -28.17
N ILE B 256 -37.66 -14.40 -28.05
CA ILE B 256 -36.94 -14.96 -29.20
C ILE B 256 -37.83 -16.03 -29.81
N VAL B 257 -38.48 -15.71 -30.92
CA VAL B 257 -39.45 -16.61 -31.53
C VAL B 257 -39.18 -16.72 -33.03
N THR B 258 -39.70 -17.79 -33.62
CA THR B 258 -39.55 -17.98 -35.06
C THR B 258 -40.76 -17.42 -35.79
N PRO B 259 -40.56 -16.61 -36.83
CA PRO B 259 -41.70 -16.03 -37.54
C PRO B 259 -42.31 -17.02 -38.52
N SER B 260 -43.62 -16.88 -38.72
CA SER B 260 -44.34 -17.68 -39.70
C SER B 260 -45.67 -17.00 -39.99
N GLY B 261 -46.37 -17.53 -40.98
CA GLY B 261 -47.65 -16.94 -41.39
C GLY B 261 -47.51 -16.01 -42.56
N CYS B 262 -48.63 -15.33 -42.85
CA CYS B 262 -48.72 -14.45 -44.02
C CYS B 262 -48.21 -13.05 -43.64
N GLY B 263 -48.62 -12.04 -44.40
CA GLY B 263 -47.99 -10.71 -44.33
C GLY B 263 -48.17 -9.98 -43.02
N GLU B 264 -49.22 -10.29 -42.25
CA GLU B 264 -49.42 -9.68 -40.95
C GLU B 264 -48.85 -10.54 -39.84
N GLN B 265 -49.18 -11.84 -39.84
CA GLN B 265 -48.72 -12.74 -38.79
C GLN B 265 -47.19 -12.86 -38.77
N ASN B 266 -46.54 -12.78 -39.94
CA ASN B 266 -45.08 -12.83 -39.96
C ASN B 266 -44.49 -11.67 -39.17
N MET B 267 -45.10 -10.49 -39.26
CA MET B 267 -44.61 -9.35 -38.50
C MET B 267 -44.95 -9.46 -37.03
N ILE B 268 -46.05 -10.13 -36.70
CA ILE B 268 -46.34 -10.42 -35.28
C ILE B 268 -45.21 -11.23 -34.68
N GLY B 269 -44.66 -12.17 -35.44
CA GLY B 269 -43.58 -13.00 -34.95
C GLY B 269 -42.25 -12.27 -34.95
N MET B 270 -42.03 -11.44 -35.96
CA MET B 270 -40.76 -10.73 -36.07
C MET B 270 -40.62 -9.67 -34.97
N THR B 271 -41.74 -9.12 -34.50
CA THR B 271 -41.71 -8.00 -33.57
C THR B 271 -40.95 -8.30 -32.28
N PRO B 272 -41.32 -9.32 -31.48
CA PRO B 272 -40.62 -9.49 -30.19
C PRO B 272 -39.14 -9.75 -30.34
N THR B 273 -38.73 -10.48 -31.38
CA THR B 273 -37.32 -10.83 -31.54
C THR B 273 -36.49 -9.60 -31.90
N VAL B 274 -37.03 -8.71 -32.74
CA VAL B 274 -36.31 -7.50 -33.10
C VAL B 274 -36.13 -6.61 -31.89
N ILE B 275 -37.22 -6.33 -31.17
CA ILE B 275 -37.13 -5.40 -30.06
C ILE B 275 -36.34 -5.99 -28.90
N ALA B 276 -36.37 -7.31 -28.74
CA ALA B 276 -35.58 -7.94 -27.67
C ALA B 276 -34.09 -7.75 -27.93
N VAL B 277 -33.64 -8.02 -29.15
CA VAL B 277 -32.23 -7.79 -29.50
C VAL B 277 -31.89 -6.33 -29.32
N HIS B 278 -32.78 -5.43 -29.78
CA HIS B 278 -32.59 -3.99 -29.58
C HIS B 278 -32.38 -3.67 -28.10
N TYR B 279 -33.21 -4.22 -27.23
CA TYR B 279 -33.11 -3.91 -25.80
C TYR B 279 -31.86 -4.51 -25.18
N LEU B 280 -31.55 -5.78 -25.52
CA LEU B 280 -30.38 -6.41 -24.94
C LEU B 280 -29.09 -5.73 -25.39
N ASP B 281 -29.04 -5.31 -26.65
CA ASP B 281 -27.91 -4.53 -27.14
C ASP B 281 -27.72 -3.26 -26.32
N GLU B 282 -28.78 -2.46 -26.20
CA GLU B 282 -28.65 -1.15 -25.56
C GLU B 282 -28.33 -1.28 -24.07
N THR B 283 -28.94 -2.24 -23.39
CA THR B 283 -28.67 -2.42 -21.96
C THR B 283 -27.43 -3.26 -21.68
N GLU B 284 -26.70 -3.68 -22.73
CA GLU B 284 -25.45 -4.43 -22.57
C GLU B 284 -25.63 -5.66 -21.69
N GLN B 285 -26.73 -6.39 -21.92
CA GLN B 285 -27.12 -7.48 -21.05
C GLN B 285 -26.91 -8.86 -21.66
N TRP B 286 -26.12 -8.94 -22.73
CA TRP B 286 -25.97 -10.23 -23.40
C TRP B 286 -25.24 -11.25 -22.51
N GLU B 287 -24.40 -10.79 -21.58
CA GLU B 287 -23.65 -11.73 -20.75
C GLU B 287 -24.58 -12.55 -19.87
N LYS B 288 -25.54 -11.90 -19.23
CA LYS B 288 -26.54 -12.63 -18.47
C LYS B 288 -27.40 -13.51 -19.37
N PHE B 289 -27.62 -13.06 -20.61
CA PHE B 289 -28.45 -13.82 -21.55
C PHE B 289 -27.74 -15.03 -22.14
N GLY B 290 -26.43 -14.94 -22.35
CA GLY B 290 -25.68 -15.94 -23.10
C GLY B 290 -25.30 -15.39 -24.46
N LEU B 291 -24.01 -15.13 -24.70
CA LEU B 291 -23.66 -14.20 -25.78
C LEU B 291 -23.91 -14.84 -27.15
N GLU B 292 -23.52 -16.10 -27.29
CA GLU B 292 -23.58 -16.78 -28.57
C GLU B 292 -25.02 -16.96 -29.06
N LYS B 293 -26.02 -16.68 -28.22
CA LYS B 293 -27.41 -16.70 -28.66
C LYS B 293 -27.78 -15.47 -29.48
N ARG B 294 -27.00 -14.40 -29.42
CA ARG B 294 -27.30 -13.23 -30.25
C ARG B 294 -27.20 -13.57 -31.72
N GLN B 295 -26.21 -14.38 -32.09
CA GLN B 295 -26.07 -14.82 -33.48
C GLN B 295 -27.34 -15.50 -33.96
N GLY B 296 -27.88 -16.42 -33.15
CA GLY B 296 -29.11 -17.10 -33.54
C GLY B 296 -30.30 -16.15 -33.65
N ALA B 297 -30.37 -15.18 -32.74
CA ALA B 297 -31.47 -14.22 -32.79
C ALA B 297 -31.39 -13.35 -34.04
N LEU B 298 -30.17 -12.97 -34.45
CA LEU B 298 -30.00 -12.25 -35.71
C LEU B 298 -30.50 -13.09 -36.88
N GLU B 299 -30.22 -14.40 -36.87
CA GLU B 299 -30.67 -15.26 -37.96
C GLU B 299 -32.19 -15.29 -38.02
N LEU B 300 -32.85 -15.37 -36.88
CA LEU B 300 -34.32 -15.35 -36.88
C LEU B 300 -34.85 -14.03 -37.41
N ILE B 301 -34.18 -12.92 -37.10
CA ILE B 301 -34.60 -11.62 -37.63
C ILE B 301 -34.44 -11.58 -39.14
N LYS B 302 -33.32 -12.10 -39.65
CA LYS B 302 -33.12 -12.19 -41.09
C LYS B 302 -34.20 -13.05 -41.74
N LYS B 303 -34.56 -14.16 -41.09
CA LYS B 303 -35.61 -15.02 -41.62
C LYS B 303 -36.95 -14.29 -41.68
N GLY B 304 -37.28 -13.54 -40.61
CA GLY B 304 -38.52 -12.77 -40.63
C GLY B 304 -38.53 -11.71 -41.71
N TYR B 305 -37.41 -11.01 -41.88
CA TYR B 305 -37.30 -10.02 -42.95
C TYR B 305 -37.42 -10.66 -44.32
N THR B 306 -36.70 -11.75 -44.54
CA THR B 306 -36.76 -12.46 -45.82
C THR B 306 -38.18 -12.92 -46.14
N GLN B 307 -38.86 -13.50 -45.13
CA GLN B 307 -40.22 -13.98 -45.35
C GLN B 307 -41.19 -12.83 -45.61
N GLN B 308 -40.98 -11.69 -44.96
CA GLN B 308 -41.87 -10.55 -45.19
C GLN B 308 -41.78 -10.04 -46.62
N LEU B 309 -40.66 -10.28 -47.31
CA LEU B 309 -40.52 -9.82 -48.69
C LEU B 309 -41.47 -10.52 -49.65
N ALA B 310 -41.99 -11.69 -49.29
CA ALA B 310 -42.98 -12.35 -50.15
C ALA B 310 -44.29 -11.60 -50.20
N PHE B 311 -44.53 -10.67 -49.28
CA PHE B 311 -45.76 -9.90 -49.23
C PHE B 311 -45.54 -8.45 -49.64
N ARG B 312 -44.36 -8.14 -50.16
CA ARG B 312 -44.09 -6.85 -50.77
C ARG B 312 -44.68 -6.82 -52.17
N GLN B 313 -45.66 -5.96 -52.38
CA GLN B 313 -46.38 -5.86 -53.65
C GLN B 313 -45.57 -5.03 -54.64
N PRO B 314 -45.95 -5.06 -55.93
CA PRO B 314 -45.26 -4.19 -56.90
C PRO B 314 -45.19 -2.73 -56.47
N SER B 315 -46.18 -2.24 -55.74
CA SER B 315 -46.22 -0.85 -55.30
C SER B 315 -45.21 -0.54 -54.20
N SER B 316 -44.50 -1.55 -53.68
CA SER B 316 -43.61 -1.52 -52.52
C SER B 316 -44.40 -1.50 -51.21
N ALA B 317 -45.73 -1.60 -51.26
CA ALA B 317 -46.55 -1.66 -50.05
C ALA B 317 -46.77 -3.10 -49.63
N PHE B 318 -47.41 -3.26 -48.47
CA PHE B 318 -47.57 -4.58 -47.86
C PHE B 318 -49.03 -4.83 -47.50
N ALA B 319 -49.42 -6.09 -47.62
CA ALA B 319 -50.73 -6.57 -47.19
C ALA B 319 -50.57 -7.99 -46.65
N ALA B 320 -51.60 -8.46 -45.96
CA ALA B 320 -51.60 -9.84 -45.46
C ALA B 320 -51.39 -10.83 -46.60
N PHE B 321 -52.03 -10.59 -47.74
CA PHE B 321 -51.97 -11.50 -48.88
C PHE B 321 -51.62 -10.72 -50.14
N VAL B 322 -50.96 -11.42 -51.08
CA VAL B 322 -50.45 -10.76 -52.27
C VAL B 322 -51.57 -10.14 -53.10
N LYS B 323 -52.77 -10.71 -53.06
CA LYS B 323 -53.92 -10.16 -53.79
C LYS B 323 -54.79 -9.24 -52.93
N ARG B 324 -54.41 -8.98 -51.68
CA ARG B 324 -55.14 -8.08 -50.81
C ARG B 324 -54.68 -6.64 -51.04
N ALA B 325 -55.63 -5.71 -51.06
CA ALA B 325 -55.27 -4.31 -51.19
C ALA B 325 -54.33 -3.91 -50.06
N PRO B 326 -53.28 -3.16 -50.33
CA PRO B 326 -52.25 -2.92 -49.30
C PRO B 326 -52.77 -2.08 -48.15
N SER B 327 -52.21 -2.34 -46.97
CA SER B 327 -52.60 -1.64 -45.75
C SER B 327 -51.64 -0.47 -45.50
N THR B 328 -52.22 0.69 -45.21
CA THR B 328 -51.40 1.82 -44.78
C THR B 328 -50.71 1.52 -43.45
N TRP B 329 -51.48 1.00 -42.49
CA TRP B 329 -50.90 0.73 -41.17
C TRP B 329 -49.79 -0.31 -41.26
N LEU B 330 -50.04 -1.41 -41.99
CA LEU B 330 -49.05 -2.49 -42.03
C LEU B 330 -47.78 -2.04 -42.73
N THR B 331 -47.91 -1.27 -43.82
CA THR B 331 -46.73 -0.77 -44.51
C THR B 331 -45.92 0.16 -43.61
N ALA B 332 -46.61 1.02 -42.85
CA ALA B 332 -45.91 1.88 -41.91
C ALA B 332 -45.30 1.06 -40.77
N TYR B 333 -45.97 -0.02 -40.34
CA TYR B 333 -45.39 -0.82 -39.26
C TYR B 333 -44.16 -1.59 -39.74
N VAL B 334 -44.16 -2.03 -41.00
CA VAL B 334 -42.96 -2.65 -41.56
C VAL B 334 -41.80 -1.66 -41.56
N VAL B 335 -42.07 -0.42 -41.95
CA VAL B 335 -41.04 0.62 -41.88
C VAL B 335 -40.55 0.78 -40.45
N LYS B 336 -41.50 0.80 -39.50
CA LYS B 336 -41.16 0.94 -38.08
C LYS B 336 -40.24 -0.18 -37.61
N VAL B 337 -40.54 -1.42 -37.97
CA VAL B 337 -39.72 -2.54 -37.52
C VAL B 337 -38.39 -2.58 -38.27
N PHE B 338 -38.45 -2.49 -39.60
CA PHE B 338 -37.26 -2.62 -40.42
C PHE B 338 -36.23 -1.54 -40.08
N SER B 339 -36.70 -0.32 -39.81
CA SER B 339 -35.77 0.80 -39.56
C SER B 339 -34.94 0.56 -38.31
N LEU B 340 -35.54 -0.02 -37.28
CA LEU B 340 -34.81 -0.29 -36.06
C LEU B 340 -33.86 -1.47 -36.22
N ALA B 341 -34.03 -2.27 -37.27
CA ALA B 341 -33.20 -3.46 -37.49
C ALA B 341 -32.12 -3.25 -38.55
N VAL B 342 -31.90 -2.02 -39.01
CA VAL B 342 -30.92 -1.83 -40.08
C VAL B 342 -29.50 -2.10 -39.61
N ASN B 343 -29.24 -1.94 -38.30
CA ASN B 343 -27.92 -2.25 -37.76
C ASN B 343 -27.76 -3.72 -37.42
N LEU B 344 -28.85 -4.50 -37.42
CA LEU B 344 -28.79 -5.89 -37.03
C LEU B 344 -28.62 -6.84 -38.22
N ILE B 345 -29.33 -6.59 -39.31
CA ILE B 345 -29.22 -7.38 -40.53
C ILE B 345 -29.19 -6.43 -41.73
N ALA B 346 -29.04 -7.00 -42.92
CA ALA B 346 -28.96 -6.22 -44.15
C ALA B 346 -30.37 -5.89 -44.63
N ILE B 347 -30.78 -4.64 -44.44
CA ILE B 347 -32.09 -4.16 -44.86
C ILE B 347 -31.93 -3.44 -46.19
N ASP B 348 -32.60 -3.95 -47.23
CA ASP B 348 -32.54 -3.32 -48.54
C ASP B 348 -33.20 -1.95 -48.51
N SER B 349 -32.41 -0.91 -48.81
CA SER B 349 -32.96 0.45 -48.81
C SER B 349 -34.08 0.61 -49.82
N GLN B 350 -34.04 -0.13 -50.93
CA GLN B 350 -35.12 -0.05 -51.91
C GLN B 350 -36.43 -0.56 -51.34
N VAL B 351 -36.38 -1.53 -50.43
CA VAL B 351 -37.60 -2.02 -49.79
C VAL B 351 -38.08 -1.00 -48.77
N LEU B 352 -37.18 -0.50 -47.93
CA LEU B 352 -37.56 0.40 -46.84
C LEU B 352 -38.05 1.74 -47.38
N CYS B 353 -37.28 2.35 -48.27
CA CYS B 353 -37.64 3.66 -48.81
C CYS B 353 -38.74 3.56 -49.86
N GLY B 354 -38.87 2.40 -50.52
CA GLY B 354 -40.01 2.19 -51.39
C GLY B 354 -41.32 2.20 -50.63
N ALA B 355 -41.33 1.60 -49.43
CA ALA B 355 -42.52 1.64 -48.59
C ALA B 355 -42.78 3.05 -48.10
N VAL B 356 -41.73 3.78 -47.74
CA VAL B 356 -41.88 5.17 -47.30
C VAL B 356 -42.48 6.01 -48.42
N LYS B 357 -41.94 5.87 -49.64
CA LYS B 357 -42.41 6.66 -50.77
C LYS B 357 -43.86 6.35 -51.11
N TRP B 358 -44.25 5.07 -51.00
CA TRP B 358 -45.62 4.69 -51.29
C TRP B 358 -46.60 5.31 -50.29
N LEU B 359 -46.25 5.30 -49.01
CA LEU B 359 -47.10 5.92 -48.00
C LEU B 359 -47.33 7.39 -48.32
N ILE B 360 -46.27 8.12 -48.64
CA ILE B 360 -46.38 9.55 -48.90
C ILE B 360 -47.20 9.80 -50.17
N LEU B 361 -46.84 9.15 -51.27
CA LEU B 361 -47.44 9.47 -52.56
C LEU B 361 -48.85 8.94 -52.73
N GLU B 362 -49.23 7.90 -51.98
CA GLU B 362 -50.52 7.25 -52.21
C GLU B 362 -51.51 7.40 -51.07
N LYS B 363 -51.04 7.57 -49.84
CA LYS B 363 -51.93 7.49 -48.68
C LYS B 363 -51.89 8.73 -47.80
N GLN B 364 -51.23 9.79 -48.21
CA GLN B 364 -51.28 11.05 -47.47
C GLN B 364 -52.23 12.01 -48.18
N LYS B 365 -53.25 12.46 -47.47
CA LYS B 365 -54.24 13.36 -48.03
C LYS B 365 -53.66 14.76 -48.19
N PRO B 366 -54.29 15.61 -49.00
CA PRO B 366 -53.81 16.99 -49.14
C PRO B 366 -53.63 17.74 -47.83
N ASP B 367 -54.43 17.45 -46.81
CA ASP B 367 -54.33 18.16 -45.53
C ASP B 367 -53.30 17.55 -44.60
N GLY B 368 -52.57 16.52 -45.04
CA GLY B 368 -51.49 15.93 -44.26
C GLY B 368 -51.84 14.62 -43.58
N VAL B 369 -53.11 14.22 -43.57
CA VAL B 369 -53.52 13.02 -42.87
C VAL B 369 -53.08 11.79 -43.65
N PHE B 370 -52.65 10.75 -42.93
CA PHE B 370 -52.45 9.44 -43.53
C PHE B 370 -53.71 8.61 -43.33
N GLN B 371 -54.15 7.95 -44.41
CA GLN B 371 -55.45 7.30 -44.45
C GLN B 371 -55.29 5.81 -44.72
N GLU B 372 -56.05 5.00 -43.98
CA GLU B 372 -56.09 3.55 -44.20
C GLU B 372 -57.28 3.20 -45.09
N ASP B 373 -56.99 2.58 -46.23
CA ASP B 373 -58.05 2.13 -47.14
C ASP B 373 -58.29 0.63 -47.07
N ALA B 374 -57.45 -0.13 -46.35
CA ALA B 374 -57.61 -1.57 -46.23
C ALA B 374 -57.09 -2.01 -44.86
N PRO B 375 -57.94 -1.92 -43.83
CA PRO B 375 -57.48 -2.24 -42.48
C PRO B 375 -56.89 -3.65 -42.38
N VAL B 376 -55.93 -3.81 -41.47
CA VAL B 376 -55.39 -5.13 -41.20
C VAL B 376 -56.47 -6.02 -40.59
N ILE B 377 -56.36 -7.32 -40.80
CA ILE B 377 -57.35 -8.24 -40.26
C ILE B 377 -56.99 -8.74 -38.86
N HIS B 378 -55.74 -8.63 -38.45
CA HIS B 378 -55.37 -8.88 -37.05
C HIS B 378 -55.53 -7.55 -36.32
N GLN B 379 -56.76 -7.26 -35.90
CA GLN B 379 -57.00 -5.97 -35.27
C GLN B 379 -56.35 -5.85 -33.90
N GLU B 380 -55.87 -6.96 -33.33
CA GLU B 380 -55.20 -6.94 -32.04
C GLU B 380 -53.73 -6.55 -32.12
N MET B 381 -53.14 -6.47 -33.32
CA MET B 381 -51.73 -6.12 -33.44
C MET B 381 -51.49 -4.62 -33.62
N ILE B 382 -52.54 -3.80 -33.63
CA ILE B 382 -52.38 -2.36 -33.82
C ILE B 382 -52.50 -1.59 -32.51
N GLY B 383 -52.56 -2.27 -31.37
CA GLY B 383 -52.57 -1.61 -30.09
C GLY B 383 -53.75 -0.65 -29.95
N GLY B 384 -53.47 0.51 -29.36
CA GLY B 384 -54.50 1.50 -29.08
C GLY B 384 -55.12 2.15 -30.30
N LEU B 385 -54.60 1.89 -31.50
CA LEU B 385 -55.27 2.38 -32.69
C LEU B 385 -56.61 1.68 -32.92
N ARG B 386 -56.81 0.51 -32.34
CA ARG B 386 -58.06 -0.21 -32.49
C ARG B 386 -59.18 0.50 -31.73
N ASN B 387 -60.35 0.57 -32.36
CA ASN B 387 -61.54 1.17 -31.75
C ASN B 387 -61.25 2.57 -31.22
N ASN B 388 -60.49 3.34 -31.99
CA ASN B 388 -60.01 4.65 -31.56
C ASN B 388 -60.80 5.72 -32.33
N ASN B 389 -61.62 6.49 -31.62
CA ASN B 389 -61.98 7.81 -32.13
C ASN B 389 -60.70 8.60 -32.35
N GLU B 390 -60.81 9.79 -32.96
CA GLU B 390 -59.60 10.54 -33.27
C GLU B 390 -58.65 9.69 -34.12
N LYS B 391 -59.21 9.03 -35.13
CA LYS B 391 -58.44 8.06 -35.93
C LYS B 391 -57.43 8.78 -36.82
N ASP B 392 -57.84 9.87 -37.47
CA ASP B 392 -56.92 10.63 -38.31
C ASP B 392 -55.70 11.07 -37.53
N MET B 393 -55.90 11.57 -36.31
CA MET B 393 -54.76 12.00 -35.48
C MET B 393 -53.87 10.82 -35.12
N ALA B 394 -54.48 9.71 -34.67
CA ALA B 394 -53.70 8.58 -34.18
C ALA B 394 -52.91 7.91 -35.30
N LEU B 395 -53.56 7.69 -36.45
CA LEU B 395 -52.86 7.01 -37.55
C LEU B 395 -51.82 7.93 -38.19
N THR B 396 -52.13 9.22 -38.35
CA THR B 396 -51.15 10.15 -38.89
C THR B 396 -49.91 10.20 -38.03
N ALA B 397 -50.10 10.25 -36.70
CA ALA B 397 -48.95 10.23 -35.80
C ALA B 397 -48.17 8.93 -35.92
N PHE B 398 -48.87 7.80 -36.03
CA PHE B 398 -48.21 6.50 -36.12
C PHE B 398 -47.36 6.41 -37.38
N VAL B 399 -47.90 6.84 -38.52
CA VAL B 399 -47.14 6.79 -39.77
C VAL B 399 -45.98 7.77 -39.73
N LEU B 400 -46.23 8.99 -39.22
CA LEU B 400 -45.18 9.99 -39.15
C LEU B 400 -43.99 9.51 -38.33
N ILE B 401 -44.27 8.80 -37.22
CA ILE B 401 -43.18 8.28 -36.39
C ILE B 401 -42.35 7.27 -37.17
N SER B 402 -43.00 6.49 -38.04
CA SER B 402 -42.26 5.56 -38.89
C SER B 402 -41.41 6.30 -39.91
N LEU B 403 -41.98 7.33 -40.56
CA LEU B 403 -41.21 8.13 -41.50
C LEU B 403 -40.00 8.77 -40.84
N GLN B 404 -40.18 9.29 -39.61
CA GLN B 404 -39.06 9.88 -38.88
C GLN B 404 -37.99 8.84 -38.60
N GLU B 405 -38.43 7.63 -38.29
CA GLU B 405 -37.48 6.56 -37.98
C GLU B 405 -36.66 6.18 -39.21
N ALA B 406 -37.24 6.33 -40.41
CA ALA B 406 -36.56 5.99 -41.65
C ALA B 406 -35.91 7.20 -42.33
N LYS B 407 -36.05 8.41 -41.76
CA LYS B 407 -35.64 9.61 -42.48
C LYS B 407 -34.15 9.62 -42.80
N ASP B 408 -33.32 9.16 -41.87
CA ASP B 408 -31.87 9.24 -42.09
C ASP B 408 -31.41 8.33 -43.22
N ILE B 409 -32.03 7.16 -43.36
CA ILE B 409 -31.66 6.25 -44.45
C ILE B 409 -32.30 6.69 -45.77
N CYS B 410 -33.53 7.21 -45.72
CA CYS B 410 -34.33 7.37 -46.93
C CYS B 410 -34.38 8.79 -47.46
N GLU B 411 -33.84 9.76 -46.73
CA GLU B 411 -33.94 11.14 -47.18
C GLU B 411 -33.38 11.30 -48.57
N GLU B 412 -32.40 10.47 -48.94
CA GLU B 412 -31.61 10.82 -50.10
C GLU B 412 -32.29 10.23 -51.31
N GLN B 413 -33.19 9.28 -51.06
CA GLN B 413 -33.94 8.52 -52.04
C GLN B 413 -35.38 8.95 -52.19
N VAL B 414 -35.96 9.63 -51.20
CA VAL B 414 -37.38 9.98 -51.20
C VAL B 414 -37.45 11.51 -51.07
N ASN B 415 -37.53 12.20 -52.20
CA ASN B 415 -37.58 13.66 -52.21
C ASN B 415 -38.75 14.20 -51.41
N SER B 416 -39.86 13.47 -51.36
CA SER B 416 -41.09 13.95 -50.74
C SER B 416 -41.09 13.84 -49.22
N LEU B 417 -40.08 13.22 -48.64
CA LEU B 417 -40.09 12.95 -47.20
C LEU B 417 -40.11 14.22 -46.35
N PRO B 418 -39.23 15.21 -46.55
CA PRO B 418 -39.28 16.40 -45.68
C PRO B 418 -40.62 17.13 -45.72
N GLY B 419 -41.18 17.35 -46.91
CA GLY B 419 -42.45 18.04 -46.99
C GLY B 419 -43.62 17.22 -46.46
N SER B 420 -43.55 15.89 -46.60
CA SER B 420 -44.59 15.04 -46.03
C SER B 420 -44.57 15.09 -44.51
N ILE B 421 -43.37 15.04 -43.92
CA ILE B 421 -43.25 15.15 -42.47
C ILE B 421 -43.80 16.50 -42.00
N THR B 422 -43.46 17.58 -42.70
CA THR B 422 -43.95 18.91 -42.34
C THR B 422 -45.46 18.97 -42.42
N LYS B 423 -46.05 18.45 -43.50
CA LYS B 423 -47.50 18.50 -43.67
C LYS B 423 -48.22 17.69 -42.59
N ALA B 424 -47.74 16.49 -42.29
CA ALA B 424 -48.35 15.68 -41.24
C ALA B 424 -48.20 16.36 -39.88
N GLY B 425 -47.02 16.94 -39.62
CA GLY B 425 -46.84 17.68 -38.38
C GLY B 425 -47.75 18.87 -38.28
N ASP B 426 -47.99 19.56 -39.40
CA ASP B 426 -48.94 20.67 -39.43
C ASP B 426 -50.32 20.22 -39.00
N PHE B 427 -50.78 19.07 -39.52
CA PHE B 427 -52.10 18.57 -39.16
C PHE B 427 -52.16 18.23 -37.68
N LEU B 428 -51.16 17.50 -37.18
CA LEU B 428 -51.14 17.14 -35.77
C LEU B 428 -51.09 18.38 -34.88
N GLU B 429 -50.23 19.33 -35.22
CA GLU B 429 -50.09 20.52 -34.39
C GLU B 429 -51.38 21.34 -34.38
N ALA B 430 -52.09 21.40 -35.51
CA ALA B 430 -53.29 22.21 -35.59
C ALA B 430 -54.46 21.62 -34.81
N ASN B 431 -54.44 20.32 -34.54
CA ASN B 431 -55.57 19.66 -33.90
C ASN B 431 -55.20 19.02 -32.56
N TYR B 432 -53.97 19.22 -32.09
CA TYR B 432 -53.52 18.58 -30.86
C TYR B 432 -54.35 19.02 -29.65
N MET B 433 -54.84 20.26 -29.63
CA MET B 433 -55.49 20.77 -28.44
C MET B 433 -56.88 20.18 -28.24
N ASN B 434 -57.54 19.75 -29.31
CA ASN B 434 -58.88 19.20 -29.18
C ASN B 434 -58.88 17.71 -28.83
N LEU B 435 -57.71 17.10 -28.67
CA LEU B 435 -57.65 15.68 -28.38
C LEU B 435 -58.23 15.38 -27.00
N GLN B 436 -58.93 14.25 -26.89
CA GLN B 436 -59.57 13.83 -25.66
C GLN B 436 -58.95 12.60 -25.04
N ARG B 437 -58.44 11.67 -25.85
CA ARG B 437 -57.92 10.41 -25.36
C ARG B 437 -56.44 10.54 -25.01
N SER B 438 -56.06 9.97 -23.86
CA SER B 438 -54.67 10.04 -23.44
C SER B 438 -53.74 9.33 -24.42
N TYR B 439 -54.22 8.24 -25.02
CA TYR B 439 -53.41 7.51 -25.99
C TYR B 439 -53.01 8.39 -27.16
N THR B 440 -53.97 9.10 -27.74
CA THR B 440 -53.65 9.98 -28.88
C THR B 440 -52.76 11.13 -28.44
N VAL B 441 -53.02 11.69 -27.26
CA VAL B 441 -52.17 12.75 -26.73
C VAL B 441 -50.72 12.26 -26.66
N ALA B 442 -50.51 11.00 -26.29
CA ALA B 442 -49.16 10.49 -26.11
C ALA B 442 -48.48 10.22 -27.45
N ILE B 443 -49.15 9.51 -28.35
CA ILE B 443 -48.52 9.14 -29.62
C ILE B 443 -48.27 10.38 -30.49
N ALA B 444 -49.26 11.28 -30.56
CA ALA B 444 -49.04 12.51 -31.30
C ALA B 444 -48.11 13.45 -30.55
N GLY B 445 -48.13 13.39 -29.22
CA GLY B 445 -47.14 14.15 -28.45
C GLY B 445 -45.72 13.78 -28.81
N TYR B 446 -45.45 12.48 -28.94
CA TYR B 446 -44.13 12.02 -29.37
C TYR B 446 -43.81 12.52 -30.77
N ALA B 447 -44.77 12.41 -31.69
CA ALA B 447 -44.51 12.85 -33.07
C ALA B 447 -44.20 14.33 -33.13
N LEU B 448 -44.90 15.15 -32.34
CA LEU B 448 -44.64 16.58 -32.34
C LEU B 448 -43.33 16.92 -31.64
N ALA B 449 -42.95 16.15 -30.61
CA ALA B 449 -41.68 16.40 -29.95
C ALA B 449 -40.50 16.11 -30.86
N GLN B 450 -40.63 15.10 -31.73
CA GLN B 450 -39.57 14.80 -32.69
C GLN B 450 -39.32 15.97 -33.64
N MET B 451 -40.35 16.79 -33.88
CA MET B 451 -40.23 17.94 -34.77
C MET B 451 -40.02 19.25 -34.02
N GLY B 452 -39.74 19.18 -32.72
CA GLY B 452 -39.58 20.39 -31.93
C GLY B 452 -40.83 21.24 -31.84
N ARG B 453 -42.00 20.65 -32.04
CA ARG B 453 -43.24 21.40 -32.09
C ARG B 453 -44.14 21.15 -30.88
N LEU B 454 -43.69 20.37 -29.90
CA LEU B 454 -44.41 20.16 -28.65
C LEU B 454 -43.94 21.22 -27.67
N LYS B 455 -44.57 22.40 -27.73
CA LYS B 455 -44.21 23.55 -26.91
C LYS B 455 -45.48 24.24 -26.44
N GLY B 456 -45.31 25.13 -25.45
CA GLY B 456 -46.38 25.96 -24.97
C GLY B 456 -47.61 25.20 -24.51
N PRO B 457 -48.78 25.60 -25.00
CA PRO B 457 -50.02 24.90 -24.59
C PRO B 457 -50.04 23.44 -24.96
N LEU B 458 -49.46 23.07 -26.11
CA LEU B 458 -49.40 21.66 -26.49
C LEU B 458 -48.52 20.87 -25.52
N LEU B 459 -47.38 21.45 -25.13
CA LEU B 459 -46.54 20.81 -24.12
C LEU B 459 -47.30 20.68 -22.80
N ASN B 460 -48.02 21.73 -22.39
CA ASN B 460 -48.77 21.67 -21.15
C ASN B 460 -49.89 20.65 -21.22
N LYS B 461 -50.59 20.59 -22.35
CA LYS B 461 -51.62 19.57 -22.52
C LYS B 461 -51.03 18.17 -22.41
N PHE B 462 -49.88 17.94 -23.06
CA PHE B 462 -49.24 16.64 -23.00
C PHE B 462 -48.88 16.26 -21.56
N LEU B 463 -48.32 17.19 -20.80
CA LEU B 463 -47.86 16.88 -19.45
C LEU B 463 -49.03 16.71 -18.50
N THR B 464 -49.98 17.65 -18.51
CA THR B 464 -51.11 17.58 -17.60
C THR B 464 -52.10 16.47 -17.93
N THR B 465 -52.00 15.87 -19.12
CA THR B 465 -52.86 14.73 -19.45
C THR B 465 -52.50 13.52 -18.61
N ALA B 466 -51.24 13.39 -18.22
CA ALA B 466 -50.81 12.24 -17.44
C ALA B 466 -51.51 12.22 -16.08
N LYS B 467 -51.89 11.03 -15.65
CA LYS B 467 -52.42 10.81 -14.31
C LYS B 467 -51.26 10.58 -13.35
N ASP B 468 -51.31 11.24 -12.19
CA ASP B 468 -50.33 11.11 -11.12
C ASP B 468 -48.91 11.40 -11.60
N LYS B 469 -48.77 12.10 -12.72
CA LYS B 469 -47.46 12.47 -13.27
C LYS B 469 -46.59 11.27 -13.61
N ASN B 470 -47.18 10.12 -13.92
CA ASN B 470 -46.37 8.95 -14.22
C ASN B 470 -46.94 8.03 -15.28
N ARG B 471 -48.13 8.30 -15.82
CA ARG B 471 -48.73 7.39 -16.79
C ARG B 471 -49.74 8.14 -17.63
N TRP B 472 -49.88 7.71 -18.89
CA TRP B 472 -50.94 8.17 -19.78
C TRP B 472 -51.93 7.02 -19.94
N GLU B 473 -53.18 7.28 -19.59
CA GLU B 473 -54.14 6.21 -19.34
C GLU B 473 -55.53 6.61 -19.81
N ASP B 474 -56.20 5.66 -20.48
CA ASP B 474 -57.61 5.74 -20.83
C ASP B 474 -58.30 4.49 -20.32
N PRO B 475 -59.62 4.51 -20.17
CA PRO B 475 -60.35 3.27 -19.90
C PRO B 475 -60.32 2.35 -21.11
N GLY B 476 -60.10 1.07 -20.85
CA GLY B 476 -60.03 0.07 -21.90
C GLY B 476 -59.00 -0.99 -21.54
N LYS B 477 -58.46 -1.63 -22.58
CA LYS B 477 -57.40 -2.61 -22.35
C LYS B 477 -56.19 -1.94 -21.73
N GLN B 478 -55.69 -2.52 -20.64
CA GLN B 478 -54.52 -1.96 -19.97
C GLN B 478 -53.30 -1.96 -20.88
N LEU B 479 -53.27 -2.84 -21.89
CA LEU B 479 -52.17 -2.85 -22.85
C LEU B 479 -52.06 -1.52 -23.58
N TYR B 480 -53.19 -0.86 -23.85
CA TYR B 480 -53.13 0.41 -24.55
C TYR B 480 -52.47 1.49 -23.71
N ASN B 481 -52.62 1.42 -22.38
CA ASN B 481 -51.99 2.40 -21.49
C ASN B 481 -50.49 2.13 -21.35
N VAL B 482 -50.07 0.87 -21.40
CA VAL B 482 -48.65 0.57 -21.42
C VAL B 482 -48.02 1.12 -22.69
N GLU B 483 -48.69 0.92 -23.83
CA GLU B 483 -48.17 1.40 -25.10
C GLU B 483 -48.20 2.93 -25.15
N ALA B 484 -49.25 3.54 -24.60
CA ALA B 484 -49.33 5.00 -24.62
C ALA B 484 -48.28 5.64 -23.73
N THR B 485 -48.05 5.06 -22.54
CA THR B 485 -47.03 5.59 -21.64
C THR B 485 -45.63 5.41 -22.21
N SER B 486 -45.42 4.38 -23.03
CA SER B 486 -44.14 4.22 -23.70
C SER B 486 -43.90 5.31 -24.73
N TYR B 487 -44.94 5.67 -25.51
CA TYR B 487 -44.82 6.79 -26.43
C TYR B 487 -44.52 8.08 -25.69
N ALA B 488 -45.18 8.29 -24.54
CA ALA B 488 -44.96 9.49 -23.77
C ALA B 488 -43.56 9.54 -23.18
N LEU B 489 -43.06 8.39 -22.71
CA LEU B 489 -41.68 8.35 -22.23
C LEU B 489 -40.70 8.74 -23.33
N LEU B 490 -40.94 8.25 -24.55
CA LEU B 490 -40.09 8.63 -25.67
C LEU B 490 -40.20 10.11 -25.98
N ALA B 491 -41.40 10.70 -25.80
CA ALA B 491 -41.55 12.13 -25.99
C ALA B 491 -40.85 12.91 -24.88
N LEU B 492 -40.93 12.40 -23.65
CA LEU B 492 -40.24 13.06 -22.54
C LEU B 492 -38.74 13.05 -22.74
N LEU B 493 -38.20 11.92 -23.23
CA LEU B 493 -36.76 11.85 -23.51
C LEU B 493 -36.39 12.74 -24.69
N GLN B 494 -37.27 12.83 -25.69
CA GLN B 494 -37.04 13.74 -26.81
C GLN B 494 -36.94 15.19 -26.33
N LEU B 495 -37.83 15.58 -25.41
CA LEU B 495 -37.77 16.91 -24.82
C LEU B 495 -36.63 17.07 -23.83
N LYS B 496 -35.95 15.97 -23.47
CA LYS B 496 -34.94 15.99 -22.40
C LYS B 496 -35.51 16.56 -21.11
N ASP B 497 -36.79 16.27 -20.86
CA ASP B 497 -37.48 16.65 -19.62
C ASP B 497 -37.13 15.62 -18.55
N PHE B 498 -35.86 15.65 -18.12
CA PHE B 498 -35.34 14.57 -17.30
C PHE B 498 -35.87 14.59 -15.87
N ASP B 499 -36.35 15.75 -15.38
CA ASP B 499 -36.98 15.77 -14.06
C ASP B 499 -38.32 15.06 -14.05
N PHE B 500 -38.96 14.91 -15.21
CA PHE B 500 -40.29 14.30 -15.30
C PHE B 500 -40.24 12.80 -15.57
N VAL B 501 -39.14 12.27 -16.08
CA VAL B 501 -39.11 10.87 -16.50
C VAL B 501 -39.08 9.86 -15.36
N PRO B 502 -38.46 10.10 -14.20
CA PRO B 502 -38.30 9.01 -13.21
C PRO B 502 -39.62 8.36 -12.81
N PRO B 503 -40.66 9.13 -12.46
CA PRO B 503 -41.93 8.46 -12.10
C PRO B 503 -42.55 7.69 -13.24
N VAL B 504 -42.31 8.11 -14.49
CA VAL B 504 -42.89 7.43 -15.64
C VAL B 504 -42.20 6.09 -15.85
N VAL B 505 -40.86 6.08 -15.84
CA VAL B 505 -40.11 4.83 -15.98
C VAL B 505 -40.44 3.88 -14.83
N ARG B 506 -40.61 4.44 -13.63
CA ARG B 506 -40.99 3.62 -12.49
C ARG B 506 -42.36 2.97 -12.73
N TRP B 507 -43.35 3.75 -13.14
CA TRP B 507 -44.67 3.17 -13.36
C TRP B 507 -44.61 2.06 -14.41
N LEU B 508 -43.81 2.25 -15.46
CA LEU B 508 -43.69 1.21 -16.49
C LEU B 508 -43.04 -0.05 -15.92
N ASN B 509 -41.97 0.11 -15.13
CA ASN B 509 -41.28 -1.04 -14.57
C ASN B 509 -42.16 -1.78 -13.57
N GLU B 510 -42.72 -1.07 -12.59
CA GLU B 510 -43.78 -1.61 -11.74
C GLU B 510 -44.87 -2.38 -12.50
N GLN B 511 -45.17 -2.01 -13.75
CA GLN B 511 -46.13 -2.81 -14.51
C GLN B 511 -45.65 -4.23 -14.71
N ARG B 512 -44.34 -4.43 -14.80
CA ARG B 512 -43.73 -5.73 -15.04
C ARG B 512 -44.36 -6.42 -16.26
N TYR B 513 -44.55 -5.63 -17.32
CA TYR B 513 -45.07 -6.14 -18.58
C TYR B 513 -43.89 -6.53 -19.47
N TYR B 514 -43.77 -7.82 -19.76
CA TYR B 514 -42.60 -8.34 -20.47
C TYR B 514 -42.92 -8.74 -21.91
N GLY B 515 -44.11 -8.41 -22.41
CA GLY B 515 -44.41 -8.56 -23.82
C GLY B 515 -44.64 -10.00 -24.24
N GLY B 516 -45.01 -10.14 -25.51
CA GLY B 516 -45.31 -11.44 -26.10
C GLY B 516 -46.74 -11.86 -25.87
N GLY B 517 -47.24 -12.69 -26.78
CA GLY B 517 -48.58 -13.26 -26.65
C GLY B 517 -49.59 -12.54 -27.53
N TYR B 518 -50.81 -13.07 -27.49
CA TYR B 518 -51.92 -12.51 -28.26
C TYR B 518 -52.11 -11.03 -27.97
N GLY B 519 -52.19 -10.24 -29.04
CA GLY B 519 -52.49 -8.83 -28.92
C GLY B 519 -51.38 -7.96 -28.37
N SER B 520 -50.16 -8.49 -28.30
CA SER B 520 -49.07 -7.83 -27.59
C SER B 520 -48.12 -7.06 -28.49
N THR B 521 -48.40 -6.97 -29.79
CA THR B 521 -47.40 -6.47 -30.74
C THR B 521 -46.94 -5.06 -30.39
N GLN B 522 -47.87 -4.10 -30.35
CA GLN B 522 -47.49 -2.71 -30.13
C GLN B 522 -46.93 -2.50 -28.73
N ALA B 523 -47.56 -3.08 -27.71
CA ALA B 523 -47.07 -2.91 -26.35
C ALA B 523 -45.67 -3.49 -26.20
N THR B 524 -45.42 -4.64 -26.82
CA THR B 524 -44.10 -5.26 -26.74
C THR B 524 -43.04 -4.39 -27.41
N PHE B 525 -43.32 -3.96 -28.65
CA PHE B 525 -42.36 -3.13 -29.38
C PHE B 525 -42.14 -1.81 -28.67
N MET B 526 -43.22 -1.17 -28.21
CA MET B 526 -43.09 0.19 -27.68
C MET B 526 -42.46 0.21 -26.29
N VAL B 527 -42.81 -0.73 -25.41
CA VAL B 527 -42.28 -0.68 -24.06
C VAL B 527 -40.77 -0.89 -24.07
N PHE B 528 -40.27 -1.78 -24.94
CA PHE B 528 -38.84 -2.03 -24.94
C PHE B 528 -38.08 -0.98 -25.76
N GLN B 529 -38.72 -0.39 -26.78
CA GLN B 529 -38.10 0.76 -27.43
C GLN B 529 -37.96 1.93 -26.47
N ALA B 530 -39.01 2.19 -25.67
CA ALA B 530 -38.97 3.31 -24.76
C ALA B 530 -38.01 3.07 -23.60
N LEU B 531 -37.98 1.85 -23.07
CA LEU B 531 -37.09 1.57 -21.94
C LEU B 531 -35.64 1.47 -22.40
N ALA B 532 -35.40 1.14 -23.66
CA ALA B 532 -34.03 1.15 -24.18
C ALA B 532 -33.53 2.58 -24.36
N GLN B 533 -34.38 3.46 -24.90
CA GLN B 533 -33.99 4.86 -25.04
C GLN B 533 -33.77 5.52 -23.69
N TYR B 534 -34.48 5.07 -22.65
CA TYR B 534 -34.25 5.59 -21.31
C TYR B 534 -32.82 5.30 -20.86
N GLN B 535 -32.36 4.06 -21.03
CA GLN B 535 -31.00 3.72 -20.62
C GLN B 535 -29.97 4.43 -21.48
N LYS B 536 -30.27 4.61 -22.77
CA LYS B 536 -29.34 5.28 -23.67
C LYS B 536 -29.15 6.75 -23.27
N ASP B 537 -30.24 7.44 -22.98
CA ASP B 537 -30.21 8.86 -22.68
C ASP B 537 -29.91 9.16 -21.22
N ALA B 538 -29.80 8.14 -20.37
CA ALA B 538 -29.59 8.38 -18.95
C ALA B 538 -28.23 9.00 -18.71
N PRO B 539 -28.15 10.11 -17.99
CA PRO B 539 -26.84 10.70 -17.65
C PRO B 539 -26.03 9.76 -16.76
N ASP B 540 -24.76 9.57 -17.12
CA ASP B 540 -23.90 8.66 -16.37
C ASP B 540 -23.65 9.19 -14.95
N HIS B 541 -23.42 10.50 -14.82
CA HIS B 541 -23.13 11.09 -13.52
C HIS B 541 -23.47 12.57 -13.57
N GLN B 542 -23.70 13.14 -12.38
CA GLN B 542 -23.94 14.56 -12.26
C GLN B 542 -22.60 15.31 -12.27
N GLU B 543 -22.68 16.63 -12.45
CA GLU B 543 -21.50 17.46 -12.66
C GLU B 543 -21.03 18.10 -11.36
N LEU B 544 -19.71 18.19 -11.20
CA LEU B 544 -19.09 18.85 -10.07
C LEU B 544 -18.06 19.86 -10.57
N ASN B 545 -18.39 21.14 -10.46
CA ASN B 545 -17.42 22.24 -10.52
C ASN B 545 -17.75 23.22 -9.39
N LEU B 546 -17.50 22.78 -8.16
CA LEU B 546 -17.64 23.67 -7.01
C LEU B 546 -16.50 24.67 -7.01
N ASP B 547 -16.70 25.82 -7.65
CA ASP B 547 -15.68 26.87 -7.70
C ASP B 547 -15.76 27.69 -6.41
N VAL B 548 -15.23 27.11 -5.34
CA VAL B 548 -15.25 27.75 -4.03
C VAL B 548 -14.05 28.69 -3.93
N SER B 549 -14.32 29.98 -3.76
CA SER B 549 -13.27 30.98 -3.60
C SER B 549 -12.98 31.12 -2.11
N LEU B 550 -11.89 30.48 -1.67
CA LEU B 550 -11.56 30.30 -0.25
C LEU B 550 -10.16 30.82 0.07
N GLN B 551 -9.90 32.09 -0.23
CA GLN B 551 -8.65 32.72 0.18
C GLN B 551 -8.86 33.41 1.52
N LEU B 552 -8.22 32.89 2.56
CA LEU B 552 -8.35 33.46 3.89
C LEU B 552 -7.74 34.86 3.93
N PRO B 553 -8.14 35.69 4.90
CA PRO B 553 -7.56 37.03 5.00
C PRO B 553 -6.05 36.99 5.19
N SER B 554 -5.40 38.05 4.75
CA SER B 554 -3.94 38.21 4.81
C SER B 554 -3.20 37.15 4.01
N ARG B 555 -3.90 36.47 3.09
CA ARG B 555 -3.27 35.49 2.21
C ARG B 555 -3.33 35.91 0.74
N SER B 556 -3.70 37.16 0.48
CA SER B 556 -3.74 37.73 -0.88
C SER B 556 -4.71 36.91 -1.72
N SER B 557 -4.28 36.28 -2.81
CA SER B 557 -5.18 35.49 -3.66
C SER B 557 -4.32 34.58 -4.52
N LYS B 558 -4.45 33.27 -4.31
CA LYS B 558 -3.68 32.29 -5.08
C LYS B 558 -4.59 31.24 -5.69
N ILE B 559 -4.00 30.17 -6.22
CA ILE B 559 -4.78 29.09 -6.81
C ILE B 559 -5.39 28.25 -5.69
N THR B 560 -6.72 28.19 -5.66
CA THR B 560 -7.44 27.40 -4.67
C THR B 560 -7.76 26.03 -5.25
N HIS B 561 -8.01 25.08 -4.34
CA HIS B 561 -8.20 23.69 -4.73
C HIS B 561 -9.52 23.50 -5.47
N ARG B 562 -9.46 22.95 -6.67
CA ARG B 562 -10.64 22.60 -7.46
C ARG B 562 -10.87 21.11 -7.34
N ILE B 563 -11.95 20.72 -6.68
CA ILE B 563 -12.29 19.30 -6.58
C ILE B 563 -12.62 18.74 -7.96
N HIS B 564 -13.38 19.50 -8.76
CA HIS B 564 -13.53 19.26 -10.20
C HIS B 564 -14.02 17.84 -10.50
N TRP B 565 -14.79 17.25 -9.59
CA TRP B 565 -15.31 15.89 -9.76
C TRP B 565 -14.19 14.85 -9.82
N GLU B 566 -13.17 15.11 -10.62
CA GLU B 566 -12.09 14.14 -10.80
C GLU B 566 -11.25 13.99 -9.54
N SER B 567 -10.83 15.11 -8.94
CA SER B 567 -9.98 15.10 -7.76
C SER B 567 -10.76 15.43 -6.48
N ALA B 568 -12.05 15.09 -6.46
CA ALA B 568 -12.88 15.45 -5.31
C ALA B 568 -12.48 14.68 -4.06
N SER B 569 -12.09 13.41 -4.23
CA SER B 569 -11.66 12.63 -3.07
C SER B 569 -10.36 13.14 -2.49
N LEU B 570 -9.52 13.77 -3.30
CA LEU B 570 -8.23 14.25 -2.85
C LEU B 570 -8.40 15.35 -1.80
N LEU B 571 -7.69 15.20 -0.69
CA LEU B 571 -7.81 16.10 0.45
C LEU B 571 -6.82 17.25 0.44
N ARG B 572 -5.88 17.26 -0.52
CA ARG B 572 -4.75 18.18 -0.48
C ARG B 572 -5.20 19.63 -0.44
N SER B 573 -4.81 20.33 0.62
CA SER B 573 -5.14 21.75 0.79
C SER B 573 -4.09 22.37 1.69
N GLU B 574 -3.21 23.18 1.11
CA GLU B 574 -2.21 23.90 1.90
C GLU B 574 -2.89 24.95 2.76
N GLU B 575 -2.44 25.08 4.01
CA GLU B 575 -3.13 25.89 5.00
C GLU B 575 -2.13 26.77 5.75
N THR B 576 -2.67 27.84 6.34
CA THR B 576 -1.88 28.73 7.17
C THR B 576 -1.89 28.23 8.62
N LYS B 577 -0.75 28.38 9.29
CA LYS B 577 -0.66 27.94 10.67
C LYS B 577 -1.37 28.91 11.62
N GLU B 578 -1.19 30.21 11.42
CA GLU B 578 -1.81 31.20 12.28
C GLU B 578 -3.33 31.12 12.17
N ASN B 579 -4.01 31.13 13.31
CA ASN B 579 -5.46 31.09 13.34
C ASN B 579 -6.03 32.38 12.76
N GLU B 580 -6.85 32.25 11.72
CA GLU B 580 -7.43 33.40 11.04
C GLU B 580 -8.90 33.12 10.77
N GLY B 581 -9.60 34.12 10.25
CA GLY B 581 -10.99 33.96 9.89
C GLY B 581 -11.17 33.10 8.66
N PHE B 582 -12.39 32.58 8.51
CA PHE B 582 -12.75 31.69 7.40
C PHE B 582 -13.92 32.29 6.66
N THR B 583 -13.68 32.71 5.42
CA THR B 583 -14.70 33.30 4.56
C THR B 583 -14.92 32.36 3.37
N VAL B 584 -16.07 31.67 3.36
CA VAL B 584 -16.38 30.68 2.35
C VAL B 584 -17.40 31.27 1.39
N THR B 585 -17.10 31.20 0.08
CA THR B 585 -18.03 31.59 -0.98
C THR B 585 -18.00 30.49 -2.04
N ALA B 586 -19.13 29.81 -2.21
CA ALA B 586 -19.23 28.67 -3.10
C ALA B 586 -20.09 29.01 -4.31
N GLU B 587 -19.64 28.59 -5.49
CA GLU B 587 -20.35 28.83 -6.74
C GLU B 587 -20.11 27.65 -7.67
N GLY B 588 -21.19 26.99 -8.09
CA GLY B 588 -21.07 25.91 -9.04
C GLY B 588 -22.01 24.74 -8.80
N LYS B 589 -22.04 23.80 -9.75
CA LYS B 589 -22.90 22.63 -9.63
C LYS B 589 -22.23 21.54 -8.80
N GLY B 590 -23.04 20.73 -8.14
CA GLY B 590 -22.57 19.60 -7.36
C GLY B 590 -22.67 19.85 -5.87
N GLN B 591 -22.02 18.97 -5.12
CA GLN B 591 -22.04 19.03 -3.66
C GLN B 591 -20.69 18.58 -3.12
N GLY B 592 -20.29 19.18 -2.00
CA GLY B 592 -19.04 18.82 -1.35
C GLY B 592 -19.14 19.04 0.14
N THR B 593 -18.08 18.63 0.83
CA THR B 593 -18.00 18.75 2.29
C THR B 593 -16.79 19.59 2.67
N LEU B 594 -16.90 20.26 3.81
CA LEU B 594 -15.84 21.14 4.31
C LEU B 594 -15.74 20.98 5.83
N SER B 595 -14.51 20.81 6.31
CA SER B 595 -14.26 20.64 7.73
C SER B 595 -13.07 21.49 8.14
N VAL B 596 -13.12 22.01 9.36
CA VAL B 596 -12.08 22.86 9.92
C VAL B 596 -11.65 22.29 11.27
N VAL B 597 -10.44 21.75 11.33
CA VAL B 597 -9.86 21.24 12.57
C VAL B 597 -8.65 22.11 12.91
N THR B 598 -8.44 22.34 14.20
CA THR B 598 -7.41 23.25 14.66
C THR B 598 -6.27 22.48 15.31
N MET B 599 -5.05 22.72 14.84
CA MET B 599 -3.92 22.14 15.57
C MET B 599 -3.27 23.09 16.56
N TYR B 600 -2.81 22.53 17.66
CA TYR B 600 -2.07 23.26 18.69
C TYR B 600 -1.56 22.31 19.77
N HIS B 601 -0.64 22.82 20.59
CA HIS B 601 -0.15 22.14 21.79
C HIS B 601 -0.90 22.69 23.00
N ALA B 602 -1.57 21.81 23.74
CA ALA B 602 -2.33 22.18 24.92
C ALA B 602 -1.73 21.52 26.15
N LYS B 603 -1.73 22.26 27.26
CA LYS B 603 -1.19 21.73 28.51
C LYS B 603 -2.17 20.76 29.14
N ALA B 604 -1.66 19.60 29.56
CA ALA B 604 -2.47 18.63 30.26
C ALA B 604 -2.66 19.06 31.72
N LYS B 605 -3.71 18.52 32.34
CA LYS B 605 -4.01 18.92 33.71
C LYS B 605 -2.99 18.37 34.70
N ASP B 606 -2.43 17.18 34.43
CA ASP B 606 -1.44 16.59 35.33
C ASP B 606 -0.38 15.90 34.48
N GLN B 607 0.49 15.15 35.16
CA GLN B 607 1.64 14.54 34.49
C GLN B 607 1.20 13.55 33.42
N LEU B 608 1.94 13.55 32.32
CA LEU B 608 1.89 12.45 31.36
C LEU B 608 2.91 11.38 31.67
N THR B 609 3.76 11.62 32.66
CA THR B 609 4.85 10.71 33.03
C THR B 609 4.46 9.88 34.24
N CYS B 610 5.06 8.70 34.33
CA CYS B 610 4.83 7.76 35.44
C CYS B 610 3.35 7.45 35.60
N ASN B 611 2.69 7.16 34.47
CA ASN B 611 1.27 6.82 34.48
C ASN B 611 1.01 5.35 34.82
N LYS B 612 2.00 4.47 34.62
CA LYS B 612 1.82 3.05 34.85
C LYS B 612 2.62 2.53 36.03
N PHE B 613 3.64 3.25 36.48
CA PHE B 613 4.43 2.88 37.66
C PHE B 613 4.57 4.11 38.55
N ASP B 614 4.38 3.92 39.85
CA ASP B 614 4.94 4.87 40.80
C ASP B 614 6.39 4.50 41.08
N LEU B 615 7.22 5.52 41.29
CA LEU B 615 8.60 5.30 41.64
C LEU B 615 9.02 6.40 42.58
N LYS B 616 9.54 6.01 43.75
CA LYS B 616 10.07 6.95 44.73
C LYS B 616 11.44 6.49 45.15
N VAL B 617 12.42 7.38 45.09
CA VAL B 617 13.83 7.06 45.29
C VAL B 617 14.42 8.08 46.26
N THR B 618 15.02 7.59 47.34
CA THR B 618 15.68 8.45 48.31
C THR B 618 17.13 8.01 48.50
N ILE B 619 17.95 8.96 48.92
CA ILE B 619 19.35 8.73 49.25
C ILE B 619 19.63 9.45 50.56
N LYS B 620 20.32 8.78 51.48
CA LYS B 620 20.48 9.32 52.83
C LYS B 620 21.76 8.76 53.43
N PRO B 621 22.34 9.45 54.42
CA PRO B 621 23.59 8.97 55.01
C PRO B 621 23.41 7.63 55.71
N ALA B 622 24.39 6.75 55.55
CA ALA B 622 24.39 5.51 56.30
C ALA B 622 24.97 5.75 57.70
N PRO B 623 24.45 5.07 58.71
CA PRO B 623 24.94 5.26 60.08
C PRO B 623 26.29 4.56 60.30
N GLU B 624 26.81 4.73 61.50
CA GLU B 624 28.12 4.21 61.86
C GLU B 624 28.11 2.69 61.92
N THR B 625 29.06 2.06 61.21
CA THR B 625 29.19 0.62 61.25
C THR B 625 29.60 0.16 62.65
N GLU B 626 29.16 -1.05 63.00
CA GLU B 626 29.55 -1.63 64.28
C GLU B 626 31.00 -2.07 64.32
N LYS B 627 31.66 -2.17 63.16
CA LYS B 627 33.10 -2.42 63.14
C LYS B 627 33.87 -1.25 63.72
N ARG B 628 33.37 -0.03 63.54
CA ARG B 628 34.03 1.19 63.99
C ARG B 628 35.47 1.29 63.47
N PRO B 629 35.67 1.39 62.16
CA PRO B 629 37.03 1.59 61.65
C PRO B 629 37.34 3.07 61.48
N GLN B 630 38.30 3.40 60.61
CA GLN B 630 38.45 4.78 60.20
C GLN B 630 37.21 5.26 59.45
N ASP B 631 36.51 4.32 58.78
CA ASP B 631 35.26 4.59 58.08
C ASP B 631 35.37 5.80 57.16
N ALA B 632 36.55 5.97 56.56
CA ALA B 632 36.72 6.98 55.51
C ALA B 632 35.79 6.75 54.34
N LYS B 633 35.12 5.61 54.30
CA LYS B 633 34.25 5.20 53.20
C LYS B 633 32.90 5.88 53.38
N ASN B 634 32.77 7.07 52.81
CA ASN B 634 31.49 7.78 52.82
C ASN B 634 30.43 6.88 52.21
N THR B 635 29.41 6.54 53.01
CA THR B 635 28.43 5.54 52.64
C THR B 635 27.03 6.11 52.80
N MET B 636 26.19 5.83 51.82
CA MET B 636 24.80 6.26 51.82
C MET B 636 23.91 5.06 51.57
N ILE B 637 22.63 5.21 51.90
CA ILE B 637 21.62 4.18 51.69
C ILE B 637 20.70 4.66 50.57
N LEU B 638 20.59 3.86 49.51
CA LEU B 638 19.70 4.14 48.40
C LEU B 638 18.47 3.25 48.55
N GLU B 639 17.29 3.86 48.65
CA GLU B 639 16.04 3.13 48.81
C GLU B 639 15.14 3.39 47.61
N ILE B 640 14.60 2.31 47.05
CA ILE B 640 13.79 2.36 45.84
C ILE B 640 12.44 1.71 46.13
N CYS B 641 11.38 2.48 45.99
CA CYS B 641 10.02 2.00 46.23
C CYS B 641 9.22 2.16 44.95
N THR B 642 8.55 1.09 44.52
CA THR B 642 7.78 1.14 43.29
C THR B 642 6.49 0.36 43.44
N ARG B 643 5.48 0.79 42.67
CA ARG B 643 4.14 0.20 42.70
C ARG B 643 3.58 0.29 41.28
N TYR B 644 2.83 -0.74 40.88
CA TYR B 644 2.23 -0.80 39.56
C TYR B 644 0.83 -0.22 39.62
N ARG B 645 0.51 0.66 38.66
CA ARG B 645 -0.80 1.31 38.60
C ARG B 645 -1.68 0.54 37.63
N GLY B 646 -2.24 -0.57 38.11
CA GLY B 646 -3.14 -1.38 37.33
C GLY B 646 -3.96 -2.26 38.25
N ASP B 647 -4.88 -3.02 37.66
CA ASP B 647 -5.76 -3.88 38.45
C ASP B 647 -5.07 -5.12 38.95
N GLN B 648 -3.97 -5.54 38.33
CA GLN B 648 -3.22 -6.72 38.75
C GLN B 648 -1.76 -6.34 38.85
N ASP B 649 -0.99 -7.19 39.54
CA ASP B 649 0.45 -6.96 39.65
C ASP B 649 1.09 -6.96 38.26
N ALA B 650 2.13 -6.14 38.11
CA ALA B 650 2.96 -6.25 36.93
C ALA B 650 3.69 -7.58 36.94
N THR B 651 3.92 -8.13 35.74
CA THR B 651 4.82 -9.29 35.68
C THR B 651 6.25 -8.81 35.72
N MET B 652 7.14 -9.50 35.00
CA MET B 652 8.57 -9.26 35.17
C MET B 652 8.92 -7.83 34.77
N SER B 653 9.67 -7.16 35.65
CA SER B 653 9.95 -5.75 35.51
C SER B 653 11.44 -5.52 35.76
N ILE B 654 11.88 -4.30 35.42
CA ILE B 654 13.29 -3.95 35.40
C ILE B 654 13.49 -2.69 36.23
N LEU B 655 14.47 -2.73 37.14
CA LEU B 655 15.00 -1.54 37.78
C LEU B 655 16.38 -1.29 37.18
N ASP B 656 16.49 -0.23 36.38
CA ASP B 656 17.74 0.16 35.74
C ASP B 656 18.30 1.32 36.56
N ILE B 657 19.39 1.07 37.28
CA ILE B 657 19.92 2.01 38.27
C ILE B 657 21.27 2.51 37.79
N SER B 658 21.44 3.83 37.79
CA SER B 658 22.73 4.46 37.52
C SER B 658 23.24 5.08 38.81
N MET B 659 24.53 4.92 39.07
CA MET B 659 25.14 5.43 40.29
C MET B 659 25.42 6.92 40.18
N MET B 660 25.42 7.60 41.32
CA MET B 660 26.07 8.89 41.40
C MET B 660 27.57 8.71 41.13
N THR B 661 28.18 9.71 40.51
CA THR B 661 29.57 9.60 40.10
C THR B 661 30.46 9.22 41.28
N GLY B 662 31.26 8.18 41.10
CA GLY B 662 32.18 7.73 42.12
C GLY B 662 31.58 6.85 43.20
N PHE B 663 30.32 6.47 43.07
CA PHE B 663 29.66 5.58 44.02
C PHE B 663 29.42 4.21 43.38
N ALA B 664 29.48 3.17 44.21
CA ALA B 664 29.26 1.80 43.76
C ALA B 664 28.46 1.06 44.82
N PRO B 665 27.60 0.12 44.40
CA PRO B 665 26.76 -0.59 45.37
C PRO B 665 27.59 -1.47 46.30
N ASP B 666 27.04 -1.71 47.48
CA ASP B 666 27.64 -2.64 48.44
C ASP B 666 27.35 -4.07 47.98
N THR B 667 28.41 -4.83 47.73
CA THR B 667 28.24 -6.16 47.13
C THR B 667 27.45 -7.08 48.04
N ASP B 668 27.73 -7.05 49.35
CA ASP B 668 26.99 -7.91 50.28
C ASP B 668 25.51 -7.56 50.29
N ASP B 669 25.17 -6.28 50.17
CA ASP B 669 23.77 -5.89 50.05
C ASP B 669 23.16 -6.46 48.78
N LEU B 670 23.88 -6.35 47.66
CA LEU B 670 23.39 -6.88 46.39
C LEU B 670 23.18 -8.39 46.48
N LYS B 671 24.13 -9.11 47.08
CA LYS B 671 23.97 -10.55 47.26
C LYS B 671 22.74 -10.87 48.10
N GLN B 672 22.49 -10.06 49.14
CA GLN B 672 21.30 -10.26 49.95
C GLN B 672 20.03 -10.04 49.12
N LEU B 673 20.03 -9.03 48.26
CA LEU B 673 18.88 -8.80 47.39
C LEU B 673 18.76 -9.88 46.33
N ALA B 674 19.89 -10.27 45.73
CA ALA B 674 19.86 -11.24 44.64
C ALA B 674 19.33 -12.58 45.11
N ASN B 675 19.70 -12.99 46.32
CA ASN B 675 19.05 -14.12 46.98
C ASN B 675 17.76 -13.61 47.62
N GLY B 676 16.63 -13.85 46.98
CA GLY B 676 15.39 -13.41 47.55
C GLY B 676 14.20 -13.82 46.72
N VAL B 677 13.04 -13.97 47.37
CA VAL B 677 11.81 -14.17 46.61
C VAL B 677 11.59 -12.96 45.73
N ASP B 678 11.37 -13.22 44.44
CA ASP B 678 10.91 -12.28 43.40
C ASP B 678 11.99 -11.39 42.79
N ARG B 679 13.27 -11.59 43.09
CA ARG B 679 14.30 -10.67 42.60
C ARG B 679 15.51 -11.43 42.10
N TYR B 680 16.14 -10.88 41.07
CA TYR B 680 17.30 -11.49 40.43
C TYR B 680 18.30 -10.41 40.08
N ILE B 681 19.59 -10.67 40.37
CA ILE B 681 20.69 -9.86 39.90
C ILE B 681 21.70 -10.81 39.26
N SER B 682 21.99 -10.58 37.98
CA SER B 682 22.80 -11.52 37.22
C SER B 682 24.19 -11.67 37.82
N LYS B 683 24.70 -12.91 37.75
CA LYS B 683 26.07 -13.21 38.16
C LYS B 683 27.07 -12.34 37.39
N TYR B 684 26.81 -12.11 36.09
CA TYR B 684 27.63 -11.20 35.28
C TYR B 684 27.87 -9.89 36.00
N GLU B 685 26.94 -9.48 36.85
CA GLU B 685 26.91 -8.15 37.42
C GLU B 685 27.19 -8.13 38.91
N LEU B 686 27.06 -9.28 39.60
CA LEU B 686 27.41 -9.38 41.00
C LEU B 686 28.91 -9.51 41.24
N ASP B 687 29.66 -10.03 40.26
CA ASP B 687 31.06 -10.36 40.45
C ASP B 687 32.01 -9.33 39.83
N LYS B 688 31.51 -8.15 39.47
CA LYS B 688 32.32 -7.18 38.77
C LYS B 688 33.01 -6.22 39.73
N ALA B 689 34.28 -5.95 39.46
CA ALA B 689 34.95 -4.82 40.07
C ALA B 689 34.49 -3.53 39.41
N PHE B 690 34.90 -2.39 39.96
CA PHE B 690 34.45 -1.10 39.46
C PHE B 690 35.11 -0.82 38.10
N SER B 691 34.84 0.38 37.57
CA SER B 691 34.87 0.69 36.14
C SER B 691 33.92 -0.20 35.34
N ASP B 692 33.03 -0.91 36.03
CA ASP B 692 31.81 -1.46 35.47
C ASP B 692 30.61 -1.24 36.40
N ARG B 693 30.83 -0.81 37.64
CA ARG B 693 29.80 -0.77 38.67
C ARG B 693 29.05 0.56 38.72
N ASN B 694 29.17 1.40 37.68
CA ASN B 694 28.38 2.64 37.64
C ASN B 694 26.92 2.38 37.30
N THR B 695 26.62 1.24 36.68
CA THR B 695 25.29 0.82 36.30
C THR B 695 24.93 -0.48 37.01
N LEU B 696 23.63 -0.67 37.24
CA LEU B 696 23.14 -1.87 37.91
C LEU B 696 21.70 -2.09 37.48
N ILE B 697 21.37 -3.32 37.05
CA ILE B 697 19.98 -3.67 36.77
C ILE B 697 19.55 -4.75 37.74
N ILE B 698 18.44 -4.49 38.43
CA ILE B 698 17.78 -5.44 39.31
C ILE B 698 16.49 -5.90 38.64
N TYR B 699 16.35 -7.21 38.49
CA TYR B 699 15.20 -7.80 37.83
C TYR B 699 14.17 -8.22 38.87
N LEU B 700 12.94 -7.74 38.71
CA LEU B 700 11.84 -8.06 39.61
C LEU B 700 10.92 -9.06 38.91
N ASP B 701 10.53 -10.11 39.62
CA ASP B 701 9.57 -11.05 39.06
C ASP B 701 8.18 -10.44 38.96
N LYS B 702 7.87 -9.44 39.80
CA LYS B 702 6.57 -8.82 39.85
C LYS B 702 6.72 -7.45 40.51
N VAL B 703 5.72 -6.61 40.32
CA VAL B 703 5.58 -5.38 41.10
C VAL B 703 4.13 -5.31 41.57
N SER B 704 3.94 -5.19 42.88
CA SER B 704 2.60 -5.18 43.45
C SER B 704 1.79 -4.02 42.89
N HIS B 705 0.49 -4.27 42.66
CA HIS B 705 -0.43 -3.19 42.33
C HIS B 705 -1.13 -2.64 43.57
N SER B 706 -1.02 -3.32 44.71
CA SER B 706 -1.75 -2.96 45.92
C SER B 706 -0.95 -2.06 46.85
N GLU B 707 0.37 -2.11 46.79
CA GLU B 707 1.20 -1.31 47.68
C GLU B 707 2.60 -1.21 47.09
N ASP B 708 3.37 -0.27 47.62
CA ASP B 708 4.77 -0.17 47.23
C ASP B 708 5.51 -1.46 47.54
N ASP B 709 6.33 -1.90 46.59
CA ASP B 709 7.43 -2.82 46.88
C ASP B 709 8.69 -1.98 47.04
N CYS B 710 9.43 -2.20 48.12
CA CYS B 710 10.58 -1.37 48.45
C CYS B 710 11.81 -2.24 48.66
N LEU B 711 12.96 -1.75 48.21
CA LEU B 711 14.25 -2.35 48.51
C LEU B 711 15.25 -1.23 48.81
N ALA B 712 16.35 -1.61 49.45
CA ALA B 712 17.39 -0.65 49.80
C ALA B 712 18.74 -1.34 49.82
N PHE B 713 19.78 -0.58 49.45
CA PHE B 713 21.15 -1.07 49.58
C PHE B 713 22.08 0.11 49.75
N LYS B 714 23.24 -0.17 50.34
CA LYS B 714 24.24 0.87 50.54
C LYS B 714 25.02 1.10 49.26
N VAL B 715 25.46 2.35 49.07
CA VAL B 715 26.40 2.70 48.02
C VAL B 715 27.59 3.39 48.69
N HIS B 716 28.79 3.04 48.25
CA HIS B 716 30.02 3.56 48.83
C HIS B 716 30.70 4.49 47.84
N GLN B 717 31.33 5.54 48.35
CA GLN B 717 32.06 6.49 47.51
C GLN B 717 33.49 6.01 47.41
N TYR B 718 33.84 5.41 46.27
CA TYR B 718 35.21 4.94 46.03
C TYR B 718 36.11 5.99 45.42
N PHE B 719 35.55 7.07 44.89
CA PHE B 719 36.35 8.12 44.24
C PHE B 719 35.64 9.46 44.40
N ASN B 720 36.28 10.42 45.06
CA ASN B 720 35.87 11.81 44.93
C ASN B 720 36.16 12.38 43.55
N VAL B 721 35.12 12.95 42.96
CA VAL B 721 35.20 13.83 41.81
C VAL B 721 34.66 15.19 42.24
N GLU B 722 35.01 16.23 41.49
CA GLU B 722 34.52 17.56 41.81
C GLU B 722 33.01 17.65 41.66
N LEU B 723 32.48 17.17 40.53
CA LEU B 723 31.06 17.25 40.23
C LEU B 723 30.46 15.85 40.31
N ILE B 724 29.62 15.63 41.32
CA ILE B 724 28.87 14.38 41.43
C ILE B 724 27.59 14.53 40.62
N GLN B 725 27.48 13.74 39.55
CA GLN B 725 26.25 13.75 38.76
C GLN B 725 25.16 12.97 39.49
N PRO B 726 23.92 13.45 39.47
CA PRO B 726 22.83 12.69 40.08
C PRO B 726 22.73 11.30 39.47
N GLY B 727 22.41 10.32 40.31
CA GLY B 727 22.04 9.01 39.84
C GLY B 727 20.60 9.00 39.35
N ALA B 728 20.20 7.86 38.79
CA ALA B 728 18.85 7.74 38.26
C ALA B 728 18.37 6.31 38.41
N VAL B 729 17.05 6.17 38.54
CA VAL B 729 16.39 4.87 38.60
C VAL B 729 15.24 4.88 37.60
N LYS B 730 15.17 3.84 36.76
CA LYS B 730 14.12 3.67 35.78
C LYS B 730 13.45 2.32 36.00
N VAL B 731 12.12 2.32 36.09
CA VAL B 731 11.33 1.10 36.28
C VAL B 731 10.38 0.95 35.09
N TYR B 732 10.22 -0.29 34.65
CA TYR B 732 9.27 -0.61 33.58
C TYR B 732 9.09 -2.12 33.52
N ALA B 733 7.96 -2.53 32.96
CA ALA B 733 7.72 -3.94 32.69
C ALA B 733 8.38 -4.32 31.36
N TYR B 734 8.79 -5.60 31.26
CA TYR B 734 9.59 -6.01 30.11
C TYR B 734 8.84 -5.80 28.79
N TYR B 735 7.52 -5.85 28.80
CA TYR B 735 6.76 -5.83 27.55
C TYR B 735 6.46 -4.43 27.03
N ASN B 736 6.79 -3.37 27.78
CA ASN B 736 6.51 -2.02 27.33
C ASN B 736 7.54 -1.08 27.93
N LEU B 737 8.58 -0.77 27.15
CA LEU B 737 9.60 0.19 27.60
C LEU B 737 9.02 1.59 27.74
N GLU B 738 8.00 1.92 26.95
CA GLU B 738 7.42 3.26 26.96
C GLU B 738 6.80 3.59 28.32
N GLU B 739 6.12 2.60 28.91
CA GLU B 739 5.38 2.81 30.15
C GLU B 739 6.33 2.64 31.34
N SER B 740 7.20 3.62 31.48
CA SER B 740 8.26 3.62 32.48
C SER B 740 8.08 4.81 33.42
N CYS B 741 8.97 4.86 34.42
CA CYS B 741 9.10 6.00 35.30
C CYS B 741 10.56 6.14 35.67
N THR B 742 11.07 7.36 35.61
CA THR B 742 12.46 7.66 35.94
C THR B 742 12.50 8.69 37.05
N ARG B 743 13.25 8.41 38.11
CA ARG B 743 13.53 9.35 39.19
C ARG B 743 15.03 9.53 39.31
N PHE B 744 15.43 10.71 39.78
CA PHE B 744 16.82 11.05 40.01
C PHE B 744 17.08 11.21 41.51
N TYR B 745 18.35 11.08 41.89
CA TYR B 745 18.73 11.25 43.28
C TYR B 745 20.13 11.82 43.36
N HIS B 746 20.38 12.60 44.42
CA HIS B 746 21.62 13.33 44.65
C HIS B 746 21.60 13.86 46.09
N PRO B 747 22.71 13.79 46.83
CA PRO B 747 22.66 14.23 48.23
C PRO B 747 22.40 15.71 48.41
N GLU B 748 22.61 16.53 47.37
CA GLU B 748 22.60 17.97 47.52
C GLU B 748 21.63 18.69 46.60
N LYS B 749 20.99 17.98 45.67
CA LYS B 749 20.08 18.60 44.71
C LYS B 749 18.66 18.11 44.98
N GLU B 750 17.75 19.06 45.13
CA GLU B 750 16.33 18.76 45.29
C GLU B 750 15.87 17.82 44.19
N ASP B 751 15.39 16.64 44.58
CA ASP B 751 14.84 15.63 43.67
C ASP B 751 15.85 15.22 42.59
N GLY B 752 17.14 15.34 42.88
CA GLY B 752 18.15 15.01 41.91
C GLY B 752 18.18 15.91 40.69
N LYS B 753 17.59 17.09 40.78
CA LYS B 753 17.48 17.99 39.64
C LYS B 753 18.69 18.91 39.56
N LEU B 754 19.30 18.96 38.38
CA LEU B 754 20.31 19.98 38.09
C LEU B 754 19.71 21.36 38.33
N ASN B 755 20.54 22.27 38.83
CA ASN B 755 20.08 23.60 39.15
C ASN B 755 19.88 24.42 37.87
N LYS B 756 18.72 25.06 37.75
CA LYS B 756 18.42 25.90 36.61
C LYS B 756 17.52 27.04 37.06
N LEU B 757 17.53 28.11 36.26
CA LEU B 757 16.79 29.33 36.53
C LEU B 757 15.65 29.41 35.53
N CYS B 758 14.42 29.40 36.04
CA CYS B 758 13.23 29.29 35.21
C CYS B 758 12.19 30.31 35.63
N ARG B 759 11.78 31.14 34.67
CA ARG B 759 10.62 31.99 34.84
C ARG B 759 9.68 31.65 33.70
N ASP B 760 8.45 31.23 34.05
CA ASP B 760 7.47 30.70 33.08
C ASP B 760 8.00 29.44 32.37
N GLU B 761 8.05 29.40 31.02
CA GLU B 761 8.67 28.34 30.18
C GLU B 761 10.07 28.59 29.65
N LEU B 762 10.80 29.60 30.14
CA LEU B 762 12.20 29.73 29.73
C LEU B 762 13.11 29.34 30.89
N CYS B 763 14.09 28.48 30.63
CA CYS B 763 15.05 28.09 31.64
C CYS B 763 16.46 28.30 31.12
N ARG B 764 17.37 28.70 32.01
CA ARG B 764 18.79 28.71 31.68
C ARG B 764 19.55 27.95 32.75
N CYS B 765 20.64 27.31 32.33
CA CYS B 765 21.41 26.43 33.20
C CYS B 765 22.04 27.23 34.33
N ALA B 766 21.93 26.68 35.55
CA ALA B 766 22.58 27.27 36.72
C ALA B 766 23.65 26.36 37.28
N GLU B 767 24.12 25.40 36.48
CA GLU B 767 25.32 24.64 36.79
C GLU B 767 26.53 25.17 36.02
N GLU B 768 26.49 26.44 35.62
CA GLU B 768 27.53 27.05 34.80
C GLU B 768 27.48 28.57 35.01
N ASN B 769 28.32 29.29 34.27
CA ASN B 769 28.35 30.76 34.27
C ASN B 769 28.69 31.30 35.66
N CYS B 770 29.75 30.74 36.25
CA CYS B 770 30.15 31.14 37.60
C CYS B 770 31.10 32.32 37.58
N PHE B 771 30.93 33.21 38.56
CA PHE B 771 31.90 34.27 38.82
C PHE B 771 33.29 33.69 38.98
N ILE B 772 34.29 34.44 38.48
CA ILE B 772 35.68 34.00 38.48
C ILE B 772 36.46 34.83 39.49
N GLN B 773 37.00 34.17 40.51
CA GLN B 773 37.83 34.85 41.50
C GLN B 773 39.11 35.36 40.85
N LYS B 774 39.46 36.61 41.14
CA LYS B 774 40.66 37.25 40.61
C LYS B 774 41.42 37.92 41.74
N SER B 775 42.73 37.72 41.79
CA SER B 775 43.55 38.32 42.82
C SER B 775 43.66 39.83 42.63
N ASP B 776 43.84 40.54 43.73
CA ASP B 776 43.94 42.00 43.71
C ASP B 776 45.30 42.49 43.21
N ASP B 777 46.35 41.67 43.29
CA ASP B 777 47.72 42.17 43.16
C ASP B 777 48.16 42.45 41.73
N LYS B 778 47.49 41.83 40.76
CA LYS B 778 47.86 41.83 39.35
C LYS B 778 47.13 42.88 38.53
N VAL B 779 45.93 43.30 38.95
CA VAL B 779 45.04 44.08 38.12
C VAL B 779 45.43 45.56 38.18
N THR B 780 45.64 46.17 37.02
CA THR B 780 46.05 47.57 36.91
C THR B 780 44.86 48.46 36.57
N LEU B 781 45.11 49.77 36.65
CA LEU B 781 44.07 50.75 36.31
C LEU B 781 43.72 50.69 34.82
N GLU B 782 44.75 50.67 33.96
CA GLU B 782 44.52 50.56 32.52
C GLU B 782 43.67 49.36 32.17
N GLU B 783 43.91 48.22 32.83
CA GLU B 783 43.18 47.00 32.49
C GLU B 783 41.71 47.08 32.89
N ARG B 784 41.41 47.74 34.00
CA ARG B 784 40.01 47.95 34.37
C ARG B 784 39.32 48.87 33.38
N LEU B 785 39.98 49.97 33.01
CA LEU B 785 39.42 50.91 32.05
C LEU B 785 39.21 50.24 30.69
N ASP B 786 40.22 49.50 30.22
CA ASP B 786 40.12 48.85 28.91
C ASP B 786 39.01 47.82 28.87
N LYS B 787 38.81 47.10 29.98
CA LYS B 787 37.74 46.10 30.03
C LYS B 787 36.37 46.76 30.13
N ALA B 788 36.23 47.78 30.99
CA ALA B 788 34.93 48.39 31.23
C ALA B 788 34.43 49.22 30.06
N CYS B 789 35.29 49.55 29.08
CA CYS B 789 34.87 50.27 27.89
C CYS B 789 34.57 49.35 26.71
N GLU B 790 34.68 48.05 26.87
CA GLU B 790 34.27 47.15 25.81
C GLU B 790 32.78 47.32 25.54
N PRO B 791 32.36 47.29 24.27
CA PRO B 791 30.92 47.46 23.98
C PRO B 791 30.04 46.47 24.72
N GLY B 792 30.50 45.23 24.87
CA GLY B 792 29.72 44.22 25.57
C GLY B 792 29.41 44.54 27.02
N VAL B 793 30.23 45.37 27.65
CA VAL B 793 29.99 45.77 29.04
C VAL B 793 28.84 46.78 29.05
N ASP B 794 27.70 46.38 29.59
CA ASP B 794 26.50 47.19 29.52
C ASP B 794 26.39 48.21 30.65
N TYR B 795 26.84 47.85 31.85
CA TYR B 795 26.63 48.68 33.03
C TYR B 795 27.89 48.68 33.89
N VAL B 796 28.14 49.80 34.57
CA VAL B 796 29.22 49.90 35.55
C VAL B 796 28.70 50.68 36.75
N TYR B 797 28.84 50.08 37.94
CA TYR B 797 28.15 50.52 39.14
C TYR B 797 29.12 50.56 40.31
N LYS B 798 28.96 51.52 41.20
CA LYS B 798 29.45 51.42 42.56
C LYS B 798 28.25 51.16 43.47
N THR B 799 28.35 50.12 44.30
CA THR B 799 27.19 49.64 45.03
C THR B 799 27.52 49.45 46.50
N ARG B 800 26.45 49.26 47.28
CA ARG B 800 26.55 48.89 48.70
C ARG B 800 25.66 47.67 48.93
N LEU B 801 26.20 46.66 49.60
CA LEU B 801 25.48 45.41 49.80
C LEU B 801 24.52 45.57 50.97
N VAL B 802 23.23 45.70 50.65
CA VAL B 802 22.23 45.94 51.68
C VAL B 802 21.77 44.66 52.35
N LYS B 803 21.69 43.55 51.61
CA LYS B 803 20.97 42.38 52.08
C LYS B 803 21.45 41.14 51.36
N VAL B 804 21.83 40.12 52.13
CA VAL B 804 22.29 38.84 51.60
C VAL B 804 21.24 37.78 51.90
N GLN B 805 21.04 36.87 50.94
CA GLN B 805 20.02 35.81 51.04
C GLN B 805 20.63 34.51 50.51
N LEU B 806 21.03 33.63 51.42
CA LEU B 806 21.58 32.33 51.05
C LEU B 806 20.45 31.30 50.99
N SER B 807 20.32 30.60 49.84
CA SER B 807 19.45 29.44 49.73
C SER B 807 20.21 28.34 48.99
N ASN B 808 19.63 27.14 48.97
CA ASN B 808 20.28 26.05 48.27
C ASN B 808 20.13 26.10 46.75
N ASP B 809 19.46 27.11 46.21
CA ASP B 809 19.33 27.27 44.77
C ASP B 809 20.19 28.43 44.28
N PHE B 810 19.80 29.66 44.62
CA PHE B 810 20.49 30.86 44.20
C PHE B 810 20.64 31.76 45.41
N ASP B 811 21.80 32.38 45.53
CA ASP B 811 22.01 33.40 46.55
C ASP B 811 21.61 34.75 45.97
N GLU B 812 20.93 35.55 46.79
CA GLU B 812 20.44 36.85 46.36
C GLU B 812 21.19 37.94 47.13
N TYR B 813 21.61 38.96 46.41
CA TYR B 813 22.34 40.09 46.97
C TYR B 813 21.60 41.35 46.54
N ILE B 814 20.75 41.88 47.42
CA ILE B 814 19.99 43.08 47.09
C ILE B 814 20.91 44.26 47.30
N MET B 815 21.25 44.94 46.21
CA MET B 815 22.42 45.80 46.19
C MET B 815 21.97 47.21 45.88
N ALA B 816 22.49 48.19 46.62
CA ALA B 816 22.09 49.58 46.46
C ALA B 816 23.03 50.30 45.51
N ILE B 817 22.46 51.02 44.54
CA ILE B 817 23.25 51.69 43.51
C ILE B 817 23.59 53.08 44.02
N GLU B 818 24.83 53.26 44.46
CA GLU B 818 25.29 54.57 44.92
C GLU B 818 25.89 55.41 43.81
N GLN B 819 26.36 54.80 42.73
CA GLN B 819 26.92 55.55 41.62
C GLN B 819 26.62 54.83 40.31
N THR B 820 26.03 55.56 39.37
CA THR B 820 25.87 55.10 37.99
C THR B 820 27.07 55.59 37.21
N ILE B 821 28.08 54.72 37.09
CA ILE B 821 29.29 55.09 36.38
C ILE B 821 29.09 54.92 34.87
N LYS B 822 28.41 53.84 34.45
CA LYS B 822 28.11 53.60 33.05
C LYS B 822 26.71 53.01 32.95
N SER B 823 25.81 53.73 32.27
CA SER B 823 24.44 53.28 32.11
C SER B 823 24.32 52.35 30.91
N GLY B 824 23.27 51.53 30.94
CA GLY B 824 22.99 50.63 29.85
C GLY B 824 21.51 50.47 29.59
N SER B 825 21.06 49.22 29.58
CA SER B 825 19.65 48.92 29.30
C SER B 825 18.77 49.36 30.46
N ASP B 826 19.21 49.08 31.68
CA ASP B 826 18.43 49.32 32.89
C ASP B 826 18.68 50.77 33.34
N GLU B 827 17.65 51.60 33.26
CA GLU B 827 17.77 53.01 33.63
C GLU B 827 17.53 53.17 35.13
N VAL B 828 18.47 52.62 35.90
CA VAL B 828 18.41 52.67 37.36
C VAL B 828 18.92 54.02 37.84
N GLN B 829 18.27 54.56 38.87
CA GLN B 829 18.66 55.82 39.49
C GLN B 829 19.45 55.55 40.76
N VAL B 830 20.27 56.53 41.13
CA VAL B 830 21.07 56.43 42.35
C VAL B 830 20.14 56.34 43.55
N GLY B 831 20.48 55.47 44.49
CA GLY B 831 19.67 55.23 45.67
C GLY B 831 18.73 54.05 45.56
N GLN B 832 18.28 53.73 44.35
CA GLN B 832 17.44 52.57 44.13
C GLN B 832 18.26 51.29 44.33
N GLN B 833 17.56 50.20 44.65
CA GLN B 833 18.18 48.92 44.95
C GLN B 833 17.90 47.93 43.82
N ARG B 834 18.84 47.01 43.61
CA ARG B 834 18.71 45.96 42.61
C ARG B 834 19.22 44.64 43.17
N THR B 835 18.58 43.55 42.75
CA THR B 835 18.88 42.21 43.24
C THR B 835 19.84 41.51 42.30
N PHE B 836 20.96 41.02 42.84
CA PHE B 836 21.96 40.30 42.06
C PHE B 836 21.95 38.83 42.46
N ILE B 837 21.91 37.95 41.46
CA ILE B 837 21.65 36.52 41.63
C ILE B 837 22.93 35.75 41.32
N SER B 838 23.26 34.77 42.18
CA SER B 838 24.40 33.89 41.94
C SER B 838 24.07 32.45 42.31
N PRO B 839 24.33 31.49 41.43
CA PRO B 839 24.01 30.09 41.73
C PRO B 839 24.88 29.54 42.86
N ILE B 840 24.34 28.52 43.53
CA ILE B 840 25.05 27.94 44.68
C ILE B 840 26.37 27.32 44.26
N LYS B 841 26.46 26.79 43.02
CA LYS B 841 27.72 26.24 42.55
C LYS B 841 28.87 27.23 42.65
N CYS B 842 28.59 28.51 42.45
CA CYS B 842 29.60 29.53 42.32
C CYS B 842 30.04 30.12 43.66
N ARG B 843 29.60 29.50 44.77
CA ARG B 843 29.65 30.16 46.07
C ARG B 843 31.07 30.42 46.56
N GLU B 844 32.03 29.54 46.24
CA GLU B 844 33.36 29.72 46.77
C GLU B 844 34.04 30.97 46.22
N ALA B 845 33.79 31.29 44.95
CA ALA B 845 34.51 32.38 44.31
C ALA B 845 33.98 33.77 44.69
N LEU B 846 32.86 33.86 45.39
CA LEU B 846 32.24 35.14 45.72
C LEU B 846 32.40 35.43 47.21
N LYS B 847 33.06 36.56 47.52
CA LYS B 847 33.30 36.99 48.89
C LYS B 847 32.52 38.28 49.11
N LEU B 848 31.22 38.15 49.38
CA LEU B 848 30.35 39.31 49.58
C LEU B 848 29.89 39.38 51.02
N GLU B 849 29.99 40.58 51.60
CA GLU B 849 29.61 40.83 52.97
C GLU B 849 28.72 42.05 53.04
N GLU B 850 27.64 41.93 53.81
CA GLU B 850 26.71 43.04 53.96
C GLU B 850 27.46 44.29 54.39
N LYS B 851 26.99 45.43 53.90
CA LYS B 851 27.21 46.77 54.35
C LYS B 851 28.44 47.31 53.67
N LYS B 852 29.18 46.46 52.96
CA LYS B 852 30.40 46.81 52.24
C LYS B 852 30.07 47.26 50.82
N HIS B 853 31.05 47.86 50.17
CA HIS B 853 30.87 48.49 48.88
C HIS B 853 31.64 47.73 47.81
N TYR B 854 31.18 47.84 46.57
CA TYR B 854 31.74 47.05 45.48
C TYR B 854 31.68 47.83 44.18
N LEU B 855 32.67 47.57 43.32
CA LEU B 855 32.62 47.97 41.93
C LEU B 855 32.11 46.78 41.11
N MET B 856 31.04 46.98 40.36
CA MET B 856 30.44 45.91 39.59
C MET B 856 30.19 46.36 38.17
N TRP B 857 30.55 45.51 37.20
CA TRP B 857 30.11 45.69 35.82
C TRP B 857 29.78 44.32 35.24
N GLY B 858 28.91 44.31 34.25
CA GLY B 858 28.43 43.06 33.69
C GLY B 858 27.85 43.22 32.30
N LEU B 859 27.26 42.13 31.82
CA LEU B 859 26.73 42.04 30.47
C LEU B 859 25.21 42.07 30.49
N SER B 860 24.63 42.61 29.41
CA SER B 860 23.19 42.55 29.23
C SER B 860 22.69 41.12 29.03
N SER B 861 23.57 40.22 28.58
CA SER B 861 23.19 38.82 28.46
C SER B 861 22.97 38.14 29.80
N ASP B 862 23.25 38.82 30.91
CA ASP B 862 23.02 38.29 32.24
C ASP B 862 21.84 38.93 32.95
N PHE B 863 21.01 39.69 32.23
CA PHE B 863 19.76 40.18 32.79
C PHE B 863 18.77 39.01 32.91
N TRP B 864 17.86 39.14 33.87
CA TRP B 864 16.84 38.11 34.11
C TRP B 864 15.54 38.79 34.47
N GLY B 865 14.48 38.48 33.72
CA GLY B 865 13.16 39.03 33.98
C GLY B 865 12.85 40.23 33.10
N GLU B 866 11.73 40.87 33.44
CA GLU B 866 11.26 42.08 32.78
C GLU B 866 11.39 43.27 33.73
N LYS B 867 10.94 44.43 33.24
CA LYS B 867 11.28 45.70 33.89
C LYS B 867 10.81 45.81 35.34
N PRO B 868 9.58 45.44 35.70
CA PRO B 868 9.21 45.53 37.13
C PRO B 868 9.98 44.55 38.01
N ASN B 869 10.41 43.41 37.47
CA ASN B 869 11.16 42.41 38.21
C ASN B 869 12.47 42.08 37.46
N LEU B 870 13.31 43.11 37.29
CA LEU B 870 14.54 42.98 36.51
C LEU B 870 15.72 42.79 37.46
N SER B 871 16.26 41.57 37.50
CA SER B 871 17.39 41.24 38.35
C SER B 871 18.62 40.95 37.50
N TYR B 872 19.78 40.96 38.15
CA TYR B 872 21.07 40.76 37.51
C TYR B 872 21.65 39.42 37.93
N ILE B 873 22.13 38.65 36.96
CA ILE B 873 22.85 37.41 37.25
C ILE B 873 24.33 37.72 37.30
N ILE B 874 24.98 37.35 38.40
CA ILE B 874 26.43 37.44 38.52
C ILE B 874 27.03 36.22 37.83
N GLY B 875 27.78 36.46 36.75
CA GLY B 875 28.30 35.38 35.94
C GLY B 875 29.79 35.48 35.68
N LYS B 876 30.31 34.66 34.76
CA LYS B 876 31.75 34.60 34.54
C LYS B 876 32.29 35.93 34.05
N ASP B 877 31.48 36.70 33.33
CA ASP B 877 31.91 37.99 32.78
C ASP B 877 31.48 39.16 33.66
N THR B 878 31.01 38.90 34.87
CA THR B 878 30.68 39.95 35.82
C THR B 878 31.92 40.29 36.64
N TRP B 879 32.25 41.58 36.69
CA TRP B 879 33.29 42.09 37.56
C TRP B 879 32.67 42.44 38.89
N VAL B 880 33.26 41.92 39.98
CA VAL B 880 32.81 42.24 41.33
C VAL B 880 34.05 42.45 42.17
N GLU B 881 34.27 43.69 42.60
CA GLU B 881 35.50 44.04 43.31
C GLU B 881 35.18 44.83 44.56
N HIS B 882 35.70 44.38 45.69
CA HIS B 882 35.50 45.09 46.95
C HIS B 882 36.05 46.50 46.85
N TRP B 883 35.27 47.46 47.34
CA TRP B 883 35.66 48.87 47.32
C TRP B 883 36.07 49.29 48.72
N PRO B 884 37.36 49.43 49.00
CA PRO B 884 37.78 49.89 50.34
C PRO B 884 37.21 51.26 50.63
N GLU B 885 36.79 51.45 51.89
CA GLU B 885 36.28 52.75 52.30
C GLU B 885 37.40 53.78 52.32
N GLU B 886 37.00 55.06 52.35
CA GLU B 886 37.97 56.14 52.47
C GLU B 886 38.87 55.91 53.67
N ASP B 887 38.26 55.58 54.81
CA ASP B 887 38.96 55.38 56.07
C ASP B 887 39.96 54.22 56.00
N GLU B 888 39.77 53.28 55.08
CA GLU B 888 40.70 52.17 54.91
C GLU B 888 41.84 52.48 53.95
N CYS B 889 41.74 53.56 53.16
CA CYS B 889 42.75 53.81 52.13
C CYS B 889 44.10 54.20 52.72
N GLN B 890 44.15 54.64 53.98
CA GLN B 890 45.43 54.96 54.60
C GLN B 890 46.29 53.72 54.83
N ASP B 891 45.69 52.53 54.88
CA ASP B 891 46.45 51.31 55.05
C ASP B 891 47.30 51.03 53.80
N GLU B 892 48.57 50.68 54.03
CA GLU B 892 49.48 50.40 52.91
C GLU B 892 48.93 49.29 52.03
N GLU B 893 48.28 48.28 52.63
CA GLU B 893 47.75 47.17 51.86
C GLU B 893 46.62 47.57 50.92
N ASN B 894 46.12 48.80 51.02
CA ASN B 894 45.01 49.26 50.20
C ASN B 894 45.38 50.39 49.25
N GLN B 895 46.64 50.86 49.28
CA GLN B 895 47.01 52.03 48.51
C GLN B 895 46.76 51.82 47.01
N LYS B 896 47.21 50.68 46.47
CA LYS B 896 47.10 50.46 45.03
C LYS B 896 45.64 50.42 44.59
N GLN B 897 44.81 49.67 45.33
CA GLN B 897 43.41 49.55 44.96
C GLN B 897 42.68 50.88 45.10
N CYS B 898 42.88 51.58 46.20
CA CYS B 898 42.25 52.89 46.39
C CYS B 898 42.66 53.85 45.29
N GLN B 899 43.94 53.84 44.91
CA GLN B 899 44.40 54.68 43.79
C GLN B 899 43.73 54.26 42.49
N ASP B 900 43.68 52.94 42.22
CA ASP B 900 43.08 52.45 40.99
C ASP B 900 41.59 52.79 40.93
N LEU B 901 40.86 52.50 42.01
CA LEU B 901 39.40 52.65 41.97
C LEU B 901 39.00 54.12 41.90
N GLY B 902 39.73 55.00 42.60
CA GLY B 902 39.43 56.43 42.50
C GLY B 902 39.67 56.97 41.12
N ALA B 903 40.80 56.60 40.50
CA ALA B 903 41.10 57.09 39.15
C ALA B 903 40.18 56.46 38.11
N PHE B 904 39.82 55.19 38.30
CA PHE B 904 38.88 54.53 37.41
C PHE B 904 37.56 55.29 37.36
N THR B 905 37.02 55.63 38.52
CA THR B 905 35.77 56.38 38.58
C THR B 905 35.90 57.73 37.90
N GLU B 906 36.95 58.48 38.23
CA GLU B 906 37.12 59.81 37.66
C GLU B 906 37.26 59.74 36.14
N SER B 907 38.05 58.80 35.64
CA SER B 907 38.21 58.67 34.19
C SER B 907 36.91 58.26 33.52
N MET B 908 36.21 57.28 34.10
CA MET B 908 34.96 56.82 33.51
C MET B 908 33.92 57.91 33.46
N VAL B 909 33.85 58.74 34.52
CA VAL B 909 32.79 59.73 34.62
C VAL B 909 33.14 61.01 33.87
N VAL B 910 34.39 61.45 33.98
CA VAL B 910 34.75 62.76 33.42
C VAL B 910 35.05 62.65 31.93
N PHE B 911 35.82 61.65 31.52
CA PHE B 911 36.25 61.54 30.13
C PHE B 911 35.50 60.48 29.34
N GLY B 912 34.93 59.48 30.01
CA GLY B 912 34.19 58.48 29.27
C GLY B 912 35.11 57.50 28.55
N CYS B 913 34.53 56.84 27.55
CA CYS B 913 35.29 55.81 26.84
C CYS B 913 35.84 56.34 25.53
N PRO B 914 37.02 55.87 25.11
CA PRO B 914 37.58 56.31 23.82
C PRO B 914 36.78 55.75 22.66
N ASN B 915 36.54 56.60 21.68
CA ASN B 915 35.82 56.25 20.43
C ASN B 915 34.40 55.76 20.68
N DTY C 1 5.31 -52.24 -17.22
CA DTY C 1 5.40 -50.88 -16.67
C DTY C 1 4.38 -49.96 -17.32
O DTY C 1 3.27 -50.37 -17.65
CB DTY C 1 5.21 -50.91 -15.16
CG DTY C 1 5.29 -49.56 -14.49
CD1 DTY C 1 4.14 -48.91 -14.06
CD2 DTY C 1 6.51 -48.93 -14.28
CE1 DTY C 1 4.20 -47.67 -13.44
CE2 DTY C 1 6.58 -47.68 -13.67
CZ DTY C 1 5.42 -47.07 -13.25
OH DTY C 1 5.49 -45.83 -12.65
N ILE C 2 4.76 -48.69 -17.48
CA ILE C 2 3.90 -47.68 -18.08
C ILE C 2 3.53 -48.06 -19.51
N CYS C 3 2.25 -48.03 -19.84
CA CYS C 3 1.79 -48.54 -21.12
C CYS C 3 0.42 -47.95 -21.46
N VAL C 4 -0.06 -48.29 -22.65
CA VAL C 4 -1.38 -47.88 -23.13
C VAL C 4 -2.17 -49.11 -23.55
C01 EXL C 5 -3.92 -50.49 -17.76
C03 EXL C 5 -4.70 -50.20 -20.13
C04 EXL C 5 -4.98 -50.97 -21.18
C05 EXL C 5 -5.46 -50.54 -22.57
CA EXL C 5 -4.29 -50.32 -23.55
C EXL C 5 -4.85 -50.07 -24.97
C11 EXL C 5 -4.78 -52.28 -20.79
C12 EXL C 5 -4.92 -53.49 -21.45
C13 EXL C 5 -4.63 -54.68 -20.79
C14 EXL C 5 -4.21 -54.65 -19.46
C15 EXL C 5 -4.08 -53.43 -18.80
C16 EXL C 5 -4.36 -52.25 -19.47
N02 EXL C 5 -4.32 -50.97 -19.10
N EXL C 5 -3.42 -49.22 -23.10
O EXL C 5 -5.84 -49.33 -25.11
N GLN C 6 -4.21 -50.68 -25.97
CA GLN C 6 -4.70 -50.69 -27.34
C GLN C 6 -3.97 -51.80 -28.09
N ASP C 7 -4.36 -52.08 -29.34
CA ASP C 7 -3.86 -53.30 -29.96
C ASP C 7 -2.54 -53.07 -30.67
N TRP C 8 -2.10 -51.83 -30.77
CA TRP C 8 -1.00 -51.42 -31.62
C TRP C 8 0.01 -50.61 -30.81
N SAR C 9 1.24 -50.48 -31.30
CA SAR C 9 2.21 -49.59 -30.69
C SAR C 9 3.31 -50.23 -29.80
O SAR C 9 3.09 -51.34 -29.25
CN SAR C 9 1.82 -51.30 -32.34
N ALA C 10 4.44 -49.56 -29.65
CA ALA C 10 5.57 -50.14 -28.93
C ALA C 10 5.37 -50.13 -27.42
N HIS C 11 4.40 -49.34 -26.96
CA HIS C 11 4.16 -49.14 -25.53
C HIS C 11 2.80 -49.66 -25.10
N ARG C 12 2.24 -50.61 -25.83
CA ARG C 12 0.93 -51.15 -25.48
C ARG C 12 1.05 -52.12 -24.29
N CYS C 13 0.00 -52.15 -23.47
CA CYS C 13 -0.02 -53.00 -22.28
C CYS C 13 -0.19 -54.47 -22.68
N IML C 14 0.54 -55.36 -22.03
CA IML C 14 0.36 -56.79 -22.34
C IML C 14 -0.34 -57.65 -21.27
O IML C 14 -0.66 -58.82 -21.48
CB IML C 14 1.69 -57.55 -22.70
CN IML C 14 1.48 -54.97 -21.00
CG2 IML C 14 2.59 -56.79 -23.66
CG1 IML C 14 2.45 -58.12 -21.49
CD1 IML C 14 2.63 -59.60 -21.57
C1 NAG D . 3.99 -16.38 -35.55
C2 NAG D . 4.80 -17.01 -34.42
C3 NAG D . 6.18 -16.38 -34.34
C4 NAG D . 6.88 -16.47 -35.69
C5 NAG D . 6.00 -15.88 -36.79
C6 NAG D . 6.58 -16.07 -38.16
C7 NAG D . 3.60 -17.94 -32.49
C8 NAG D . 2.91 -17.64 -31.20
N2 NAG D . 4.10 -16.89 -33.15
O3 NAG D . 6.94 -17.03 -33.33
O4 NAG D . 8.10 -15.73 -35.65
O5 NAG D . 4.70 -16.53 -36.79
O6 NAG D . 5.70 -16.82 -39.00
O7 NAG D . 3.71 -19.09 -32.92
C1 NAG D . 9.23 -16.59 -35.44
C2 NAG D . 10.49 -15.79 -35.73
C3 NAG D . 11.73 -16.62 -35.42
C4 NAG D . 11.67 -17.19 -34.01
C5 NAG D . 10.36 -17.93 -33.79
C6 NAG D . 10.16 -18.39 -32.36
C7 NAG D . 10.13 -14.12 -37.49
C8 NAG D . 10.21 -13.82 -38.95
N2 NAG D . 10.53 -15.34 -37.10
O3 NAG D . 12.89 -15.81 -35.56
O5 NAG D . 9.25 -17.06 -34.10
O6 NAG D . 10.67 -19.70 -32.18
O7 NAG D . 9.71 -13.29 -36.67
CA CA E . 8.79 -20.80 -11.77
C1 PEG F . 4.36 -34.88 29.02
O1 PEG F . 5.55 -34.17 28.88
C2 PEG F . 3.18 -34.02 28.60
O2 PEG F . 2.24 -34.01 29.63
C3 PEG F . 0.94 -33.78 29.17
C4 PEG F . 0.08 -33.33 30.35
O4 PEG F . -1.16 -33.97 30.27
C1 PEG G . 0.12 -24.18 -10.35
O1 PEG G . 0.44 -25.54 -10.44
C2 PEG G . -0.36 -23.69 -11.71
O2 PEG G . -1.18 -24.67 -12.29
C3 PEG G . -2.50 -24.26 -12.48
C4 PEG G . -3.35 -24.59 -11.26
O4 PEG G . -4.37 -23.65 -11.16
C1 ACM H . -48.47 -17.10 -46.61
O ACM H . -48.09 -17.73 -45.64
N ACM H . -47.58 -16.87 -47.69
C2 ACM H . -49.88 -16.55 -46.67
C1 PEG I . 36.19 40.97 46.47
O1 PEG I . 37.10 41.78 45.77
C2 PEG I . 35.00 40.65 45.58
O2 PEG I . 34.33 39.51 46.06
C3 PEG I . 34.44 38.41 45.21
C4 PEG I . 35.60 37.54 45.66
O4 PEG I . 36.26 36.99 44.55
C1 PEG J . 28.87 28.80 31.11
O1 PEG J . 28.19 29.90 30.55
C2 PEG J . 30.28 29.22 31.46
O2 PEG J . 30.87 28.32 32.33
C3 PEG J . 31.34 28.96 33.48
C4 PEG J . 31.87 27.92 34.45
O4 PEG J . 31.20 28.04 35.68
C1 PEG K . -55.23 -0.57 -39.11
O1 PEG K . -55.20 -1.04 -40.43
C2 PEG K . -55.72 0.88 -39.09
O2 PEG K . -57.10 0.93 -39.33
C3 PEG K . -57.84 0.01 -38.58
C4 PEG K . -58.29 0.65 -37.27
O4 PEG K . -59.18 -0.21 -36.61
N NH2 L . -0.57 -57.05 -20.12
#